data_3MZL
#
_entry.id   3MZL
#
_cell.length_a   156.220
_cell.length_b   46.620
_cell.length_c   192.000
_cell.angle_alpha   90.00
_cell.angle_beta   93.48
_cell.angle_gamma   90.00
#
_symmetry.space_group_name_H-M   'P 1 21 1'
#
loop_
_entity.id
_entity.type
_entity.pdbx_description
1 polymer 'Protein transport protein SEC13'
2 polymer 'Protein transport protein SEC31'
#
loop_
_entity_poly.entity_id
_entity_poly.type
_entity_poly.pdbx_seq_one_letter_code
_entity_poly.pdbx_strand_id
1 'polypeptide(L)'
;MVVIANAHNELIHDAVLDYYGKRLATCSSDKTIKIFEVEGETHKLIDTLTGHEGPVWRVDWAHPKFGTILASCSYDGKVL
IWKEENGRWSQIAVHAVHSASVNSVQWAPHEYGPLLLVASSDGKVSVVEFKENGTTSPIIIDAHAIGVNSASWAPATIEE
DGEHNGTKESRKFVTGGADNLVKIWKYNSDAQTYVLESTLEGHSDWVRDVAWSPTVLLRSYLASVSQDRTCIIWTQDNEQ
GPWKKTLLKEEKFPDVLWRASWSLSGNVLALSGGDNKVTLWKENLEGKWEPAGEVHQ
;
A,C,E,G
2 'polypeptide(L)'
;GPHLQAPTWYGEPSPAAHWAFGGKLVQITPDGKGVSITNPKISGLESNTTLSEALKTKDFKPLINQRLVKVIDDVNEEDW
NLLEKLSMDGTEEFLKEALAFDNDESGNIEQTISKNLVSGNIKSAVKNSLENDLLMEAMVIALDSNNERLKESVKNAYFA
KYGSKSSLSRILYSISKREVDDLVENLDVSQWKFISKAIQNLYPNDIAQRNEMLIKLGDRLKENGHRQDSLTLYLAAGSL
DKVASIWLSEFPDLEDKLKKDNKTIYEAHSECLTEFIERFTVFSNFINGSSTINNEQLIAKFLEFINLTTSTGNFELATE
FLNSLPSDNEEVKTEKARVLIASGK
;
B,D,F,H
#
# COMPACT_ATOMS: atom_id res chain seq x y z
N VAL A 2 -16.94 -4.54 68.21
CA VAL A 2 -17.90 -3.88 67.27
C VAL A 2 -19.31 -4.41 67.51
N VAL A 3 -20.08 -3.72 68.35
CA VAL A 3 -21.39 -4.20 68.81
C VAL A 3 -22.52 -3.25 68.45
N ILE A 4 -23.45 -3.75 67.63
CA ILE A 4 -24.62 -3.00 67.20
C ILE A 4 -25.80 -3.42 68.08
N ALA A 5 -25.95 -2.75 69.22
CA ALA A 5 -27.00 -3.10 70.18
C ALA A 5 -28.38 -2.63 69.74
N ASN A 6 -29.40 -3.42 70.10
CA ASN A 6 -30.81 -3.13 69.81
C ASN A 6 -31.11 -2.72 68.35
N ALA A 7 -30.67 -3.56 67.42
CA ALA A 7 -30.95 -3.38 66.00
C ALA A 7 -32.41 -3.72 65.68
N HIS A 8 -32.92 -4.76 66.34
CA HIS A 8 -34.34 -5.11 66.27
C HIS A 8 -34.97 -5.04 67.65
N ASN A 9 -36.29 -4.84 67.68
CA ASN A 9 -37.04 -4.81 68.92
C ASN A 9 -37.59 -6.19 69.32
N GLU A 10 -37.42 -7.16 68.42
CA GLU A 10 -37.77 -8.56 68.69
C GLU A 10 -36.49 -9.40 68.67
N LEU A 11 -36.61 -10.68 69.02
CA LEU A 11 -35.49 -11.62 68.94
C LEU A 11 -35.00 -11.76 67.49
N ILE A 12 -33.68 -11.69 67.33
CA ILE A 12 -33.02 -11.82 66.02
C ILE A 12 -32.63 -13.29 65.77
N HIS A 13 -32.76 -13.73 64.52
CA HIS A 13 -32.54 -15.13 64.16
C HIS A 13 -31.28 -15.41 63.34
N ASP A 14 -30.83 -14.43 62.57
CA ASP A 14 -29.63 -14.58 61.72
C ASP A 14 -28.94 -13.25 61.48
N ALA A 15 -27.62 -13.26 61.53
CA ALA A 15 -26.80 -12.08 61.29
C ALA A 15 -25.63 -12.47 60.39
N VAL A 16 -25.65 -11.99 59.15
CA VAL A 16 -24.64 -12.37 58.16
C VAL A 16 -24.00 -11.17 57.49
N LEU A 17 -22.66 -11.17 57.43
CA LEU A 17 -21.89 -10.17 56.70
C LEU A 17 -21.71 -10.58 55.24
N ASP A 18 -21.57 -9.59 54.38
CA ASP A 18 -21.41 -9.82 52.94
C ASP A 18 -20.03 -10.36 52.53
N TYR A 19 -19.88 -10.59 51.24
CA TYR A 19 -18.66 -11.13 50.62
C TYR A 19 -17.37 -10.40 51.03
N TYR A 20 -17.51 -9.13 51.40
CA TYR A 20 -16.38 -8.28 51.81
C TYR A 20 -16.21 -8.24 53.33
N GLY A 21 -17.23 -8.71 54.06
CA GLY A 21 -17.24 -8.67 55.51
C GLY A 21 -17.57 -7.30 56.07
N LYS A 22 -18.20 -6.46 55.26
CA LYS A 22 -18.40 -5.04 55.56
C LYS A 22 -19.88 -4.65 55.72
N ARG A 23 -20.75 -5.28 54.94
CA ARG A 23 -22.19 -5.00 55.01
C ARG A 23 -22.89 -6.10 55.80
N LEU A 24 -23.85 -5.70 56.65
CA LEU A 24 -24.50 -6.64 57.58
C LEU A 24 -26.02 -6.73 57.40
N ALA A 25 -26.50 -7.93 57.10
CA ALA A 25 -27.93 -8.19 56.99
C ALA A 25 -28.45 -8.97 58.19
N THR A 26 -29.43 -8.39 58.89
CA THR A 26 -30.00 -8.99 60.09
C THR A 26 -31.50 -9.17 59.93
N CYS A 27 -32.03 -10.27 60.47
CA CYS A 27 -33.45 -10.59 60.33
C CYS A 27 -34.06 -11.11 61.63
N SER A 28 -35.36 -10.88 61.83
CA SER A 28 -35.98 -11.19 63.13
C SER A 28 -37.47 -11.54 63.09
N SER A 29 -38.03 -11.73 64.29
CA SER A 29 -39.45 -12.01 64.48
C SER A 29 -40.35 -10.83 64.13
N ASP A 30 -39.75 -9.67 63.88
CA ASP A 30 -40.52 -8.49 63.49
C ASP A 30 -40.82 -8.50 61.99
N LYS A 31 -40.63 -9.65 61.37
CA LYS A 31 -40.96 -9.90 59.97
C LYS A 31 -40.11 -9.09 58.98
N THR A 32 -39.06 -8.45 59.47
CA THR A 32 -38.25 -7.54 58.65
C THR A 32 -36.76 -7.89 58.59
N ILE A 33 -36.12 -7.44 57.53
CA ILE A 33 -34.67 -7.47 57.39
C ILE A 33 -34.13 -6.06 57.59
N LYS A 34 -32.98 -5.94 58.24
CA LYS A 34 -32.28 -4.65 58.33
C LYS A 34 -30.85 -4.75 57.81
N ILE A 35 -30.45 -3.75 57.04
CA ILE A 35 -29.12 -3.70 56.42
C ILE A 35 -28.29 -2.59 57.04
N PHE A 36 -27.06 -2.93 57.46
CA PHE A 36 -26.18 -1.96 58.11
C PHE A 36 -24.85 -1.81 57.36
N GLU A 37 -24.34 -0.59 57.33
CA GLU A 37 -22.96 -0.32 56.89
C GLU A 37 -22.08 -0.41 58.13
N VAL A 38 -20.95 -1.12 58.02
CA VAL A 38 -20.03 -1.27 59.13
C VAL A 38 -18.63 -0.77 58.77
N GLU A 39 -18.08 0.09 59.61
CA GLU A 39 -16.71 0.59 59.45
C GLU A 39 -15.82 0.23 60.64
N GLY A 40 -15.49 1.22 61.47
CA GLY A 40 -14.67 0.99 62.65
C GLY A 40 -15.49 0.36 63.77
N GLU A 41 -15.88 1.19 64.73
CA GLU A 41 -16.81 0.78 65.77
C GLU A 41 -18.14 1.51 65.58
N THR A 42 -18.46 1.80 64.31
CA THR A 42 -19.67 2.54 63.95
C THR A 42 -20.54 1.78 62.96
N HIS A 43 -21.85 1.99 63.06
CA HIS A 43 -22.81 1.38 62.16
C HIS A 43 -23.83 2.41 61.65
N LYS A 44 -24.51 2.06 60.56
CA LYS A 44 -25.52 2.93 59.95
C LYS A 44 -26.65 2.07 59.35
N LEU A 45 -27.87 2.31 59.82
CA LEU A 45 -29.05 1.63 59.28
C LEU A 45 -29.36 2.16 57.88
N ILE A 46 -29.15 1.30 56.88
CA ILE A 46 -29.38 1.67 55.47
C ILE A 46 -30.86 1.59 55.14
N ASP A 47 -31.51 0.48 55.47
CA ASP A 47 -32.92 0.28 55.21
C ASP A 47 -33.50 -0.87 56.01
N THR A 48 -34.82 -0.82 56.21
CA THR A 48 -35.60 -1.92 56.78
C THR A 48 -36.46 -2.50 55.66
N LEU A 49 -36.19 -3.75 55.30
CA LEU A 49 -36.91 -4.43 54.22
C LEU A 49 -38.14 -5.13 54.74
N THR A 50 -39.29 -4.86 54.13
CA THR A 50 -40.57 -5.39 54.57
C THR A 50 -41.20 -6.25 53.46
N GLY A 51 -42.06 -7.17 53.84
CA GLY A 51 -42.75 -8.04 52.88
C GLY A 51 -43.12 -9.41 53.43
N HIS A 52 -42.26 -9.94 54.30
CA HIS A 52 -42.51 -11.21 54.97
C HIS A 52 -43.72 -11.14 55.90
N GLU A 53 -44.58 -12.16 55.79
CA GLU A 53 -45.81 -12.24 56.58
C GLU A 53 -45.61 -13.09 57.85
N GLY A 54 -44.35 -13.22 58.27
CA GLY A 54 -43.99 -14.01 59.44
C GLY A 54 -42.50 -13.94 59.77
N PRO A 55 -42.10 -14.59 60.88
CA PRO A 55 -40.71 -14.56 61.37
C PRO A 55 -39.70 -14.92 60.29
N VAL A 56 -38.72 -14.04 60.08
CA VAL A 56 -37.63 -14.29 59.13
C VAL A 56 -36.54 -15.14 59.77
N TRP A 57 -36.22 -16.26 59.14
CA TRP A 57 -35.31 -17.25 59.74
C TRP A 57 -33.84 -17.09 59.36
N ARG A 58 -33.58 -16.87 58.06
CA ARG A 58 -32.22 -16.75 57.56
C ARG A 58 -32.12 -15.77 56.39
N VAL A 59 -30.89 -15.29 56.15
CA VAL A 59 -30.55 -14.53 54.95
C VAL A 59 -29.24 -15.07 54.38
N ASP A 60 -28.99 -14.78 53.11
CA ASP A 60 -27.69 -15.08 52.48
C ASP A 60 -27.34 -14.04 51.43
N TRP A 61 -26.10 -13.58 51.47
CA TRP A 61 -25.60 -12.64 50.48
C TRP A 61 -25.17 -13.37 49.23
N ALA A 62 -25.48 -12.77 48.08
CA ALA A 62 -24.98 -13.27 46.80
C ALA A 62 -23.58 -12.74 46.56
N HIS A 63 -22.94 -13.26 45.53
CA HIS A 63 -21.66 -12.74 45.06
C HIS A 63 -21.87 -11.35 44.42
N PRO A 64 -20.88 -10.45 44.59
CA PRO A 64 -20.91 -9.09 44.02
C PRO A 64 -21.07 -9.00 42.50
N LYS A 65 -20.69 -10.06 41.78
CA LYS A 65 -20.72 -10.04 40.31
C LYS A 65 -22.13 -10.04 39.71
N PHE A 66 -23.10 -10.52 40.48
CA PHE A 66 -24.50 -10.49 40.06
C PHE A 66 -25.16 -9.18 40.48
N GLY A 67 -24.56 -8.52 41.47
CA GLY A 67 -25.06 -7.25 42.00
C GLY A 67 -24.91 -7.19 43.51
N THR A 68 -25.82 -6.46 44.16
CA THR A 68 -25.90 -6.43 45.61
C THR A 68 -27.24 -7.07 46.02
N ILE A 69 -27.31 -8.38 45.84
CA ILE A 69 -28.53 -9.16 46.06
C ILE A 69 -28.51 -9.93 47.37
N LEU A 70 -29.65 -9.95 48.05
CA LEU A 70 -29.85 -10.76 49.25
C LEU A 70 -31.07 -11.65 49.08
N ALA A 71 -30.99 -12.86 49.61
CA ALA A 71 -32.13 -13.77 49.68
C ALA A 71 -32.50 -14.08 51.12
N SER A 72 -33.78 -13.91 51.46
CA SER A 72 -34.28 -14.20 52.80
C SER A 72 -35.36 -15.28 52.77
N CYS A 73 -35.59 -15.92 53.91
CA CYS A 73 -36.61 -16.96 54.02
C CYS A 73 -37.41 -16.85 55.32
N SER A 74 -38.68 -17.24 55.27
CA SER A 74 -39.56 -17.08 56.41
C SER A 74 -40.46 -18.28 56.73
N TYR A 75 -41.07 -18.19 57.92
CA TYR A 75 -42.11 -19.11 58.35
C TYR A 75 -43.33 -19.01 57.42
N ASP A 76 -43.50 -17.85 56.78
CA ASP A 76 -44.60 -17.64 55.83
C ASP A 76 -44.53 -18.57 54.61
N GLY A 77 -43.35 -19.14 54.39
CA GLY A 77 -43.12 -20.14 53.35
C GLY A 77 -42.62 -19.57 52.04
N LYS A 78 -42.34 -18.27 52.04
CA LYS A 78 -41.88 -17.57 50.83
C LYS A 78 -40.41 -17.20 50.91
N VAL A 79 -39.77 -17.18 49.75
CA VAL A 79 -38.41 -16.72 49.65
C VAL A 79 -38.42 -15.46 48.81
N LEU A 80 -38.05 -14.34 49.44
CA LEU A 80 -38.02 -13.05 48.77
C LEU A 80 -36.59 -12.71 48.41
N ILE A 81 -36.39 -12.14 47.23
CA ILE A 81 -35.07 -11.69 46.79
C ILE A 81 -35.01 -10.15 46.73
N TRP A 82 -33.91 -9.59 47.23
CA TRP A 82 -33.75 -8.14 47.37
C TRP A 82 -32.51 -7.62 46.65
N LYS A 83 -32.55 -6.37 46.21
CA LYS A 83 -31.41 -5.74 45.52
C LYS A 83 -31.25 -4.26 45.87
N GLU A 84 -29.99 -3.85 45.99
CA GLU A 84 -29.62 -2.44 46.07
C GLU A 84 -29.20 -1.95 44.68
N GLU A 85 -30.06 -1.14 44.07
CA GLU A 85 -29.78 -0.55 42.77
C GLU A 85 -30.23 0.91 42.79
N ASN A 86 -29.34 1.82 42.38
CA ASN A 86 -29.59 3.26 42.40
C ASN A 86 -29.77 3.82 43.82
N GLY A 87 -29.16 3.15 44.79
CA GLY A 87 -29.21 3.56 46.19
C GLY A 87 -30.46 3.14 46.94
N ARG A 88 -31.37 2.46 46.25
CA ARG A 88 -32.63 2.01 46.87
C ARG A 88 -32.77 0.49 46.88
N TRP A 89 -33.33 0.00 47.99
CA TRP A 89 -33.58 -1.43 48.19
C TRP A 89 -35.02 -1.78 47.87
N SER A 90 -35.22 -2.81 47.05
CA SER A 90 -36.56 -3.27 46.70
C SER A 90 -36.60 -4.78 46.44
N GLN A 91 -37.78 -5.37 46.66
CA GLN A 91 -38.02 -6.77 46.35
C GLN A 91 -38.14 -6.95 44.85
N ILE A 92 -37.27 -7.77 44.27
CA ILE A 92 -37.31 -8.02 42.82
C ILE A 92 -37.97 -9.34 42.43
N ALA A 93 -37.73 -10.40 43.20
CA ALA A 93 -38.30 -11.73 42.89
C ALA A 93 -38.92 -12.39 44.12
N VAL A 94 -39.83 -13.34 43.87
CA VAL A 94 -40.56 -14.02 44.94
C VAL A 94 -40.79 -15.51 44.62
N HIS A 95 -40.27 -16.37 45.49
CA HIS A 95 -40.22 -17.81 45.30
C HIS A 95 -41.13 -18.49 46.34
N ALA A 96 -42.39 -18.72 45.95
CA ALA A 96 -43.41 -19.28 46.84
C ALA A 96 -43.88 -20.65 46.34
N VAL A 97 -43.07 -21.67 46.63
CA VAL A 97 -43.31 -23.03 46.10
C VAL A 97 -43.43 -24.07 47.20
N HIS A 98 -43.08 -23.68 48.42
CA HIS A 98 -43.15 -24.56 49.59
C HIS A 98 -44.38 -24.26 50.42
N SER A 99 -45.08 -25.30 50.86
CA SER A 99 -46.33 -25.12 51.60
C SER A 99 -46.12 -25.09 53.10
N ALA A 100 -44.87 -24.87 53.50
CA ALA A 100 -44.52 -24.76 54.92
C ALA A 100 -43.30 -23.85 55.10
N SER A 101 -43.00 -23.54 56.36
CA SER A 101 -41.86 -22.71 56.74
C SER A 101 -40.61 -23.03 55.93
N VAL A 102 -40.00 -22.01 55.36
CA VAL A 102 -38.70 -22.16 54.70
C VAL A 102 -37.61 -21.86 55.73
N ASN A 103 -36.70 -22.81 55.94
CA ASN A 103 -35.75 -22.74 57.06
C ASN A 103 -34.29 -22.43 56.70
N SER A 104 -33.95 -22.57 55.42
CA SER A 104 -32.57 -22.35 54.99
C SER A 104 -32.53 -21.77 53.58
N VAL A 105 -31.60 -20.85 53.38
CA VAL A 105 -31.43 -20.20 52.07
C VAL A 105 -29.95 -19.89 51.83
N GLN A 106 -29.45 -20.23 50.64
CA GLN A 106 -28.03 -20.12 50.36
C GLN A 106 -27.66 -20.11 48.87
N TRP A 107 -27.04 -19.00 48.46
CA TRP A 107 -26.51 -18.84 47.10
C TRP A 107 -25.39 -19.82 46.87
N ALA A 108 -25.45 -20.52 45.74
CA ALA A 108 -24.41 -21.45 45.30
C ALA A 108 -23.11 -20.73 45.01
N PRO A 109 -22.00 -21.48 44.84
CA PRO A 109 -20.78 -20.86 44.31
C PRO A 109 -21.05 -20.09 43.03
N HIS A 110 -20.41 -18.93 42.88
CA HIS A 110 -20.65 -18.04 41.73
C HIS A 110 -20.36 -18.71 40.39
N GLU A 111 -19.63 -19.82 40.45
CA GLU A 111 -19.29 -20.61 39.29
C GLU A 111 -20.54 -21.23 38.66
N TYR A 112 -21.55 -21.48 39.49
CA TYR A 112 -22.79 -22.12 39.05
C TYR A 112 -23.83 -21.09 38.60
N GLY A 113 -23.61 -19.82 38.96
CA GLY A 113 -24.54 -18.74 38.60
C GLY A 113 -25.37 -18.27 39.78
N PRO A 114 -26.50 -17.58 39.49
CA PRO A 114 -27.40 -17.08 40.53
C PRO A 114 -28.39 -18.13 41.04
N LEU A 115 -27.87 -19.29 41.46
CA LEU A 115 -28.67 -20.38 42.01
C LEU A 115 -28.94 -20.21 43.50
N LEU A 116 -30.13 -20.63 43.92
CA LEU A 116 -30.51 -20.58 45.32
C LEU A 116 -30.91 -21.96 45.87
N LEU A 117 -30.21 -22.41 46.90
CA LEU A 117 -30.54 -23.64 47.60
C LEU A 117 -31.54 -23.37 48.71
N VAL A 118 -32.72 -23.99 48.62
CA VAL A 118 -33.84 -23.67 49.52
C VAL A 118 -34.35 -24.92 50.26
N ALA A 119 -34.40 -24.82 51.60
CA ALA A 119 -34.85 -25.90 52.49
C ALA A 119 -36.16 -25.57 53.21
N SER A 120 -37.13 -26.48 53.18
CA SER A 120 -38.44 -26.25 53.82
C SER A 120 -38.96 -27.37 54.75
N SER A 121 -39.90 -26.99 55.61
CA SER A 121 -40.55 -27.90 56.56
C SER A 121 -41.59 -28.81 55.90
N ASP A 122 -41.72 -28.70 54.58
CA ASP A 122 -42.63 -29.55 53.83
C ASP A 122 -41.90 -30.73 53.16
N GLY A 123 -40.68 -30.99 53.64
CA GLY A 123 -39.85 -32.08 53.13
C GLY A 123 -39.21 -31.85 51.76
N LYS A 124 -39.46 -30.69 51.17
CA LYS A 124 -38.87 -30.39 49.87
C LYS A 124 -37.61 -29.55 49.98
N VAL A 125 -36.67 -29.80 49.06
CA VAL A 125 -35.57 -28.89 48.81
C VAL A 125 -35.69 -28.42 47.36
N SER A 126 -35.69 -27.10 47.18
CA SER A 126 -35.77 -26.53 45.84
C SER A 126 -34.49 -25.79 45.48
N VAL A 127 -34.12 -25.91 44.21
CA VAL A 127 -33.01 -25.16 43.64
C VAL A 127 -33.60 -24.18 42.63
N VAL A 128 -33.19 -22.90 42.72
CA VAL A 128 -33.71 -21.86 41.84
C VAL A 128 -32.62 -21.04 41.19
N GLU A 129 -32.51 -21.15 39.87
CA GLU A 129 -31.73 -20.19 39.11
C GLU A 129 -32.62 -19.02 38.76
N PHE A 130 -32.19 -17.82 39.15
CA PHE A 130 -32.94 -16.62 38.80
C PHE A 130 -32.46 -16.10 37.45
N LYS A 131 -33.19 -16.51 36.41
CA LYS A 131 -32.85 -16.19 35.03
C LYS A 131 -32.93 -14.69 34.80
N GLU A 132 -32.11 -14.22 33.87
CA GLU A 132 -32.01 -12.81 33.53
C GLU A 132 -33.18 -12.32 32.66
N ASN A 133 -33.98 -13.25 32.16
CA ASN A 133 -35.18 -12.94 31.38
C ASN A 133 -36.40 -12.58 32.24
N GLY A 134 -36.36 -13.00 33.52
CA GLY A 134 -37.43 -12.68 34.46
C GLY A 134 -38.10 -13.89 35.10
N THR A 135 -38.41 -14.89 34.27
CA THR A 135 -39.07 -16.12 34.74
C THR A 135 -38.04 -17.08 35.35
N THR A 136 -38.54 -18.12 36.03
CA THR A 136 -37.68 -19.17 36.60
C THR A 136 -38.21 -20.57 36.26
N SER A 137 -37.37 -21.58 36.48
CA SER A 137 -37.78 -22.98 36.36
C SER A 137 -37.17 -23.84 37.47
N PRO A 138 -37.71 -23.72 38.71
CA PRO A 138 -37.14 -24.37 39.89
C PRO A 138 -37.16 -25.90 39.85
N ILE A 139 -36.06 -26.50 40.30
CA ILE A 139 -35.99 -27.94 40.60
C ILE A 139 -36.54 -28.15 42.01
N ILE A 140 -37.35 -29.19 42.20
CA ILE A 140 -37.93 -29.51 43.50
C ILE A 140 -37.83 -31.01 43.75
N ILE A 141 -37.35 -31.39 44.92
CA ILE A 141 -37.18 -32.80 45.28
C ILE A 141 -37.69 -33.12 46.68
N ASP A 142 -38.20 -34.32 46.86
CA ASP A 142 -38.48 -34.85 48.19
C ASP A 142 -37.15 -35.23 48.81
N ALA A 143 -36.86 -34.67 49.98
CA ALA A 143 -35.56 -34.86 50.61
C ALA A 143 -35.65 -35.44 52.00
N HIS A 144 -36.63 -35.01 52.78
CA HIS A 144 -36.68 -35.39 54.19
C HIS A 144 -38.09 -35.62 54.74
N ALA A 145 -38.20 -36.65 55.57
CA ALA A 145 -39.43 -36.94 56.31
C ALA A 145 -39.61 -35.92 57.42
N ILE A 146 -40.82 -35.40 57.56
CA ILE A 146 -41.20 -34.42 58.60
C ILE A 146 -40.77 -32.98 58.28
N GLY A 147 -39.60 -32.82 57.65
CA GLY A 147 -39.11 -31.51 57.23
C GLY A 147 -37.61 -31.36 57.04
N VAL A 148 -37.24 -30.32 56.30
CA VAL A 148 -35.83 -29.97 56.07
C VAL A 148 -35.52 -28.68 56.82
N ASN A 149 -34.42 -28.69 57.56
CA ASN A 149 -34.05 -27.52 58.36
C ASN A 149 -32.81 -26.79 57.84
N SER A 150 -31.95 -27.50 57.12
CA SER A 150 -30.69 -26.94 56.64
C SER A 150 -30.20 -27.54 55.33
N ALA A 151 -29.74 -26.68 54.42
CA ALA A 151 -29.18 -27.10 53.13
C ALA A 151 -27.96 -26.26 52.76
N SER A 152 -26.82 -26.91 52.56
CA SER A 152 -25.52 -26.25 52.32
C SER A 152 -24.81 -26.76 51.08
N TRP A 153 -24.34 -25.83 50.25
CA TRP A 153 -23.56 -26.17 49.07
C TRP A 153 -22.16 -26.66 49.42
N ALA A 154 -21.67 -27.59 48.61
CA ALA A 154 -20.28 -28.01 48.61
C ALA A 154 -19.46 -26.98 47.84
N PRO A 155 -18.13 -26.99 47.96
CA PRO A 155 -17.34 -26.05 47.15
C PRO A 155 -17.37 -26.43 45.66
N ALA A 156 -17.13 -25.46 44.79
CA ALA A 156 -17.07 -25.71 43.35
C ALA A 156 -15.90 -26.62 43.00
N THR A 157 -16.19 -27.76 42.37
CA THR A 157 -15.17 -28.76 41.99
C THR A 157 -13.97 -28.11 41.30
N SER A 170 -20.67 -32.82 39.29
CA SER A 170 -19.74 -32.13 40.18
C SER A 170 -20.48 -31.29 41.23
N ARG A 171 -21.72 -30.90 40.92
CA ARG A 171 -22.50 -30.04 41.80
C ARG A 171 -23.15 -30.84 42.91
N LYS A 172 -22.69 -30.62 44.14
CA LYS A 172 -23.18 -31.33 45.31
C LYS A 172 -23.70 -30.36 46.37
N PHE A 173 -24.61 -30.86 47.20
CA PHE A 173 -25.00 -30.16 48.43
C PHE A 173 -25.50 -31.13 49.49
N VAL A 174 -25.38 -30.73 50.76
CA VAL A 174 -25.80 -31.54 51.90
C VAL A 174 -27.09 -31.00 52.54
N THR A 175 -27.90 -31.90 53.10
CA THR A 175 -29.11 -31.51 53.83
C THR A 175 -29.14 -32.08 55.25
N GLY A 176 -29.74 -31.33 56.17
CA GLY A 176 -30.01 -31.80 57.53
C GLY A 176 -31.50 -31.73 57.86
N GLY A 177 -32.06 -32.86 58.30
CA GLY A 177 -33.52 -32.98 58.42
C GLY A 177 -34.15 -33.31 59.77
N ALA A 178 -35.48 -33.26 59.80
CA ALA A 178 -36.26 -33.59 60.98
C ALA A 178 -36.31 -35.09 61.24
N ASP A 179 -35.86 -35.87 60.24
CA ASP A 179 -35.80 -37.33 60.32
C ASP A 179 -34.49 -37.83 60.94
N ASN A 180 -33.68 -36.89 61.44
CA ASN A 180 -32.38 -37.18 62.09
C ASN A 180 -31.24 -37.38 61.11
N LEU A 181 -31.56 -37.38 59.82
CA LEU A 181 -30.60 -37.75 58.79
C LEU A 181 -29.86 -36.57 58.18
N VAL A 182 -28.64 -36.84 57.73
CA VAL A 182 -27.82 -35.95 56.93
C VAL A 182 -27.69 -36.58 55.54
N LYS A 183 -27.98 -35.82 54.48
CA LYS A 183 -28.01 -36.38 53.12
C LYS A 183 -27.18 -35.62 52.09
N ILE A 184 -26.38 -36.35 51.32
CA ILE A 184 -25.59 -35.76 50.23
C ILE A 184 -26.25 -35.96 48.87
N TRP A 185 -26.46 -34.87 48.15
CA TRP A 185 -27.08 -34.86 46.84
C TRP A 185 -26.08 -34.46 45.77
N LYS A 186 -26.28 -34.96 44.54
CA LYS A 186 -25.40 -34.63 43.41
C LYS A 186 -26.20 -34.56 42.11
N TYR A 187 -25.91 -33.54 41.29
CA TYR A 187 -26.64 -33.34 40.03
C TYR A 187 -26.33 -34.42 39.01
N ASN A 188 -27.36 -34.82 38.27
CA ASN A 188 -27.24 -35.76 37.16
C ASN A 188 -27.83 -35.17 35.89
N SER A 189 -27.14 -35.39 34.78
CA SER A 189 -27.62 -34.92 33.46
C SER A 189 -28.89 -35.66 33.01
N ASP A 190 -28.83 -37.00 33.05
CA ASP A 190 -29.93 -37.85 32.59
C ASP A 190 -31.21 -37.66 33.42
N ALA A 191 -31.07 -37.56 34.74
CA ALA A 191 -32.21 -37.38 35.63
C ALA A 191 -32.75 -35.95 35.63
N GLN A 192 -31.96 -35.00 35.12
CA GLN A 192 -32.31 -33.57 35.08
C GLN A 192 -32.61 -33.02 36.47
N THR A 193 -31.88 -33.52 37.47
CA THR A 193 -32.16 -33.18 38.87
C THR A 193 -31.01 -33.61 39.79
N TYR A 194 -31.18 -33.37 41.08
CA TYR A 194 -30.28 -33.86 42.11
C TYR A 194 -30.71 -35.24 42.59
N VAL A 195 -29.74 -36.16 42.66
CA VAL A 195 -29.97 -37.51 43.18
C VAL A 195 -29.15 -37.77 44.45
N LEU A 196 -29.73 -38.56 45.35
CA LEU A 196 -29.08 -38.95 46.60
C LEU A 196 -27.77 -39.69 46.33
N GLU A 197 -26.67 -39.18 46.90
CA GLU A 197 -25.38 -39.85 46.80
C GLU A 197 -25.03 -40.61 48.07
N SER A 198 -25.61 -40.19 49.19
CA SER A 198 -25.37 -40.82 50.50
C SER A 198 -26.35 -40.35 51.59
N THR A 199 -26.81 -41.31 52.38
CA THR A 199 -27.50 -41.01 53.62
C THR A 199 -26.50 -41.28 54.76
N LEU A 200 -26.24 -40.25 55.57
CA LEU A 200 -25.34 -40.39 56.72
C LEU A 200 -26.15 -40.46 58.01
N GLU A 201 -26.01 -41.58 58.72
CA GLU A 201 -26.75 -41.82 59.95
C GLU A 201 -25.85 -41.62 61.16
N GLY A 202 -26.38 -40.99 62.20
CA GLY A 202 -25.63 -40.70 63.41
C GLY A 202 -26.47 -40.02 64.46
N HIS A 203 -27.00 -38.84 64.13
CA HIS A 203 -27.81 -38.03 65.03
C HIS A 203 -29.11 -38.72 65.44
N SER A 204 -29.55 -38.45 66.67
CA SER A 204 -30.72 -39.11 67.24
C SER A 204 -31.90 -38.14 67.50
N ASP A 205 -31.85 -36.98 66.84
CA ASP A 205 -32.90 -35.97 66.94
C ASP A 205 -32.79 -35.01 65.75
N TRP A 206 -33.78 -34.12 65.58
CA TRP A 206 -33.83 -33.15 64.48
C TRP A 206 -32.46 -32.56 64.19
N VAL A 207 -31.99 -32.73 62.95
CA VAL A 207 -30.77 -32.04 62.52
C VAL A 207 -31.14 -30.57 62.27
N ARG A 208 -30.37 -29.66 62.87
CA ARG A 208 -30.65 -28.23 62.77
C ARG A 208 -29.84 -27.49 61.71
N ASP A 209 -28.58 -27.83 61.59
CA ASP A 209 -27.70 -27.15 60.63
C ASP A 209 -26.65 -28.08 60.04
N VAL A 210 -26.41 -27.91 58.75
CA VAL A 210 -25.30 -28.61 58.08
C VAL A 210 -24.45 -27.58 57.35
N ALA A 211 -23.15 -27.85 57.25
CA ALA A 211 -22.18 -26.94 56.65
C ALA A 211 -21.07 -27.71 55.96
N TRP A 212 -20.69 -27.26 54.77
CA TRP A 212 -19.69 -27.95 53.94
C TRP A 212 -18.47 -27.05 53.72
N SER A 213 -17.43 -27.30 54.51
CA SER A 213 -16.19 -26.49 54.50
C SER A 213 -15.68 -26.21 53.09
N PRO A 214 -15.39 -24.92 52.80
CA PRO A 214 -14.87 -24.47 51.50
C PRO A 214 -13.46 -24.97 51.21
N THR A 215 -12.78 -25.46 52.25
CA THR A 215 -11.46 -26.07 52.15
C THR A 215 -11.25 -26.79 50.82
N VAL A 216 -10.28 -26.29 50.06
CA VAL A 216 -9.99 -26.77 48.71
C VAL A 216 -9.09 -28.01 48.77
N LEU A 217 -8.71 -28.42 49.99
CA LEU A 217 -7.76 -29.51 50.22
C LEU A 217 -8.21 -30.88 49.70
N LEU A 218 -7.38 -31.88 49.93
CA LEU A 218 -7.64 -33.26 49.47
C LEU A 218 -8.79 -33.94 50.20
N ARG A 219 -9.22 -33.37 51.33
CA ARG A 219 -10.28 -33.93 52.14
C ARG A 219 -11.50 -33.00 52.20
N SER A 220 -12.68 -33.59 52.36
CA SER A 220 -13.93 -32.84 52.53
C SER A 220 -14.38 -32.84 53.98
N TYR A 221 -14.94 -31.72 54.43
CA TYR A 221 -15.38 -31.59 55.82
C TYR A 221 -16.83 -31.17 55.89
N LEU A 222 -17.61 -31.90 56.68
CA LEU A 222 -19.02 -31.60 56.91
C LEU A 222 -19.30 -31.39 58.39
N ALA A 223 -20.06 -30.35 58.71
CA ALA A 223 -20.42 -30.07 60.10
C ALA A 223 -21.94 -30.09 60.31
N SER A 224 -22.44 -31.24 60.75
CA SER A 224 -23.83 -31.37 61.14
C SER A 224 -24.03 -31.15 62.64
N VAL A 225 -25.05 -30.36 62.94
CA VAL A 225 -25.37 -29.89 64.28
C VAL A 225 -26.79 -30.38 64.58
N SER A 226 -27.09 -30.73 65.83
CA SER A 226 -28.41 -31.35 66.12
C SER A 226 -29.08 -31.06 67.47
N GLN A 227 -30.38 -31.29 67.51
CA GLN A 227 -31.21 -31.23 68.71
C GLN A 227 -30.79 -32.30 69.73
N ASP A 228 -30.04 -33.30 69.26
CA ASP A 228 -29.49 -34.35 70.11
C ASP A 228 -28.17 -33.91 70.79
N ARG A 229 -27.97 -32.59 70.88
CA ARG A 229 -26.84 -31.95 71.58
C ARG A 229 -25.44 -32.47 71.19
N THR A 230 -25.34 -33.04 70.00
CA THR A 230 -24.05 -33.48 69.46
C THR A 230 -23.76 -32.73 68.17
N CYS A 231 -22.48 -32.67 67.81
CA CYS A 231 -22.05 -32.24 66.50
C CYS A 231 -21.28 -33.39 65.89
N ILE A 232 -21.49 -33.62 64.59
CA ILE A 232 -20.66 -34.58 63.88
C ILE A 232 -19.92 -33.89 62.75
N ILE A 233 -18.63 -34.21 62.62
CA ILE A 233 -17.86 -33.86 61.44
C ILE A 233 -17.77 -35.10 60.55
N TRP A 234 -18.29 -34.99 59.34
CA TRP A 234 -18.20 -36.07 58.36
C TRP A 234 -17.09 -35.74 57.37
N THR A 235 -16.12 -36.64 57.27
CA THR A 235 -14.99 -36.44 56.36
C THR A 235 -14.95 -37.46 55.23
N GLN A 236 -14.45 -37.03 54.08
CA GLN A 236 -14.27 -37.88 52.91
C GLN A 236 -12.87 -37.63 52.31
N ASP A 237 -12.13 -38.71 52.08
CA ASP A 237 -10.76 -38.62 51.57
C ASP A 237 -10.67 -38.41 50.05
N ASN A 238 -11.59 -39.02 49.31
CA ASN A 238 -11.61 -38.93 47.84
C ASN A 238 -13.02 -39.06 47.28
N GLU A 239 -13.22 -38.67 46.01
CA GLU A 239 -14.48 -38.90 45.30
C GLU A 239 -14.89 -40.37 45.45
N GLN A 240 -16.20 -40.63 45.51
CA GLN A 240 -16.77 -41.92 45.96
C GLN A 240 -16.27 -42.27 47.36
N GLY A 241 -16.28 -43.55 47.71
CA GLY A 241 -15.67 -43.98 48.97
C GLY A 241 -16.46 -43.57 50.20
N PRO A 242 -15.97 -43.94 51.40
CA PRO A 242 -16.76 -43.83 52.61
C PRO A 242 -16.69 -42.48 53.31
N TRP A 243 -17.84 -42.04 53.83
CA TRP A 243 -17.89 -40.90 54.73
C TRP A 243 -17.61 -41.39 56.15
N LYS A 244 -16.64 -40.76 56.79
CA LYS A 244 -16.22 -41.17 58.12
C LYS A 244 -16.88 -40.31 59.19
N LYS A 245 -17.47 -40.99 60.17
CA LYS A 245 -18.12 -40.32 61.28
C LYS A 245 -17.09 -39.93 62.33
N THR A 246 -17.13 -38.67 62.74
CA THR A 246 -16.27 -38.16 63.81
C THR A 246 -17.10 -37.28 64.72
N LEU A 247 -17.24 -37.71 65.97
CA LEU A 247 -17.93 -36.93 66.99
C LEU A 247 -16.99 -35.84 67.48
N LEU A 248 -17.45 -34.59 67.43
CA LEU A 248 -16.64 -33.42 67.79
C LEU A 248 -16.05 -33.52 69.22
N LYS A 249 -16.91 -33.83 70.18
CA LYS A 249 -16.49 -34.14 71.56
C LYS A 249 -17.40 -35.24 72.11
N GLU A 250 -16.83 -36.15 72.90
CA GLU A 250 -17.54 -37.35 73.34
C GLU A 250 -18.77 -37.08 74.23
N GLU A 251 -18.64 -36.18 75.19
CA GLU A 251 -19.78 -35.80 76.04
C GLU A 251 -20.77 -34.96 75.24
N LYS A 252 -22.05 -35.02 75.60
CA LYS A 252 -23.07 -34.21 74.96
C LYS A 252 -22.96 -32.76 75.41
N PHE A 253 -23.44 -31.82 74.59
CA PHE A 253 -23.38 -30.41 74.91
C PHE A 253 -24.47 -30.02 75.92
N PRO A 254 -24.29 -28.90 76.65
CA PRO A 254 -25.26 -28.52 77.68
C PRO A 254 -26.65 -28.22 77.12
N ASP A 255 -26.71 -27.83 75.85
CA ASP A 255 -27.97 -27.46 75.21
C ASP A 255 -27.97 -27.68 73.70
N VAL A 256 -29.17 -27.80 73.13
CA VAL A 256 -29.39 -28.02 71.70
C VAL A 256 -28.47 -27.18 70.82
N LEU A 257 -27.70 -27.83 69.96
CA LEU A 257 -26.88 -27.12 68.98
C LEU A 257 -27.74 -26.65 67.81
N TRP A 258 -27.49 -25.43 67.34
CA TRP A 258 -28.33 -24.79 66.34
C TRP A 258 -27.61 -24.50 65.04
N ARG A 259 -26.35 -24.08 65.13
CA ARG A 259 -25.61 -23.64 63.96
C ARG A 259 -24.19 -24.18 63.92
N ALA A 260 -23.64 -24.22 62.70
CA ALA A 260 -22.26 -24.60 62.44
C ALA A 260 -21.77 -23.81 61.24
N SER A 261 -20.53 -23.32 61.32
CA SER A 261 -20.00 -22.40 60.31
C SER A 261 -18.51 -22.63 60.15
N TRP A 262 -18.07 -22.72 58.90
CA TRP A 262 -16.65 -22.91 58.63
C TRP A 262 -15.95 -21.60 58.25
N SER A 263 -14.69 -21.46 58.64
CA SER A 263 -13.88 -20.30 58.29
C SER A 263 -13.50 -20.34 56.83
N LEU A 264 -13.16 -19.18 56.27
CA LEU A 264 -12.82 -19.08 54.85
C LEU A 264 -11.58 -19.91 54.50
N SER A 265 -10.60 -19.89 55.39
CA SER A 265 -9.43 -20.75 55.24
C SER A 265 -8.85 -21.04 56.62
N GLY A 266 -8.56 -22.31 56.86
CA GLY A 266 -8.06 -22.75 58.15
C GLY A 266 -8.81 -23.99 58.63
N ASN A 267 -10.05 -24.12 58.15
CA ASN A 267 -10.92 -25.23 58.53
C ASN A 267 -11.33 -25.19 60.01
N VAL A 268 -11.69 -23.99 60.47
CA VAL A 268 -12.10 -23.75 61.86
C VAL A 268 -13.63 -23.66 61.99
N LEU A 269 -14.14 -24.13 63.12
CA LEU A 269 -15.56 -24.35 63.34
C LEU A 269 -16.24 -23.35 64.28
N ALA A 270 -17.28 -22.69 63.78
CA ALA A 270 -18.10 -21.79 64.59
C ALA A 270 -19.41 -22.50 64.94
N LEU A 271 -19.50 -22.96 66.17
CA LEU A 271 -20.62 -23.77 66.62
C LEU A 271 -21.49 -23.02 67.62
N SER A 272 -22.75 -22.79 67.26
CA SER A 272 -23.68 -22.07 68.13
C SER A 272 -24.59 -23.04 68.89
N GLY A 273 -24.59 -22.93 70.22
CA GLY A 273 -25.44 -23.74 71.08
C GLY A 273 -26.61 -23.00 71.70
N GLY A 274 -27.54 -23.76 72.29
CA GLY A 274 -28.72 -23.19 72.95
C GLY A 274 -28.44 -22.53 74.28
N ASP A 275 -27.22 -22.76 74.80
CA ASP A 275 -26.75 -22.12 76.03
C ASP A 275 -26.11 -20.77 75.72
N ASN A 276 -26.35 -20.29 74.50
CA ASN A 276 -25.86 -18.98 74.03
C ASN A 276 -24.34 -18.81 74.07
N LYS A 277 -23.61 -19.92 73.96
CA LYS A 277 -22.16 -19.89 73.99
C LYS A 277 -21.59 -20.42 72.68
N VAL A 278 -20.83 -19.58 71.98
CA VAL A 278 -20.15 -19.98 70.74
C VAL A 278 -18.86 -20.69 71.12
N THR A 279 -18.53 -21.74 70.38
CA THR A 279 -17.31 -22.51 70.63
C THR A 279 -16.57 -22.78 69.34
N LEU A 280 -15.30 -22.38 69.31
CA LEU A 280 -14.48 -22.50 68.10
C LEU A 280 -13.54 -23.69 68.20
N TRP A 281 -13.57 -24.55 67.18
CA TRP A 281 -12.85 -25.83 67.22
C TRP A 281 -11.89 -25.99 66.04
N LYS A 282 -10.80 -26.72 66.29
CA LYS A 282 -9.83 -27.10 65.25
C LYS A 282 -9.47 -28.58 65.39
N GLU A 283 -8.84 -29.13 64.35
CA GLU A 283 -8.50 -30.55 64.26
C GLU A 283 -7.02 -30.78 64.55
N ASN A 284 -6.73 -31.80 65.37
CA ASN A 284 -5.35 -32.11 65.74
C ASN A 284 -4.77 -33.34 65.01
N LEU A 285 -3.54 -33.70 65.41
CA LEU A 285 -2.77 -34.78 64.77
C LEU A 285 -3.49 -36.12 64.62
N GLU A 286 -4.30 -36.47 65.62
CA GLU A 286 -4.97 -37.76 65.64
C GLU A 286 -6.27 -37.75 64.81
N GLY A 287 -6.68 -36.56 64.38
CA GLY A 287 -7.96 -36.40 63.70
C GLY A 287 -9.05 -36.20 64.72
N LYS A 288 -8.65 -35.74 65.90
CA LYS A 288 -9.59 -35.40 66.98
C LYS A 288 -9.70 -33.89 67.09
N TRP A 289 -10.75 -33.42 67.75
CA TRP A 289 -11.04 -31.99 67.78
C TRP A 289 -10.87 -31.35 69.15
N GLU A 290 -10.34 -30.13 69.15
CA GLU A 290 -10.06 -29.37 70.36
C GLU A 290 -10.34 -27.89 70.11
N PRO A 291 -10.61 -27.12 71.19
CA PRO A 291 -10.86 -25.68 71.10
C PRO A 291 -9.78 -24.90 70.37
N ALA A 292 -10.16 -23.73 69.84
CA ALA A 292 -9.28 -22.89 69.03
C ALA A 292 -9.39 -21.43 69.44
N TRP B 9 -39.30 -26.66 68.28
CA TRP B 9 -39.35 -26.66 66.79
C TRP B 9 -38.80 -25.36 66.17
N TYR B 10 -39.59 -24.29 66.24
CA TYR B 10 -39.24 -23.02 65.59
C TYR B 10 -39.02 -21.89 66.59
N GLY B 11 -38.12 -20.96 66.25
CA GLY B 11 -37.91 -19.73 67.01
C GLY B 11 -37.35 -19.93 68.40
N GLU B 12 -36.03 -19.89 68.52
CA GLU B 12 -35.35 -20.11 69.80
C GLU B 12 -34.03 -19.33 69.85
N PRO B 13 -33.72 -18.74 71.03
CA PRO B 13 -32.47 -18.01 71.25
C PRO B 13 -31.22 -18.75 70.79
N SER B 14 -30.45 -18.14 69.88
CA SER B 14 -29.22 -18.72 69.37
C SER B 14 -28.25 -17.65 68.86
N PRO B 15 -26.95 -17.79 69.18
CA PRO B 15 -25.90 -16.89 68.68
C PRO B 15 -25.70 -16.98 67.17
N ALA B 16 -26.11 -18.10 66.57
CA ALA B 16 -26.12 -18.28 65.11
C ALA B 16 -24.89 -17.68 64.41
N ALA B 17 -23.72 -18.08 64.87
CA ALA B 17 -22.47 -17.49 64.43
C ALA B 17 -22.10 -17.82 63.00
N HIS B 18 -21.69 -16.80 62.24
CA HIS B 18 -21.18 -16.95 60.88
C HIS B 18 -19.75 -16.44 60.77
N TRP B 19 -18.87 -17.24 60.19
CA TRP B 19 -17.52 -16.78 59.83
C TRP B 19 -17.63 -15.87 58.61
N ALA B 20 -16.69 -14.92 58.50
CA ALA B 20 -16.67 -13.98 57.38
C ALA B 20 -15.25 -13.65 56.94
N PHE B 21 -15.13 -12.99 55.78
CA PHE B 21 -13.85 -12.62 55.19
C PHE B 21 -13.06 -11.64 56.05
N GLY B 22 -11.85 -12.05 56.44
CA GLY B 22 -10.98 -11.22 57.27
C GLY B 22 -10.80 -11.75 58.68
N GLY B 23 -11.26 -12.99 58.92
CA GLY B 23 -11.26 -13.58 60.25
C GLY B 23 -12.29 -12.94 61.15
N LYS B 24 -13.37 -12.43 60.55
CA LYS B 24 -14.47 -11.84 61.30
C LYS B 24 -15.51 -12.88 61.66
N LEU B 25 -15.95 -12.87 62.91
CA LEU B 25 -17.01 -13.75 63.37
C LEU B 25 -18.21 -12.96 63.82
N VAL B 26 -19.26 -12.99 63.01
CA VAL B 26 -20.55 -12.38 63.35
C VAL B 26 -21.27 -13.30 64.34
N GLN B 27 -22.01 -12.71 65.27
CA GLN B 27 -22.91 -13.48 66.13
C GLN B 27 -23.98 -12.60 66.76
N ILE B 28 -25.06 -13.22 67.23
CA ILE B 28 -26.15 -12.52 67.91
C ILE B 28 -25.90 -12.48 69.41
N THR B 29 -25.97 -11.28 69.99
CA THR B 29 -25.71 -11.08 71.42
C THR B 29 -26.74 -11.78 72.31
N PRO B 30 -26.32 -12.18 73.54
CA PRO B 30 -27.13 -13.01 74.43
C PRO B 30 -28.53 -12.47 74.77
N ASP B 31 -28.73 -11.17 74.61
CA ASP B 31 -30.05 -10.58 74.83
C ASP B 31 -30.95 -10.82 73.62
N GLY B 32 -30.35 -11.34 72.55
CA GLY B 32 -31.08 -11.76 71.36
C GLY B 32 -31.46 -10.64 70.41
N LYS B 33 -31.02 -9.41 70.69
CA LYS B 33 -31.48 -8.24 69.95
C LYS B 33 -30.37 -7.33 69.38
N GLY B 34 -29.12 -7.77 69.51
CA GLY B 34 -27.98 -7.03 68.94
C GLY B 34 -26.97 -7.95 68.26
N VAL B 35 -26.04 -7.34 67.52
CA VAL B 35 -25.08 -8.10 66.71
C VAL B 35 -23.62 -7.85 67.10
N SER B 36 -22.95 -8.93 67.55
CA SER B 36 -21.54 -8.90 67.85
C SER B 36 -20.72 -9.27 66.60
N ILE B 37 -19.66 -8.52 66.36
CA ILE B 37 -18.71 -8.80 65.28
C ILE B 37 -17.29 -8.69 65.84
N THR B 38 -16.65 -9.83 66.09
CA THR B 38 -15.34 -9.85 66.72
C THR B 38 -14.24 -10.31 65.74
N ASN B 39 -13.01 -10.34 66.24
CA ASN B 39 -11.88 -10.93 65.51
C ASN B 39 -11.17 -11.99 66.36
N PRO B 40 -11.74 -13.20 66.44
CA PRO B 40 -11.20 -14.28 67.27
C PRO B 40 -9.75 -14.64 66.93
N LYS B 41 -8.89 -14.58 67.95
CA LYS B 41 -7.50 -15.01 67.83
C LYS B 41 -7.46 -16.54 67.82
N ILE B 42 -7.05 -17.09 66.68
CA ILE B 42 -7.05 -18.54 66.49
C ILE B 42 -5.68 -19.14 66.80
N SER B 43 -5.68 -20.16 67.65
CA SER B 43 -4.46 -20.86 68.06
C SER B 43 -3.74 -21.44 66.84
N GLY B 44 -2.44 -21.16 66.73
CA GLY B 44 -1.62 -21.62 65.61
C GLY B 44 -1.90 -20.88 64.31
N LEU B 45 -2.62 -19.77 64.42
CA LEU B 45 -2.96 -18.92 63.29
C LEU B 45 -2.78 -17.45 63.67
N GLU B 46 -1.58 -16.95 63.43
CA GLU B 46 -1.20 -15.61 63.87
C GLU B 46 -0.99 -14.68 62.68
N SER B 47 -1.21 -13.39 62.90
CA SER B 47 -0.78 -12.37 61.94
C SER B 47 0.75 -12.38 61.91
N ASN B 48 1.33 -12.47 60.72
CA ASN B 48 2.78 -12.52 60.58
C ASN B 48 3.42 -11.16 60.91
N THR B 49 3.77 -10.99 62.18
CA THR B 49 4.36 -9.75 62.70
C THR B 49 5.76 -9.51 62.10
N THR B 50 6.60 -10.53 62.17
CA THR B 50 7.98 -10.45 61.69
C THR B 50 8.06 -10.10 60.20
N LEU B 51 7.25 -10.77 59.39
CA LEU B 51 7.28 -10.57 57.94
C LEU B 51 6.83 -9.15 57.55
N SER B 52 5.65 -8.76 58.03
CA SER B 52 5.11 -7.42 57.79
C SER B 52 6.11 -6.34 58.17
N GLU B 53 6.86 -6.60 59.24
CA GLU B 53 7.89 -5.69 59.74
C GLU B 53 9.11 -5.70 58.82
N ALA B 54 9.49 -6.89 58.38
CA ALA B 54 10.64 -7.06 57.49
C ALA B 54 10.36 -6.53 56.08
N LEU B 55 9.09 -6.36 55.74
CA LEU B 55 8.68 -5.90 54.43
C LEU B 55 8.56 -4.38 54.36
N LYS B 56 8.45 -3.74 55.53
CA LYS B 56 8.42 -2.28 55.61
C LYS B 56 9.80 -1.70 55.96
N THR B 57 10.40 -2.20 57.04
CA THR B 57 11.71 -1.73 57.52
C THR B 57 12.87 -2.30 56.68
N LYS B 58 12.54 -3.23 55.79
CA LYS B 58 13.51 -3.92 54.93
C LYS B 58 14.59 -4.62 55.77
N ASP B 59 14.20 -5.07 56.96
CA ASP B 59 15.10 -5.69 57.91
C ASP B 59 14.77 -7.17 58.08
N PHE B 60 15.39 -8.00 57.25
CA PHE B 60 15.12 -9.44 57.24
C PHE B 60 16.01 -10.23 58.21
N LYS B 61 16.69 -9.51 59.10
CA LYS B 61 17.60 -10.14 60.09
C LYS B 61 16.86 -11.01 61.12
N PRO B 62 15.80 -10.46 61.76
CA PRO B 62 15.05 -11.24 62.77
C PRO B 62 14.38 -12.49 62.18
N LEU B 63 13.86 -12.36 60.96
CA LEU B 63 13.24 -13.47 60.24
C LEU B 63 14.23 -14.63 60.08
N ILE B 64 15.47 -14.30 59.72
CA ILE B 64 16.54 -15.29 59.53
C ILE B 64 16.82 -16.08 60.81
N ASN B 65 16.78 -15.40 61.95
CA ASN B 65 16.92 -16.06 63.24
C ASN B 65 15.78 -17.04 63.54
N GLN B 66 14.57 -16.70 63.09
CA GLN B 66 13.43 -17.59 63.25
C GLN B 66 13.57 -18.84 62.39
N ARG B 67 13.77 -18.66 61.09
CA ARG B 67 13.79 -19.78 60.14
C ARG B 67 15.09 -20.62 60.17
N LEU B 68 16.11 -20.11 60.86
CA LEU B 68 17.38 -20.84 61.03
C LEU B 68 17.25 -21.90 62.11
N VAL B 69 16.38 -21.64 63.09
CA VAL B 69 16.01 -22.64 64.10
C VAL B 69 14.94 -23.57 63.52
N LYS B 70 13.93 -22.97 62.89
CA LYS B 70 12.80 -23.73 62.30
C LYS B 70 13.21 -24.48 61.01
N VAL B 71 14.46 -24.92 60.96
CA VAL B 71 15.01 -25.62 59.80
C VAL B 71 14.50 -27.05 59.69
N ILE B 72 14.14 -27.46 58.48
CA ILE B 72 13.59 -28.80 58.26
C ILE B 72 14.64 -29.82 57.80
N ASP B 73 15.01 -29.81 56.53
CA ASP B 73 16.02 -30.74 56.01
C ASP B 73 17.33 -30.07 55.59
N ASP B 74 18.22 -30.85 54.98
CA ASP B 74 19.55 -30.38 54.55
C ASP B 74 19.47 -29.31 53.47
N VAL B 75 18.72 -29.60 52.41
CA VAL B 75 18.48 -28.68 51.30
C VAL B 75 17.98 -27.32 51.80
N ASN B 76 16.95 -27.35 52.65
CA ASN B 76 16.38 -26.14 53.23
C ASN B 76 17.40 -25.32 54.02
N GLU B 77 18.26 -26.02 54.76
CA GLU B 77 19.29 -25.37 55.58
C GLU B 77 20.27 -24.58 54.71
N GLU B 78 20.64 -25.17 53.58
CA GLU B 78 21.60 -24.56 52.65
C GLU B 78 21.07 -23.26 52.05
N ASP B 79 19.76 -23.20 51.83
CA ASP B 79 19.09 -22.00 51.31
C ASP B 79 19.06 -20.87 52.34
N TRP B 80 18.76 -21.20 53.58
CA TRP B 80 18.70 -20.19 54.63
C TRP B 80 20.08 -19.69 55.05
N ASN B 81 21.04 -20.61 55.15
CA ASN B 81 22.45 -20.26 55.38
C ASN B 81 22.96 -19.30 54.31
N LEU B 82 22.56 -19.56 53.07
CA LEU B 82 22.86 -18.71 51.93
C LEU B 82 22.27 -17.30 52.12
N LEU B 83 21.02 -17.23 52.59
CA LEU B 83 20.33 -15.97 52.77
C LEU B 83 20.97 -15.11 53.87
N GLU B 84 21.49 -15.76 54.91
CA GLU B 84 22.22 -15.06 55.97
C GLU B 84 23.48 -14.42 55.43
N LYS B 85 24.25 -15.19 54.64
CA LYS B 85 25.44 -14.69 53.94
C LYS B 85 25.04 -13.45 53.14
N LEU B 86 24.04 -13.63 52.28
CA LEU B 86 23.51 -12.59 51.41
C LEU B 86 23.16 -11.32 52.19
N SER B 87 22.62 -11.50 53.40
CA SER B 87 22.18 -10.40 54.26
C SER B 87 23.35 -9.60 54.85
N MET B 88 24.27 -10.30 55.52
CA MET B 88 25.41 -9.67 56.18
C MET B 88 26.39 -9.02 55.19
N ASP B 89 26.87 -9.81 54.24
CA ASP B 89 27.90 -9.38 53.29
C ASP B 89 27.36 -8.37 52.28
N GLY B 90 26.32 -8.77 51.55
CA GLY B 90 25.82 -8.01 50.41
C GLY B 90 25.77 -8.90 49.19
N THR B 91 24.78 -8.68 48.33
CA THR B 91 24.56 -9.52 47.15
C THR B 91 25.73 -9.52 46.16
N GLU B 92 26.35 -8.35 45.95
CA GLU B 92 27.47 -8.21 45.02
C GLU B 92 28.73 -8.92 45.53
N GLU B 93 28.95 -8.85 46.84
CA GLU B 93 30.14 -9.42 47.47
C GLU B 93 30.13 -10.94 47.49
N PHE B 94 28.96 -11.54 47.67
CA PHE B 94 28.79 -13.00 47.69
C PHE B 94 29.06 -13.63 46.32
N LEU B 95 28.61 -12.96 45.26
CA LEU B 95 28.77 -13.46 43.89
C LEU B 95 30.24 -13.50 43.48
N LYS B 96 31.00 -12.51 43.94
CA LYS B 96 32.45 -12.51 43.75
C LYS B 96 33.10 -13.69 44.48
N GLU B 97 32.51 -14.06 45.63
CA GLU B 97 33.04 -15.13 46.48
C GLU B 97 32.71 -16.54 45.97
N ALA B 98 31.54 -16.68 45.34
CA ALA B 98 31.06 -17.99 44.88
C ALA B 98 31.46 -18.34 43.45
N LEU B 99 31.88 -17.33 42.69
CA LEU B 99 32.31 -17.52 41.30
C LEU B 99 33.83 -17.50 41.14
N ALA B 100 34.53 -17.36 42.25
CA ALA B 100 36.00 -17.29 42.25
C ALA B 100 36.63 -18.67 42.16
N PHE B 101 37.91 -18.71 41.78
CA PHE B 101 38.64 -19.96 41.62
C PHE B 101 39.24 -20.44 42.95
N ASP B 102 40.44 -21.01 42.90
CA ASP B 102 41.14 -21.46 44.10
C ASP B 102 41.70 -20.26 44.88
N GLY B 107 45.44 -33.40 34.48
CA GLY B 107 45.73 -32.35 33.52
C GLY B 107 45.45 -30.94 34.01
N ASN B 108 45.89 -30.65 35.24
CA ASN B 108 45.74 -29.33 35.86
C ASN B 108 46.43 -28.19 35.11
N ILE B 109 47.54 -28.49 34.44
CA ILE B 109 48.28 -27.51 33.64
C ILE B 109 47.41 -26.96 32.51
N GLU B 110 46.79 -27.87 31.77
CA GLU B 110 45.91 -27.55 30.66
C GLU B 110 44.67 -26.79 31.16
N GLN B 111 44.37 -26.95 32.45
CA GLN B 111 43.33 -26.16 33.12
C GLN B 111 43.84 -24.76 33.51
N THR B 112 45.10 -24.68 33.93
CA THR B 112 45.72 -23.40 34.36
C THR B 112 45.74 -22.37 33.23
N ILE B 113 46.02 -22.82 32.02
CA ILE B 113 45.97 -21.94 30.85
C ILE B 113 44.55 -21.41 30.66
N SER B 114 43.56 -22.29 30.81
CA SER B 114 42.14 -21.90 30.76
C SER B 114 41.80 -20.81 31.78
N LYS B 115 42.37 -20.91 32.98
CA LYS B 115 42.18 -19.91 34.04
C LYS B 115 42.70 -18.55 33.59
N ASN B 116 43.92 -18.54 33.07
CA ASN B 116 44.60 -17.33 32.62
C ASN B 116 43.79 -16.57 31.58
N LEU B 117 43.31 -17.29 30.57
CA LEU B 117 42.61 -16.70 29.43
C LEU B 117 41.34 -15.98 29.85
N VAL B 118 40.47 -16.67 30.58
CA VAL B 118 39.18 -16.10 31.02
C VAL B 118 39.36 -14.95 32.01
N SER B 119 40.47 -14.95 32.73
CA SER B 119 40.77 -13.91 33.71
C SER B 119 41.46 -12.69 33.07
N GLY B 120 41.74 -12.80 31.77
CA GLY B 120 42.35 -11.70 31.02
C GLY B 120 43.84 -11.54 31.25
N ASN B 121 44.48 -12.62 31.71
CA ASN B 121 45.92 -12.63 31.94
C ASN B 121 46.64 -13.43 30.86
N ILE B 122 46.64 -12.88 29.65
CA ILE B 122 47.23 -13.47 28.44
C ILE B 122 48.72 -13.75 28.61
N LYS B 123 49.39 -12.86 29.34
CA LYS B 123 50.82 -12.94 29.62
C LYS B 123 51.23 -14.32 30.14
N SER B 124 50.65 -14.72 31.26
CA SER B 124 50.97 -15.98 31.94
C SER B 124 50.52 -17.21 31.14
N ALA B 125 49.52 -17.04 30.29
CA ALA B 125 48.97 -18.13 29.48
C ALA B 125 49.96 -18.60 28.41
N VAL B 126 50.68 -17.64 27.81
CA VAL B 126 51.65 -17.94 26.76
C VAL B 126 52.84 -18.72 27.31
N LYS B 127 53.40 -18.25 28.42
CA LYS B 127 54.54 -18.90 29.05
C LYS B 127 54.21 -20.31 29.51
N ASN B 128 53.06 -20.45 30.18
CA ASN B 128 52.59 -21.75 30.67
C ASN B 128 52.44 -22.81 29.57
N SER B 129 51.93 -22.39 28.42
CA SER B 129 51.71 -23.28 27.27
C SER B 129 53.01 -23.74 26.64
N LEU B 130 53.95 -22.80 26.48
CA LEU B 130 55.26 -23.09 25.93
C LEU B 130 56.07 -24.00 26.87
N GLU B 131 55.99 -23.72 28.17
CA GLU B 131 56.71 -24.50 29.19
C GLU B 131 56.23 -25.95 29.28
N ASN B 132 55.08 -26.22 28.68
CA ASN B 132 54.53 -27.58 28.63
C ASN B 132 54.26 -28.03 27.20
N ASP B 133 55.21 -27.68 26.32
CA ASP B 133 55.22 -28.10 24.91
C ASP B 133 53.85 -28.09 24.20
N LEU B 134 53.11 -26.99 24.39
CA LEU B 134 51.82 -26.79 23.73
C LEU B 134 51.93 -25.61 22.77
N LEU B 135 52.67 -25.80 21.68
CA LEU B 135 52.99 -24.71 20.75
C LEU B 135 51.80 -24.20 19.94
N MET B 136 50.95 -25.13 19.48
CA MET B 136 49.76 -24.79 18.69
C MET B 136 48.84 -23.83 19.43
N GLU B 137 48.58 -24.15 20.70
CA GLU B 137 47.69 -23.32 21.53
C GLU B 137 48.41 -22.13 22.15
N ALA B 138 49.73 -22.12 22.08
CA ALA B 138 50.52 -20.94 22.44
C ALA B 138 50.42 -19.89 21.34
N MET B 139 50.25 -20.35 20.11
CA MET B 139 50.16 -19.49 18.94
C MET B 139 48.78 -18.85 18.82
N VAL B 140 47.75 -19.66 18.99
CA VAL B 140 46.35 -19.20 18.90
C VAL B 140 46.11 -18.04 19.86
N ILE B 141 46.64 -18.16 21.07
CA ILE B 141 46.58 -17.10 22.07
C ILE B 141 47.26 -15.83 21.53
N ALA B 142 48.49 -15.99 21.05
CA ALA B 142 49.34 -14.88 20.61
C ALA B 142 48.84 -14.17 19.35
N LEU B 143 48.05 -14.88 18.55
CA LEU B 143 47.55 -14.39 17.27
C LEU B 143 46.58 -13.20 17.43
N ASP B 144 45.91 -13.14 18.58
CA ASP B 144 44.92 -12.10 18.86
C ASP B 144 45.40 -11.06 19.86
N SER B 145 46.64 -11.21 20.33
CA SER B 145 47.19 -10.34 21.38
C SER B 145 47.37 -8.89 20.94
N ASN B 146 48.11 -8.69 19.84
CA ASN B 146 48.57 -7.37 19.40
C ASN B 146 49.33 -6.65 20.54
N ASN B 147 50.12 -7.43 21.27
CA ASN B 147 50.89 -6.95 22.42
C ASN B 147 52.39 -6.89 22.14
N GLU B 148 52.87 -7.80 21.29
CA GLU B 148 54.31 -7.96 20.99
C GLU B 148 55.09 -8.44 22.22
N ARG B 149 56.41 -8.57 22.09
CA ARG B 149 57.28 -9.13 23.13
C ARG B 149 57.03 -10.63 23.34
N LEU B 150 55.77 -10.98 23.63
CA LEU B 150 55.34 -12.37 23.73
C LEU B 150 55.25 -13.02 22.35
N LYS B 151 54.77 -12.27 21.36
CA LYS B 151 54.75 -12.75 19.98
C LYS B 151 56.14 -13.18 19.53
N GLU B 152 57.16 -12.53 20.10
CA GLU B 152 58.55 -12.82 19.79
C GLU B 152 59.09 -13.99 20.61
N SER B 153 58.36 -14.36 21.66
CA SER B 153 58.75 -15.49 22.51
C SER B 153 58.18 -16.81 21.96
N VAL B 154 56.96 -16.73 21.43
CA VAL B 154 56.31 -17.87 20.78
C VAL B 154 57.11 -18.31 19.56
N LYS B 155 57.58 -17.33 18.78
CA LYS B 155 58.40 -17.59 17.60
C LYS B 155 59.72 -18.28 17.96
N ASN B 156 60.44 -17.71 18.93
CA ASN B 156 61.70 -18.30 19.41
C ASN B 156 61.58 -19.77 19.77
N ALA B 157 60.46 -20.14 20.39
CA ALA B 157 60.18 -21.51 20.79
C ALA B 157 59.93 -22.41 19.58
N TYR B 158 59.27 -21.87 18.56
CA TYR B 158 59.03 -22.58 17.31
C TYR B 158 60.34 -22.84 16.57
N PHE B 159 61.24 -21.86 16.61
CA PHE B 159 62.55 -22.01 15.99
C PHE B 159 63.51 -22.80 16.88
N ALA B 160 63.12 -23.00 18.14
CA ALA B 160 63.88 -23.83 19.07
C ALA B 160 63.49 -25.30 18.96
N LYS B 161 62.65 -25.63 17.98
CA LYS B 161 62.12 -26.98 17.81
C LYS B 161 62.08 -27.43 16.34
N TYR B 162 61.78 -26.51 15.44
CA TYR B 162 61.72 -26.82 14.00
C TYR B 162 62.51 -25.81 13.16
N GLY B 163 63.43 -25.10 13.82
CA GLY B 163 64.14 -23.97 13.22
C GLY B 163 64.89 -24.23 11.92
N SER B 164 66.11 -24.77 12.05
CA SER B 164 67.03 -24.87 10.92
C SER B 164 66.92 -26.19 10.13
N LYS B 165 65.70 -26.72 10.05
CA LYS B 165 65.47 -28.03 9.44
C LYS B 165 65.41 -27.95 7.91
N SER B 166 64.21 -27.85 7.34
CA SER B 166 64.07 -27.70 5.88
C SER B 166 64.39 -26.26 5.44
N SER B 167 64.24 -26.01 4.13
CA SER B 167 64.47 -24.69 3.56
C SER B 167 63.42 -23.66 3.98
N LEU B 168 62.14 -24.02 3.84
CA LEU B 168 61.02 -23.15 4.22
C LEU B 168 61.13 -22.61 5.64
N SER B 169 61.46 -23.49 6.58
CA SER B 169 61.63 -23.11 7.99
C SER B 169 62.77 -22.10 8.17
N ARG B 170 63.82 -22.21 7.36
CA ARG B 170 64.95 -21.28 7.41
C ARG B 170 64.57 -19.91 6.84
N ILE B 171 63.70 -19.90 5.82
CA ILE B 171 63.16 -18.66 5.28
C ILE B 171 62.29 -17.92 6.31
N LEU B 172 61.44 -18.67 7.02
CA LEU B 172 60.59 -18.13 8.10
C LEU B 172 61.39 -17.44 9.20
N TYR B 173 62.53 -18.04 9.57
CA TYR B 173 63.43 -17.50 10.57
C TYR B 173 64.00 -16.15 10.11
N SER B 174 64.36 -16.08 8.82
CA SER B 174 64.97 -14.88 8.24
C SER B 174 63.98 -13.74 7.99
N ILE B 175 62.69 -14.08 7.95
CA ILE B 175 61.63 -13.06 7.85
C ILE B 175 61.24 -12.57 9.25
N SER B 176 61.00 -13.51 10.17
CA SER B 176 60.65 -13.20 11.56
C SER B 176 61.68 -12.32 12.27
N LYS B 177 62.90 -12.84 12.43
CA LYS B 177 63.96 -12.11 13.12
C LYS B 177 64.67 -11.09 12.24
N ARG B 178 64.30 -11.03 10.97
CA ARG B 178 64.83 -10.04 10.02
C ARG B 178 66.36 -10.07 9.93
N GLU B 179 66.93 -11.27 9.91
CA GLU B 179 68.38 -11.45 9.79
C GLU B 179 68.71 -12.54 8.77
N VAL B 180 69.36 -12.15 7.68
CA VAL B 180 69.63 -13.06 6.55
C VAL B 180 70.99 -13.75 6.63
N ASP B 181 71.79 -13.39 7.63
CA ASP B 181 73.15 -13.91 7.78
C ASP B 181 73.17 -15.43 7.77
N ASP B 182 72.23 -16.04 8.49
CA ASP B 182 72.08 -17.49 8.54
C ASP B 182 71.61 -18.07 7.21
N LEU B 183 70.66 -17.38 6.56
CA LEU B 183 70.11 -17.81 5.27
C LEU B 183 71.17 -17.77 4.16
N VAL B 184 72.03 -16.75 4.21
CA VAL B 184 73.13 -16.62 3.25
C VAL B 184 74.11 -17.78 3.47
N GLU B 185 74.33 -18.12 4.73
CA GLU B 185 75.32 -19.12 5.12
C GLU B 185 74.82 -20.56 4.90
N ASN B 186 73.60 -20.85 5.35
CA ASN B 186 73.18 -22.24 5.56
C ASN B 186 72.08 -22.83 4.66
N LEU B 187 71.50 -22.02 3.77
CA LEU B 187 70.44 -22.51 2.89
C LEU B 187 70.99 -23.27 1.67
N ASP B 188 70.13 -24.04 1.02
CA ASP B 188 70.43 -24.67 -0.28
C ASP B 188 70.84 -23.60 -1.28
N VAL B 189 72.06 -23.75 -1.82
CA VAL B 189 72.70 -22.69 -2.61
C VAL B 189 72.21 -22.59 -4.07
N SER B 190 71.29 -23.48 -4.45
CA SER B 190 70.59 -23.32 -5.72
C SER B 190 69.41 -22.39 -5.51
N GLN B 191 68.93 -22.32 -4.26
CA GLN B 191 67.86 -21.40 -3.88
C GLN B 191 68.38 -19.97 -3.70
N TRP B 192 69.47 -19.64 -4.39
CA TRP B 192 70.16 -18.35 -4.22
C TRP B 192 69.30 -17.14 -4.58
N LYS B 193 68.35 -17.33 -5.50
CA LYS B 193 67.41 -16.28 -5.91
C LYS B 193 66.45 -15.87 -4.79
N PHE B 194 66.10 -16.82 -3.92
CA PHE B 194 65.28 -16.53 -2.75
C PHE B 194 66.07 -15.70 -1.76
N ILE B 195 67.37 -15.99 -1.65
CA ILE B 195 68.27 -15.21 -0.81
C ILE B 195 68.55 -13.83 -1.42
N SER B 196 68.41 -13.72 -2.75
CA SER B 196 68.53 -12.44 -3.44
C SER B 196 67.39 -11.48 -3.06
N LYS B 197 66.15 -11.97 -3.13
CA LYS B 197 64.97 -11.18 -2.78
C LYS B 197 64.91 -10.80 -1.31
N ALA B 198 65.37 -11.73 -0.45
CA ALA B 198 65.38 -11.53 0.99
C ALA B 198 66.19 -10.32 1.42
N ILE B 199 67.33 -10.09 0.74
CA ILE B 199 68.19 -8.94 1.00
C ILE B 199 67.48 -7.64 0.58
N GLN B 200 66.93 -7.64 -0.63
CA GLN B 200 66.28 -6.48 -1.21
C GLN B 200 65.02 -6.06 -0.42
N ASN B 201 64.48 -7.00 0.35
CA ASN B 201 63.32 -6.74 1.19
C ASN B 201 63.67 -6.56 2.67
N LEU B 202 64.90 -6.86 3.06
CA LEU B 202 65.38 -6.61 4.41
C LEU B 202 66.03 -5.22 4.51
N TYR B 203 66.80 -4.88 3.48
CA TYR B 203 67.44 -3.57 3.43
C TYR B 203 67.05 -2.78 2.17
N PRO B 204 65.77 -2.34 2.08
CA PRO B 204 65.45 -1.41 1.01
C PRO B 204 66.06 -0.05 1.36
N ASN B 205 66.29 0.15 2.65
CA ASN B 205 66.92 1.35 3.17
C ASN B 205 68.18 1.06 4.01
N ASP B 206 69.19 0.47 3.35
CA ASP B 206 70.51 0.25 3.94
C ASP B 206 71.50 -0.30 2.90
N ILE B 207 72.00 0.59 2.04
CA ILE B 207 72.93 0.22 0.96
C ILE B 207 74.18 -0.52 1.46
N ALA B 208 74.75 -0.06 2.57
CA ALA B 208 76.00 -0.62 3.11
C ALA B 208 75.84 -2.08 3.54
N GLN B 209 74.73 -2.37 4.23
CA GLN B 209 74.46 -3.73 4.70
C GLN B 209 74.00 -4.63 3.56
N ARG B 210 73.24 -4.06 2.62
CA ARG B 210 72.74 -4.77 1.44
C ARG B 210 73.89 -5.39 0.66
N ASN B 211 74.88 -4.56 0.33
CA ASN B 211 76.06 -5.00 -0.41
C ASN B 211 76.82 -6.13 0.29
N GLU B 212 77.17 -5.90 1.55
CA GLU B 212 77.92 -6.88 2.35
C GLU B 212 77.31 -8.28 2.26
N MET B 213 75.98 -8.37 2.29
CA MET B 213 75.28 -9.65 2.24
C MET B 213 75.23 -10.25 0.84
N LEU B 214 74.99 -9.40 -0.16
CA LEU B 214 75.04 -9.82 -1.57
C LEU B 214 76.45 -10.27 -1.98
N ILE B 215 77.47 -9.67 -1.35
CA ILE B 215 78.86 -10.11 -1.52
C ILE B 215 79.07 -11.45 -0.81
N LYS B 216 78.59 -11.54 0.44
CA LYS B 216 78.68 -12.76 1.24
C LYS B 216 78.05 -13.96 0.53
N LEU B 217 76.90 -13.74 -0.11
CA LEU B 217 76.25 -14.76 -0.93
C LEU B 217 77.01 -14.99 -2.23
N GLY B 218 77.56 -13.92 -2.79
CA GLY B 218 78.35 -14.02 -4.03
C GLY B 218 79.64 -14.79 -3.82
N ASP B 219 80.27 -14.57 -2.66
CA ASP B 219 81.50 -15.27 -2.27
C ASP B 219 81.22 -16.71 -1.88
N ARG B 220 79.94 -17.02 -1.71
CA ARG B 220 79.51 -18.38 -1.40
C ARG B 220 79.11 -19.13 -2.66
N LEU B 221 78.57 -18.41 -3.64
CA LEU B 221 78.32 -18.99 -4.97
C LEU B 221 79.63 -19.36 -5.67
N LYS B 222 80.64 -18.53 -5.50
CA LYS B 222 81.97 -18.78 -6.04
C LYS B 222 82.65 -20.00 -5.38
N GLU B 223 82.47 -20.12 -4.07
CA GLU B 223 83.06 -21.23 -3.30
C GLU B 223 82.39 -22.56 -3.66
N ASN B 224 81.20 -22.48 -4.25
CA ASN B 224 80.42 -23.67 -4.58
C ASN B 224 80.24 -23.94 -6.08
N GLY B 225 80.89 -23.12 -6.91
CA GLY B 225 80.95 -23.39 -8.35
C GLY B 225 80.00 -22.63 -9.25
N HIS B 226 79.17 -21.76 -8.67
CA HIS B 226 78.22 -20.95 -9.43
C HIS B 226 78.86 -19.64 -9.89
N ARG B 227 79.83 -19.75 -10.82
CA ARG B 227 80.61 -18.61 -11.30
C ARG B 227 79.76 -17.56 -12.01
N GLN B 228 78.90 -18.02 -12.93
CA GLN B 228 78.02 -17.13 -13.69
C GLN B 228 77.00 -16.46 -12.77
N ASP B 229 76.43 -17.24 -11.86
CA ASP B 229 75.50 -16.73 -10.85
C ASP B 229 76.16 -15.79 -9.84
N SER B 230 77.43 -16.01 -9.54
CA SER B 230 78.16 -15.16 -8.59
C SER B 230 78.38 -13.74 -9.14
N LEU B 231 78.78 -13.65 -10.41
CA LEU B 231 79.05 -12.36 -11.06
C LEU B 231 77.79 -11.49 -11.13
N THR B 232 76.63 -12.15 -11.25
CA THR B 232 75.33 -11.48 -11.21
C THR B 232 75.13 -10.74 -9.88
N LEU B 233 75.55 -11.36 -8.79
CA LEU B 233 75.43 -10.74 -7.46
C LEU B 233 76.52 -9.70 -7.20
N TYR B 234 77.68 -9.89 -7.83
CA TYR B 234 78.78 -8.95 -7.73
C TYR B 234 78.49 -7.67 -8.50
N LEU B 235 77.78 -7.81 -9.61
CA LEU B 235 77.27 -6.68 -10.39
C LEU B 235 76.17 -5.97 -9.61
N ALA B 236 75.35 -6.74 -8.89
CA ALA B 236 74.22 -6.21 -8.14
C ALA B 236 74.64 -5.51 -6.86
N ALA B 237 75.82 -5.84 -6.36
CA ALA B 237 76.36 -5.19 -5.16
C ALA B 237 77.43 -4.13 -5.49
N GLY B 238 77.61 -3.86 -6.79
CA GLY B 238 78.57 -2.85 -7.25
C GLY B 238 79.97 -3.00 -6.69
N SER B 239 80.64 -4.08 -7.07
CA SER B 239 81.97 -4.38 -6.53
C SER B 239 82.92 -4.95 -7.59
N LEU B 240 83.78 -4.10 -8.12
CA LEU B 240 84.80 -4.51 -9.10
C LEU B 240 85.76 -5.52 -8.49
N ASP B 241 86.18 -5.27 -7.25
CA ASP B 241 87.24 -6.04 -6.57
C ASP B 241 87.07 -7.55 -6.70
N LYS B 242 85.83 -8.02 -6.54
CA LYS B 242 85.52 -9.44 -6.60
C LYS B 242 85.55 -9.98 -8.02
N VAL B 243 84.87 -9.29 -8.94
CA VAL B 243 84.86 -9.67 -10.37
C VAL B 243 86.27 -9.66 -10.96
N ALA B 244 87.08 -8.68 -10.56
CA ALA B 244 88.48 -8.60 -10.96
C ALA B 244 89.29 -9.78 -10.40
N SER B 245 89.00 -10.15 -9.15
CA SER B 245 89.61 -11.34 -8.54
C SER B 245 89.21 -12.63 -9.25
N ILE B 246 87.95 -12.70 -9.70
CA ILE B 246 87.44 -13.85 -10.46
C ILE B 246 88.20 -13.99 -11.78
N TRP B 247 88.40 -12.86 -12.46
CA TRP B 247 89.07 -12.84 -13.76
C TRP B 247 90.59 -12.93 -13.70
N LEU B 248 91.18 -12.50 -12.59
CA LEU B 248 92.63 -12.56 -12.40
C LEU B 248 93.11 -13.97 -12.04
N SER B 249 92.23 -14.76 -11.44
CA SER B 249 92.53 -16.16 -11.14
C SER B 249 92.40 -17.04 -12.39
N GLU B 250 91.62 -16.55 -13.36
CA GLU B 250 91.42 -17.25 -14.64
C GLU B 250 92.42 -16.78 -15.69
N PHE B 251 93.28 -15.83 -15.31
CA PHE B 251 94.21 -15.19 -16.24
C PHE B 251 95.27 -16.15 -16.83
N PRO B 252 96.09 -16.82 -15.97
CA PRO B 252 97.17 -17.66 -16.50
C PRO B 252 96.68 -18.88 -17.29
N ASP B 253 95.46 -19.33 -17.03
CA ASP B 253 94.87 -20.41 -17.81
C ASP B 253 94.43 -19.93 -19.20
N LEU B 254 93.81 -18.75 -19.24
CA LEU B 254 93.35 -18.14 -20.49
C LEU B 254 94.52 -17.64 -21.34
N GLU B 255 95.66 -17.41 -20.70
CA GLU B 255 96.90 -17.02 -21.37
C GLU B 255 97.56 -18.23 -22.00
N ASP B 256 97.52 -19.37 -21.30
CA ASP B 256 98.14 -20.60 -21.77
C ASP B 256 97.30 -21.35 -22.81
N LYS B 257 96.13 -20.81 -23.15
CA LYS B 257 95.28 -21.37 -24.19
C LYS B 257 95.44 -20.66 -25.53
N LEU B 258 95.97 -19.44 -25.49
CA LEU B 258 96.33 -18.71 -26.70
C LEU B 258 97.71 -19.13 -27.22
N LYS B 259 98.53 -19.66 -26.32
CA LYS B 259 99.83 -20.27 -26.67
C LYS B 259 99.63 -21.59 -27.44
N LYS B 260 98.53 -22.28 -27.13
CA LYS B 260 98.14 -23.50 -27.85
C LYS B 260 97.39 -23.17 -29.15
N ASP B 261 96.91 -21.93 -29.25
CA ASP B 261 96.13 -21.47 -30.39
C ASP B 261 97.04 -20.92 -31.52
N ASN B 262 98.21 -21.56 -31.67
CA ASN B 262 99.22 -21.14 -32.65
C ASN B 262 99.61 -19.66 -32.55
N LYS B 263 100.15 -19.26 -31.40
CA LYS B 263 100.64 -17.90 -31.18
C LYS B 263 101.91 -17.86 -30.33
N THR B 264 102.80 -16.93 -30.67
CA THR B 264 104.10 -16.79 -29.96
C THR B 264 103.92 -16.32 -28.52
N ILE B 265 104.94 -16.56 -27.70
CA ILE B 265 104.95 -16.13 -26.29
C ILE B 265 104.50 -14.67 -26.13
N TYR B 266 104.96 -13.80 -27.03
CA TYR B 266 104.58 -12.38 -26.97
C TYR B 266 103.14 -12.13 -27.42
N GLU B 267 102.76 -12.69 -28.57
CA GLU B 267 101.38 -12.58 -29.08
C GLU B 267 100.36 -13.07 -28.05
N ALA B 268 100.71 -14.12 -27.32
CA ALA B 268 99.88 -14.66 -26.24
C ALA B 268 99.73 -13.65 -25.11
N HIS B 269 100.86 -13.10 -24.67
CA HIS B 269 100.89 -12.11 -23.58
C HIS B 269 100.21 -10.82 -24.00
N SER B 270 100.52 -10.36 -25.22
CA SER B 270 99.96 -9.14 -25.79
C SER B 270 98.43 -9.22 -25.93
N GLU B 271 97.95 -10.36 -26.39
CA GLU B 271 96.53 -10.53 -26.66
C GLU B 271 95.72 -10.76 -25.38
N CYS B 272 96.29 -11.53 -24.46
CA CYS B 272 95.64 -11.82 -23.18
C CYS B 272 95.47 -10.59 -22.32
N LEU B 273 96.43 -9.66 -22.41
CA LEU B 273 96.32 -8.37 -21.74
C LEU B 273 95.24 -7.52 -22.39
N THR B 274 95.37 -7.32 -23.71
CA THR B 274 94.43 -6.50 -24.48
C THR B 274 92.98 -6.94 -24.25
N GLU B 275 92.72 -8.25 -24.34
CA GLU B 275 91.38 -8.79 -24.13
C GLU B 275 90.86 -8.55 -22.71
N PHE B 276 91.64 -8.97 -21.72
CA PHE B 276 91.28 -8.81 -20.31
C PHE B 276 90.96 -7.36 -19.97
N ILE B 277 91.86 -6.45 -20.35
CA ILE B 277 91.68 -5.01 -20.16
C ILE B 277 90.39 -4.55 -20.86
N GLU B 278 90.24 -4.90 -22.14
CA GLU B 278 89.08 -4.50 -22.91
C GLU B 278 87.80 -4.90 -22.22
N ARG B 279 87.74 -6.15 -21.75
CA ARG B 279 86.59 -6.70 -21.04
C ARG B 279 86.34 -5.99 -19.72
N PHE B 280 87.39 -5.83 -18.92
CA PHE B 280 87.31 -5.18 -17.61
C PHE B 280 86.78 -3.75 -17.69
N THR B 281 87.10 -3.07 -18.78
CA THR B 281 86.72 -1.67 -19.00
C THR B 281 85.26 -1.55 -19.44
N VAL B 282 84.81 -2.48 -20.28
CA VAL B 282 83.40 -2.50 -20.72
C VAL B 282 82.48 -2.83 -19.54
N PHE B 283 82.88 -3.80 -18.72
CA PHE B 283 82.14 -4.16 -17.52
C PHE B 283 82.24 -3.08 -16.43
N SER B 284 83.33 -2.32 -16.44
CA SER B 284 83.53 -1.20 -15.50
C SER B 284 82.47 -0.10 -15.66
N ASN B 285 81.96 0.04 -16.87
CA ASN B 285 81.01 1.10 -17.23
C ASN B 285 79.59 0.90 -16.67
N PHE B 286 79.18 -0.36 -16.52
CA PHE B 286 77.80 -0.67 -16.12
C PHE B 286 77.62 -0.86 -14.61
N ILE B 287 78.68 -0.59 -13.86
CA ILE B 287 78.71 -0.83 -12.41
C ILE B 287 79.03 0.45 -11.62
N ASN B 288 78.62 0.46 -10.35
CA ASN B 288 78.69 1.65 -9.51
C ASN B 288 79.76 1.56 -8.42
N GLY B 289 80.90 2.20 -8.66
CA GLY B 289 81.99 2.25 -7.68
C GLY B 289 83.38 2.35 -8.28
N ILE B 293 89.15 0.07 -5.82
CA ILE B 293 90.04 -0.19 -6.95
C ILE B 293 91.49 -0.23 -6.47
N ASN B 294 91.74 -1.05 -5.44
CA ASN B 294 93.06 -1.15 -4.79
C ASN B 294 93.65 -2.56 -4.80
N ASN B 295 93.13 -3.41 -5.69
CA ASN B 295 93.63 -4.78 -5.85
C ASN B 295 95.02 -4.79 -6.52
N GLU B 296 96.02 -5.19 -5.74
CA GLU B 296 97.43 -5.12 -6.17
C GLU B 296 97.76 -5.92 -7.44
N GLN B 297 97.02 -6.99 -7.70
CA GLN B 297 97.21 -7.77 -8.92
C GLN B 297 96.57 -7.05 -10.10
N LEU B 298 95.46 -6.37 -9.85
CA LEU B 298 94.76 -5.59 -10.88
C LEU B 298 95.60 -4.38 -11.30
N ILE B 299 96.17 -3.68 -10.32
CA ILE B 299 97.00 -2.50 -10.57
C ILE B 299 98.23 -2.87 -11.40
N ALA B 300 98.80 -4.04 -11.11
CA ALA B 300 99.97 -4.55 -11.82
C ALA B 300 99.66 -4.90 -13.28
N LYS B 301 98.52 -5.54 -13.51
CA LYS B 301 98.10 -5.89 -14.87
C LYS B 301 97.85 -4.64 -15.71
N PHE B 302 97.15 -3.67 -15.10
CA PHE B 302 96.96 -2.35 -15.70
C PHE B 302 98.31 -1.76 -16.12
N LEU B 303 99.27 -1.77 -15.19
CA LEU B 303 100.63 -1.27 -15.45
C LEU B 303 101.31 -1.94 -16.64
N GLU B 304 101.22 -3.27 -16.71
CA GLU B 304 101.76 -4.04 -17.84
C GLU B 304 101.19 -3.53 -19.16
N PHE B 305 99.91 -3.21 -19.15
CA PHE B 305 99.19 -2.68 -20.32
C PHE B 305 99.54 -1.21 -20.61
N ILE B 306 99.95 -0.48 -19.59
CA ILE B 306 100.40 0.92 -19.74
C ILE B 306 101.67 0.97 -20.61
N ASN B 307 102.61 0.07 -20.33
CA ASN B 307 103.84 -0.04 -21.10
C ASN B 307 103.61 -0.53 -22.53
N LEU B 308 102.56 -1.31 -22.71
CA LEU B 308 102.19 -1.81 -24.05
C LEU B 308 101.56 -0.72 -24.91
N THR B 309 100.67 0.07 -24.32
CA THR B 309 99.96 1.14 -25.03
C THR B 309 100.89 2.29 -25.40
N THR B 310 101.78 2.66 -24.49
CA THR B 310 102.77 3.71 -24.76
C THR B 310 103.74 3.33 -25.87
N SER B 311 104.09 2.04 -25.96
CA SER B 311 105.02 1.56 -26.97
C SER B 311 104.36 1.47 -28.34
N THR B 312 103.05 1.68 -28.39
CA THR B 312 102.34 1.79 -29.66
C THR B 312 102.33 3.24 -30.13
N GLY B 313 102.62 4.17 -29.22
CA GLY B 313 102.65 5.60 -29.52
C GLY B 313 101.45 6.37 -28.98
N ASN B 314 100.44 5.62 -28.55
CA ASN B 314 99.16 6.15 -28.07
C ASN B 314 99.21 6.59 -26.60
N PHE B 315 99.74 7.78 -26.36
CA PHE B 315 99.88 8.32 -24.99
C PHE B 315 98.53 8.73 -24.38
N GLU B 316 97.62 9.14 -25.23
CA GLU B 316 96.29 9.61 -24.82
C GLU B 316 95.55 8.54 -24.04
N LEU B 317 95.49 7.33 -24.60
CA LEU B 317 94.82 6.19 -24.00
C LEU B 317 95.52 5.70 -22.73
N ALA B 318 96.85 5.82 -22.70
CA ALA B 318 97.65 5.39 -21.55
C ALA B 318 97.43 6.28 -20.33
N THR B 319 97.32 7.59 -20.57
CA THR B 319 97.05 8.57 -19.52
C THR B 319 95.70 8.28 -18.85
N GLU B 320 94.70 7.99 -19.66
CA GLU B 320 93.35 7.66 -19.19
C GLU B 320 93.34 6.45 -18.25
N PHE B 321 94.23 5.49 -18.53
CA PHE B 321 94.35 4.28 -17.71
C PHE B 321 95.22 4.46 -16.47
N LEU B 322 96.10 5.46 -16.50
CA LEU B 322 96.92 5.80 -15.34
C LEU B 322 96.11 6.52 -14.27
N ASN B 323 95.17 7.36 -14.72
CA ASN B 323 94.29 8.12 -13.82
C ASN B 323 93.32 7.22 -13.04
N SER B 324 92.86 6.15 -13.69
CA SER B 324 91.91 5.20 -13.09
C SER B 324 92.47 4.55 -11.82
N LEU B 325 93.79 4.45 -11.75
CA LEU B 325 94.48 3.88 -10.60
C LEU B 325 94.68 4.93 -9.51
N PRO B 326 94.67 4.50 -8.23
CA PRO B 326 94.99 5.41 -7.13
C PRO B 326 96.44 5.88 -7.23
N SER B 327 96.69 7.15 -6.92
CA SER B 327 98.03 7.74 -7.03
C SER B 327 98.79 7.72 -5.69
N ASP B 328 98.79 6.56 -5.04
CA ASP B 328 99.54 6.35 -3.82
C ASP B 328 100.89 5.71 -4.15
N ASN B 329 100.88 4.84 -5.14
CA ASN B 329 102.06 4.09 -5.57
C ASN B 329 103.10 4.98 -6.27
N GLU B 330 104.38 4.71 -5.99
CA GLU B 330 105.48 5.46 -6.61
C GLU B 330 105.64 5.15 -8.10
N GLU B 331 105.45 3.90 -8.49
CA GLU B 331 105.57 3.47 -9.88
C GLU B 331 104.49 4.10 -10.76
N VAL B 332 103.26 4.14 -10.25
CA VAL B 332 102.15 4.79 -10.94
C VAL B 332 102.41 6.29 -11.06
N LYS B 333 102.89 6.89 -9.97
CA LYS B 333 103.26 8.31 -9.94
C LYS B 333 104.35 8.63 -10.97
N THR B 334 105.37 7.77 -11.02
CA THR B 334 106.49 7.94 -11.96
C THR B 334 106.03 7.70 -13.41
N GLU B 335 105.17 6.70 -13.59
CA GLU B 335 104.63 6.39 -14.93
C GLU B 335 103.68 7.44 -15.46
N LYS B 336 102.95 8.10 -14.55
CA LYS B 336 102.15 9.27 -14.90
C LYS B 336 103.09 10.39 -15.39
N ALA B 337 104.15 10.63 -14.61
CA ALA B 337 105.15 11.66 -14.92
C ALA B 337 105.92 11.40 -16.21
N ARG B 338 106.20 10.12 -16.49
CA ARG B 338 106.90 9.75 -17.72
C ARG B 338 106.12 10.15 -18.97
N VAL B 339 104.90 9.64 -19.07
CA VAL B 339 104.01 9.91 -20.20
C VAL B 339 103.71 11.41 -20.28
N LEU B 340 103.59 12.04 -19.12
CA LEU B 340 103.31 13.47 -19.00
C LEU B 340 104.28 14.31 -19.82
N ILE B 341 105.58 14.11 -19.60
CA ILE B 341 106.62 14.84 -20.33
C ILE B 341 106.86 14.25 -21.74
N ALA B 342 106.57 12.96 -21.89
CA ALA B 342 106.79 12.26 -23.16
C ALA B 342 105.91 12.77 -24.31
N SER B 343 104.63 12.97 -24.03
CA SER B 343 103.69 13.46 -25.05
C SER B 343 103.87 14.95 -25.34
N GLY B 344 104.03 15.74 -24.28
CA GLY B 344 104.23 17.18 -24.40
C GLY B 344 105.68 17.54 -24.65
N VAL C 2 110.38 13.95 -39.75
CA VAL C 2 111.03 14.70 -38.64
C VAL C 2 112.56 14.59 -38.74
N VAL C 3 113.10 15.10 -39.85
CA VAL C 3 114.52 15.02 -40.14
C VAL C 3 115.27 16.23 -39.61
N ILE C 4 116.28 15.97 -38.78
CA ILE C 4 117.19 17.01 -38.31
C ILE C 4 118.42 16.95 -39.19
N ALA C 5 118.30 17.57 -40.36
CA ALA C 5 119.37 17.60 -41.36
C ALA C 5 120.53 18.48 -40.89
N ASN C 6 121.71 18.23 -41.44
CA ASN C 6 122.94 18.95 -41.08
C ASN C 6 123.07 19.31 -39.60
N ALA C 7 123.27 18.28 -38.78
CA ALA C 7 123.47 18.44 -37.35
C ALA C 7 124.95 18.75 -37.07
N HIS C 8 125.83 17.95 -37.68
CA HIS C 8 127.26 18.17 -37.62
C HIS C 8 127.81 18.37 -39.03
N ASN C 9 129.01 18.92 -39.13
CA ASN C 9 129.70 19.04 -40.41
C ASN C 9 130.60 17.84 -40.71
N GLU C 10 130.78 16.98 -39.70
CA GLU C 10 131.53 15.74 -39.87
C GLU C 10 130.59 14.54 -39.72
N LEU C 11 131.03 13.36 -40.13
CA LEU C 11 130.23 12.14 -40.03
C LEU C 11 129.76 11.89 -38.59
N ILE C 12 128.47 11.59 -38.44
CA ILE C 12 127.84 11.32 -37.15
C ILE C 12 127.92 9.82 -36.83
N HIS C 13 128.27 9.50 -35.59
CA HIS C 13 128.49 8.11 -35.18
C HIS C 13 127.34 7.53 -34.36
N ASP C 14 126.53 8.41 -33.79
CA ASP C 14 125.44 7.99 -32.93
C ASP C 14 124.43 9.13 -32.74
N ALA C 15 123.16 8.74 -32.59
CA ALA C 15 122.08 9.67 -32.29
C ALA C 15 121.09 8.93 -31.41
N VAL C 16 120.89 9.42 -30.19
CA VAL C 16 120.00 8.78 -29.22
C VAL C 16 119.02 9.77 -28.59
N LEU C 17 117.76 9.39 -28.52
CA LEU C 17 116.75 10.13 -27.77
C LEU C 17 116.80 9.77 -26.29
N ASP C 18 116.19 10.62 -25.46
CA ASP C 18 116.18 10.41 -24.02
C ASP C 18 115.01 9.51 -23.59
N TYR C 19 114.84 9.40 -22.27
CA TYR C 19 113.83 8.57 -21.64
C TYR C 19 112.39 8.91 -22.02
N TYR C 20 112.14 10.16 -22.35
CA TYR C 20 110.80 10.62 -22.75
C TYR C 20 110.58 10.50 -24.26
N GLY C 21 111.68 10.34 -24.99
CA GLY C 21 111.65 10.28 -26.45
C GLY C 21 111.48 11.66 -27.04
N LYS C 22 112.11 12.66 -26.42
CA LYS C 22 111.94 14.06 -26.80
C LYS C 22 113.27 14.77 -27.07
N ARG C 23 114.23 14.54 -26.20
CA ARG C 23 115.51 15.23 -26.23
C ARG C 23 116.55 14.37 -26.92
N LEU C 24 117.18 14.92 -27.96
CA LEU C 24 118.13 14.17 -28.79
C LEU C 24 119.59 14.48 -28.44
N ALA C 25 120.43 13.45 -28.48
CA ALA C 25 121.87 13.62 -28.27
C ALA C 25 122.67 12.98 -29.40
N THR C 26 123.47 13.78 -30.09
CA THR C 26 124.26 13.31 -31.24
C THR C 26 125.76 13.50 -31.01
N CYS C 27 126.57 12.61 -31.55
CA CYS C 27 128.02 12.67 -31.39
C CYS C 27 128.76 12.33 -32.69
N SER C 28 129.88 13.00 -32.96
CA SER C 28 130.54 12.82 -34.26
C SER C 28 132.06 12.97 -34.23
N SER C 29 132.66 12.80 -35.41
CA SER C 29 134.11 12.89 -35.61
C SER C 29 134.67 14.28 -35.29
N ASP C 30 133.81 15.30 -35.29
CA ASP C 30 134.22 16.65 -34.89
C ASP C 30 134.55 16.78 -33.39
N LYS C 31 134.52 15.65 -32.68
CA LYS C 31 134.88 15.55 -31.26
C LYS C 31 133.85 16.19 -30.32
N THR C 32 132.63 16.39 -30.80
CA THR C 32 131.62 17.11 -30.03
C THR C 32 130.26 16.39 -29.91
N ILE C 33 129.56 16.66 -28.81
CA ILE C 33 128.18 16.21 -28.62
C ILE C 33 127.25 17.38 -28.94
N LYS C 34 126.11 17.09 -29.56
CA LYS C 34 125.10 18.13 -29.79
C LYS C 34 123.75 17.72 -29.23
N ILE C 35 123.10 18.64 -28.53
CA ILE C 35 121.81 18.40 -27.88
C ILE C 35 120.70 19.17 -28.57
N PHE C 36 119.68 18.44 -29.02
CA PHE C 36 118.54 19.02 -29.72
C PHE C 36 117.25 18.79 -28.95
N GLU C 37 116.44 19.83 -28.82
CA GLU C 37 115.04 19.70 -28.39
C GLU C 37 114.19 19.41 -29.62
N VAL C 38 113.27 18.46 -29.49
CA VAL C 38 112.40 18.08 -30.61
C VAL C 38 110.92 18.13 -30.21
N GLU C 39 110.11 18.72 -31.08
CA GLU C 39 108.66 18.78 -30.88
C GLU C 39 107.90 18.20 -32.08
N GLY C 40 107.38 19.08 -32.93
CA GLY C 40 106.68 18.67 -34.14
C GLY C 40 107.66 18.29 -35.24
N GLU C 41 107.67 19.05 -36.32
CA GLU C 41 108.64 18.88 -37.39
C GLU C 41 109.77 19.90 -37.25
N THR C 42 109.94 20.40 -36.03
CA THR C 42 110.93 21.43 -35.73
C THR C 42 111.97 20.95 -34.73
N HIS C 43 113.23 21.32 -34.97
CA HIS C 43 114.29 21.08 -34.00
C HIS C 43 114.98 22.37 -33.57
N LYS C 44 115.68 22.31 -32.44
CA LYS C 44 116.36 23.47 -31.86
C LYS C 44 117.66 23.01 -31.19
N LEU C 45 118.78 23.57 -31.62
CA LEU C 45 120.08 23.24 -31.02
C LEU C 45 120.25 23.94 -29.67
N ILE C 46 120.30 23.16 -28.61
CA ILE C 46 120.40 23.69 -27.24
C ILE C 46 121.83 24.06 -26.88
N ASP C 47 122.77 23.17 -27.17
CA ASP C 47 124.17 23.37 -26.79
C ASP C 47 125.10 22.50 -27.63
N THR C 48 126.40 22.77 -27.53
CA THR C 48 127.43 21.89 -28.06
C THR C 48 128.41 21.58 -26.92
N LEU C 49 128.67 20.30 -26.72
CA LEU C 49 129.45 19.82 -25.58
C LEU C 49 130.84 19.38 -26.01
N THR C 50 131.84 20.16 -25.64
CA THR C 50 133.21 19.95 -26.11
C THR C 50 134.10 19.51 -24.96
N GLY C 51 135.08 18.66 -25.27
CA GLY C 51 136.02 18.15 -24.27
C GLY C 51 136.74 16.92 -24.77
N HIS C 52 136.07 16.16 -25.63
CA HIS C 52 136.67 14.97 -26.25
C HIS C 52 137.80 15.36 -27.20
N GLU C 53 138.86 14.57 -27.16
CA GLU C 53 140.09 14.83 -27.90
C GLU C 53 140.17 13.91 -29.13
N GLY C 54 139.09 13.16 -29.34
CA GLY C 54 138.97 12.27 -30.49
C GLY C 54 137.52 12.11 -30.88
N PRO C 55 137.25 11.38 -31.98
CA PRO C 55 135.87 11.17 -32.45
C PRO C 55 135.00 10.55 -31.35
N VAL C 56 133.80 11.08 -31.17
CA VAL C 56 132.88 10.55 -30.15
C VAL C 56 132.08 9.40 -30.76
N TRP C 57 132.18 8.23 -30.12
CA TRP C 57 131.61 7.01 -30.67
C TRP C 57 130.16 6.77 -30.30
N ARG C 58 129.82 6.91 -29.02
CA ARG C 58 128.48 6.59 -28.52
C ARG C 58 128.05 7.42 -27.32
N VAL C 59 126.73 7.56 -27.18
CA VAL C 59 126.14 8.33 -26.09
C VAL C 59 124.97 7.59 -25.43
N ASP C 60 124.70 7.89 -24.16
CA ASP C 60 123.56 7.31 -23.46
C ASP C 60 122.98 8.22 -22.36
N TRP C 61 121.66 8.22 -22.24
CA TRP C 61 120.93 9.04 -21.29
C TRP C 61 120.66 8.27 -20.00
N ALA C 62 120.93 8.91 -18.88
CA ALA C 62 120.57 8.38 -17.58
C ALA C 62 119.08 8.59 -17.36
N HIS C 63 118.47 7.74 -16.52
CA HIS C 63 117.10 7.92 -16.10
C HIS C 63 116.95 9.29 -15.42
N PRO C 64 115.86 10.02 -15.74
CA PRO C 64 115.63 11.38 -15.24
C PRO C 64 115.68 11.53 -13.72
N LYS C 65 115.43 10.44 -12.99
CA LYS C 65 115.38 10.47 -11.52
C LYS C 65 116.75 10.75 -10.90
N PHE C 66 117.81 10.57 -11.69
CA PHE C 66 119.15 10.94 -11.27
C PHE C 66 119.51 12.36 -11.69
N GLY C 67 118.59 13.01 -12.41
CA GLY C 67 118.84 14.31 -13.01
C GLY C 67 118.99 14.14 -14.51
N THR C 68 119.18 15.24 -15.24
CA THR C 68 119.38 15.16 -16.69
C THR C 68 120.87 14.95 -17.06
N ILE C 69 121.30 13.70 -16.95
CA ILE C 69 122.69 13.29 -17.18
C ILE C 69 122.88 12.63 -18.56
N LEU C 70 124.09 12.76 -19.09
CA LEU C 70 124.47 12.08 -20.32
C LEU C 70 125.92 11.61 -20.26
N ALA C 71 126.12 10.32 -20.51
CA ALA C 71 127.46 9.78 -20.70
C ALA C 71 127.82 9.75 -22.17
N SER C 72 129.10 9.98 -22.47
CA SER C 72 129.61 9.86 -23.82
C SER C 72 130.94 9.13 -23.78
N CYS C 73 131.35 8.55 -24.90
CA CYS C 73 132.61 7.82 -24.96
C CYS C 73 133.34 8.14 -26.27
N SER C 74 134.67 8.01 -26.26
CA SER C 74 135.46 8.40 -27.42
C SER C 74 136.69 7.54 -27.72
N TYR C 75 137.25 7.78 -28.91
CA TYR C 75 138.52 7.22 -29.34
C TYR C 75 139.65 7.73 -28.43
N ASP C 76 139.43 8.88 -27.79
CA ASP C 76 140.43 9.49 -26.91
C ASP C 76 140.76 8.66 -25.66
N GLY C 77 139.92 7.67 -25.38
CA GLY C 77 140.10 6.74 -24.26
C GLY C 77 139.35 7.11 -23.00
N LYS C 78 138.39 8.02 -23.13
CA LYS C 78 137.69 8.57 -21.97
C LYS C 78 136.17 8.52 -22.10
N VAL C 79 135.50 8.51 -20.95
CA VAL C 79 134.07 8.67 -20.88
C VAL C 79 133.83 10.01 -20.18
N LEU C 80 133.03 10.87 -20.80
CA LEU C 80 132.71 12.17 -20.21
C LEU C 80 131.23 12.24 -19.87
N ILE C 81 130.93 12.73 -18.68
CA ILE C 81 129.57 12.79 -18.16
C ILE C 81 129.12 14.25 -18.10
N TRP C 82 127.98 14.53 -18.74
CA TRP C 82 127.44 15.87 -18.87
C TRP C 82 126.08 15.96 -18.19
N LYS C 83 125.80 17.11 -17.59
CA LYS C 83 124.51 17.34 -16.92
C LYS C 83 123.85 18.62 -17.43
N GLU C 84 122.52 18.67 -17.36
CA GLU C 84 121.78 19.91 -17.58
C GLU C 84 121.15 20.39 -16.27
N GLU C 85 121.99 20.98 -15.42
CA GLU C 85 121.52 21.63 -14.20
C GLU C 85 121.67 23.13 -14.33
N ASN C 86 120.74 23.85 -13.68
CA ASN C 86 120.67 25.31 -13.71
C ASN C 86 120.60 25.87 -15.14
N GLY C 87 119.85 25.18 -16.00
CA GLY C 87 119.57 25.64 -17.37
C GLY C 87 120.76 25.65 -18.32
N ARG C 88 121.90 25.13 -17.87
CA ARG C 88 123.10 25.05 -18.71
C ARG C 88 123.74 23.67 -18.65
N TRP C 89 124.46 23.32 -19.72
CA TRP C 89 125.17 22.05 -19.83
C TRP C 89 126.63 22.20 -19.46
N SER C 90 127.13 21.27 -18.64
CA SER C 90 128.54 21.25 -18.24
C SER C 90 129.04 19.83 -17.99
N GLN C 91 130.34 19.63 -18.18
CA GLN C 91 131.00 18.36 -17.85
C GLN C 91 131.24 18.28 -16.34
N ILE C 92 130.65 17.27 -15.70
CA ILE C 92 130.79 17.09 -14.25
C ILE C 92 131.77 15.97 -13.84
N ALA C 93 131.83 14.90 -14.64
CA ALA C 93 132.71 13.76 -14.32
C ALA C 93 133.54 13.27 -15.51
N VAL C 94 134.69 12.67 -15.19
CA VAL C 94 135.56 12.07 -16.21
C VAL C 94 136.03 10.69 -15.78
N HIS C 95 135.67 9.68 -16.58
CA HIS C 95 136.08 8.31 -16.36
C HIS C 95 137.18 7.94 -17.36
N ALA C 96 138.42 7.85 -16.85
CA ALA C 96 139.62 7.70 -17.70
C ALA C 96 140.49 6.53 -17.25
N VAL C 97 139.93 5.32 -17.30
CA VAL C 97 140.61 4.12 -16.80
C VAL C 97 141.16 3.22 -17.91
N HIS C 98 140.65 3.40 -19.12
CA HIS C 98 141.06 2.56 -20.25
C HIS C 98 142.20 3.16 -21.05
N SER C 99 143.09 2.28 -21.52
CA SER C 99 144.33 2.69 -22.19
C SER C 99 144.19 2.63 -23.71
N ALA C 100 142.95 2.67 -24.19
CA ALA C 100 142.63 2.65 -25.61
C ALA C 100 141.22 3.16 -25.83
N SER C 101 140.81 3.20 -27.10
CA SER C 101 139.49 3.71 -27.51
C SER C 101 138.33 3.12 -26.71
N VAL C 102 137.42 3.96 -26.26
CA VAL C 102 136.24 3.50 -25.55
C VAL C 102 135.06 3.48 -26.53
N ASN C 103 134.65 2.28 -26.89
CA ASN C 103 133.70 2.07 -27.97
C ASN C 103 132.24 2.14 -27.55
N SER C 104 131.93 1.73 -26.32
CA SER C 104 130.54 1.61 -25.88
C SER C 104 130.32 2.08 -24.46
N VAL C 105 129.16 2.69 -24.24
CA VAL C 105 128.81 3.28 -22.96
C VAL C 105 127.29 3.15 -22.72
N GLN C 106 126.89 2.57 -21.59
CA GLN C 106 125.46 2.33 -21.32
C GLN C 106 125.08 2.39 -19.87
N TRP C 107 124.00 3.12 -19.58
CA TRP C 107 123.46 3.24 -18.23
C TRP C 107 122.63 2.03 -17.85
N ALA C 108 122.79 1.60 -16.61
CA ALA C 108 122.08 0.44 -16.05
C ALA C 108 120.58 0.69 -15.91
N PRO C 109 119.78 -0.38 -15.68
CA PRO C 109 118.40 -0.17 -15.25
C PRO C 109 118.38 0.72 -14.01
N HIS C 110 117.44 1.65 -13.95
CA HIS C 110 117.42 2.67 -12.88
C HIS C 110 117.41 2.05 -11.48
N GLU C 111 116.89 0.83 -11.38
CA GLU C 111 116.85 0.06 -10.14
C GLU C 111 118.22 -0.01 -9.45
N TYR C 112 119.25 -0.26 -10.25
CA TYR C 112 120.60 -0.47 -9.72
C TYR C 112 121.22 0.81 -9.19
N GLY C 113 120.95 1.91 -9.88
CA GLY C 113 121.53 3.21 -9.55
C GLY C 113 122.23 3.76 -10.78
N PRO C 114 123.05 4.80 -10.60
CA PRO C 114 123.76 5.38 -11.75
C PRO C 114 125.00 4.57 -12.13
N LEU C 115 124.80 3.28 -12.40
CA LEU C 115 125.88 2.44 -12.87
C LEU C 115 126.07 2.63 -14.37
N LEU C 116 127.32 2.64 -14.81
CA LEU C 116 127.65 2.84 -16.20
C LEU C 116 128.48 1.66 -16.73
N LEU C 117 128.00 1.04 -17.80
CA LEU C 117 128.70 -0.05 -18.44
C LEU C 117 129.55 0.50 -19.57
N VAL C 118 130.85 0.19 -19.53
CA VAL C 118 131.84 0.77 -20.43
C VAL C 118 132.74 -0.31 -21.02
N ALA C 119 132.73 -0.40 -22.35
CA ALA C 119 133.54 -1.35 -23.10
C ALA C 119 134.65 -0.64 -23.88
N SER C 120 135.82 -1.27 -23.97
CA SER C 120 137.00 -0.62 -24.58
C SER C 120 137.88 -1.53 -25.47
N SER C 121 138.68 -0.89 -26.32
CA SER C 121 139.61 -1.57 -27.22
C SER C 121 140.84 -2.16 -26.52
N ASP C 122 141.07 -1.77 -25.27
CA ASP C 122 142.14 -2.37 -24.47
C ASP C 122 141.72 -3.75 -23.93
N GLY C 123 140.52 -4.17 -24.31
CA GLY C 123 140.00 -5.47 -23.90
C GLY C 123 139.40 -5.48 -22.51
N LYS C 124 139.46 -4.33 -21.83
CA LYS C 124 138.87 -4.18 -20.51
C LYS C 124 137.43 -3.73 -20.62
N VAL C 125 136.59 -4.18 -19.69
CA VAL C 125 135.26 -3.65 -19.51
C VAL C 125 135.13 -3.18 -18.05
N SER C 126 134.79 -1.90 -17.87
CA SER C 126 134.66 -1.34 -16.53
C SER C 126 133.22 -1.03 -16.17
N VAL C 127 132.96 -1.02 -14.86
CA VAL C 127 131.66 -0.69 -14.28
C VAL C 127 131.88 0.44 -13.27
N VAL C 128 131.13 1.54 -13.44
CA VAL C 128 131.32 2.75 -12.64
C VAL C 128 130.03 3.23 -12.00
N GLU C 129 129.95 3.17 -10.67
CA GLU C 129 128.88 3.84 -9.95
C GLU C 129 129.36 5.26 -9.61
N PHE C 130 128.58 6.24 -10.05
CA PHE C 130 128.90 7.62 -9.75
C PHE C 130 128.25 8.03 -8.43
N LYS C 131 129.06 7.97 -7.38
CA LYS C 131 128.60 8.20 -6.01
C LYS C 131 128.27 9.66 -5.75
N GLU C 132 127.29 9.87 -4.88
CA GLU C 132 126.87 11.21 -4.48
C GLU C 132 127.86 11.92 -3.56
N ASN C 133 128.94 11.23 -3.18
CA ASN C 133 130.00 11.83 -2.37
C ASN C 133 131.20 12.31 -3.20
N GLY C 134 131.06 12.25 -4.52
CA GLY C 134 132.09 12.75 -5.44
C GLY C 134 132.97 11.67 -6.04
N THR C 135 133.55 10.83 -5.20
CA THR C 135 134.47 9.78 -5.62
C THR C 135 133.76 8.64 -6.35
N THR C 136 134.53 7.82 -7.08
CA THR C 136 134.03 6.60 -7.69
C THR C 136 134.98 5.44 -7.41
N SER C 137 134.44 4.22 -7.42
CA SER C 137 135.26 3.01 -7.31
C SER C 137 135.00 2.04 -8.47
N PRO C 138 135.62 2.27 -9.63
CA PRO C 138 135.37 1.45 -10.82
C PRO C 138 135.81 0.00 -10.69
N ILE C 139 134.86 -0.90 -10.98
CA ILE C 139 135.13 -2.32 -11.10
C ILE C 139 135.56 -2.59 -12.54
N ILE C 140 136.70 -3.25 -12.70
CA ILE C 140 137.31 -3.46 -14.01
C ILE C 140 137.59 -4.95 -14.26
N ILE C 141 137.32 -5.42 -15.47
CA ILE C 141 137.57 -6.81 -15.86
C ILE C 141 138.19 -6.96 -17.27
N ASP C 142 139.08 -7.93 -17.43
CA ASP C 142 139.52 -8.34 -18.77
C ASP C 142 138.43 -9.22 -19.34
N ALA C 143 137.81 -8.75 -20.41
CA ALA C 143 136.66 -9.42 -20.98
C ALA C 143 136.96 -10.06 -22.32
N HIS C 144 137.76 -9.40 -23.15
CA HIS C 144 137.95 -9.84 -24.54
C HIS C 144 139.35 -9.65 -25.09
N ALA C 145 139.78 -10.62 -25.90
CA ALA C 145 141.04 -10.57 -26.62
C ALA C 145 140.91 -9.64 -27.82
N ILE C 146 141.93 -8.81 -28.05
CA ILE C 146 141.98 -7.82 -29.16
C ILE C 146 141.14 -6.56 -28.89
N GLY C 147 140.18 -6.66 -27.98
CA GLY C 147 139.35 -5.53 -27.61
C GLY C 147 137.87 -5.85 -27.55
N VAL C 148 137.17 -5.08 -26.72
CA VAL C 148 135.71 -5.18 -26.58
C VAL C 148 135.09 -4.05 -27.42
N ASN C 149 133.98 -4.36 -28.08
CA ASN C 149 133.35 -3.41 -28.99
C ASN C 149 131.97 -2.94 -28.53
N SER C 150 131.28 -3.79 -27.78
CA SER C 150 129.91 -3.47 -27.35
C SER C 150 129.53 -4.19 -26.05
N ALA C 151 128.88 -3.46 -25.14
CA ALA C 151 128.41 -4.03 -23.89
C ALA C 151 127.01 -3.54 -23.55
N SER C 152 126.11 -4.46 -23.23
CA SER C 152 124.71 -4.12 -22.92
C SER C 152 124.21 -4.78 -21.65
N TRP C 153 123.34 -4.09 -20.94
CA TRP C 153 122.72 -4.59 -19.72
C TRP C 153 121.52 -5.46 -20.04
N ALA C 154 121.35 -6.51 -19.24
CA ALA C 154 120.09 -7.26 -19.18
C ALA C 154 119.08 -6.40 -18.44
N PRO C 155 117.76 -6.70 -18.59
CA PRO C 155 116.75 -5.95 -17.83
C PRO C 155 116.78 -6.31 -16.35
N ALA C 156 116.32 -5.39 -15.51
CA ALA C 156 116.22 -5.62 -14.06
C ALA C 156 115.39 -6.87 -13.76
N THR C 157 115.86 -7.68 -12.81
CA THR C 157 115.16 -8.89 -12.41
C THR C 157 113.88 -8.58 -11.65
N SER C 170 121.71 -11.13 -9.43
CA SER C 170 120.76 -11.06 -10.54
C SER C 170 121.17 -10.04 -11.62
N ARG C 171 122.37 -9.46 -11.46
CA ARG C 171 122.85 -8.39 -12.33
C ARG C 171 123.67 -8.93 -13.49
N LYS C 172 123.22 -8.69 -14.71
CA LYS C 172 123.83 -9.28 -15.90
C LYS C 172 124.09 -8.27 -17.02
N PHE C 173 125.17 -8.48 -17.76
CA PHE C 173 125.38 -7.77 -19.03
C PHE C 173 126.04 -8.63 -20.11
N VAL C 174 125.85 -8.23 -21.37
CA VAL C 174 126.39 -8.93 -22.54
C VAL C 174 127.47 -8.11 -23.24
N THR C 175 128.61 -8.75 -23.54
CA THR C 175 129.70 -8.09 -24.23
C THR C 175 129.95 -8.67 -25.62
N GLY C 176 130.35 -7.81 -26.55
CA GLY C 176 130.81 -8.24 -27.87
C GLY C 176 132.25 -7.79 -28.10
N GLY C 177 133.06 -8.68 -28.66
CA GLY C 177 134.49 -8.44 -28.79
C GLY C 177 135.08 -8.69 -30.17
N ALA C 178 136.35 -8.33 -30.32
CA ALA C 178 137.09 -8.57 -31.56
C ALA C 178 137.68 -9.98 -31.54
N ASP C 179 137.50 -10.68 -30.42
CA ASP C 179 137.83 -12.10 -30.32
C ASP C 179 136.71 -12.98 -30.89
N ASN C 180 135.78 -12.38 -31.62
CA ASN C 180 134.66 -13.09 -32.27
C ASN C 180 133.58 -13.60 -31.31
N LEU C 181 133.83 -13.54 -30.01
CA LEU C 181 132.93 -14.14 -29.02
C LEU C 181 131.89 -13.17 -28.48
N VAL C 182 130.86 -13.75 -27.85
CA VAL C 182 129.81 -13.03 -27.16
C VAL C 182 129.78 -13.59 -25.74
N LYS C 183 129.77 -12.72 -24.74
CA LYS C 183 129.92 -13.17 -23.37
C LYS C 183 128.91 -12.55 -22.42
N ILE C 184 128.42 -13.37 -21.51
CA ILE C 184 127.45 -12.98 -20.50
C ILE C 184 128.11 -13.01 -19.13
N TRP C 185 128.02 -11.90 -18.41
CA TRP C 185 128.66 -11.77 -17.10
C TRP C 185 127.63 -11.54 -16.00
N LYS C 186 127.88 -12.15 -14.84
CA LYS C 186 126.96 -12.04 -13.72
C LYS C 186 127.72 -11.58 -12.49
N TYR C 187 127.14 -10.65 -11.74
CA TYR C 187 127.75 -10.17 -10.52
C TYR C 187 127.73 -11.24 -9.43
N ASN C 188 128.85 -11.37 -8.73
CA ASN C 188 128.98 -12.30 -7.61
C ASN C 188 129.43 -11.58 -6.34
N SER C 189 128.79 -11.95 -5.22
CA SER C 189 129.06 -11.35 -3.91
C SER C 189 130.42 -11.72 -3.32
N ASP C 190 130.81 -12.99 -3.53
CA ASP C 190 132.08 -13.49 -3.00
C ASP C 190 133.27 -12.96 -3.82
N ALA C 191 133.12 -12.96 -5.14
CA ALA C 191 134.15 -12.47 -6.05
C ALA C 191 134.14 -10.93 -6.20
N GLN C 192 133.10 -10.30 -5.66
CA GLN C 192 132.96 -8.83 -5.64
C GLN C 192 133.04 -8.19 -7.04
N THR C 193 132.68 -8.96 -8.06
CA THR C 193 132.85 -8.56 -9.46
C THR C 193 131.85 -9.29 -10.36
N TYR C 194 131.99 -9.06 -11.67
CA TYR C 194 131.21 -9.76 -12.68
C TYR C 194 132.00 -10.97 -13.19
N VAL C 195 131.55 -12.16 -12.81
CA VAL C 195 132.17 -13.39 -13.30
C VAL C 195 131.55 -13.79 -14.64
N LEU C 196 132.29 -14.57 -15.42
CA LEU C 196 131.77 -15.11 -16.67
C LEU C 196 130.72 -16.17 -16.40
N GLU C 197 129.56 -16.02 -17.02
CA GLU C 197 128.52 -17.04 -16.95
C GLU C 197 128.57 -17.94 -18.19
N SER C 198 128.72 -17.34 -19.37
CA SER C 198 128.67 -18.08 -20.61
C SER C 198 129.45 -17.42 -21.73
N THR C 199 130.19 -18.23 -22.50
CA THR C 199 130.75 -17.78 -23.76
C THR C 199 129.87 -18.29 -24.91
N LEU C 200 129.34 -17.36 -25.71
CA LEU C 200 128.48 -17.71 -26.84
C LEU C 200 129.28 -17.61 -28.14
N GLU C 201 129.38 -18.75 -28.84
CA GLU C 201 130.15 -18.82 -30.08
C GLU C 201 129.26 -18.94 -31.31
N GLY C 202 129.74 -18.41 -32.43
CA GLY C 202 129.01 -18.47 -33.69
C GLY C 202 129.52 -17.50 -34.74
N HIS C 203 130.08 -16.37 -34.29
CA HIS C 203 130.54 -15.32 -35.18
C HIS C 203 131.93 -15.58 -35.72
N SER C 204 132.10 -15.38 -37.02
CA SER C 204 133.36 -15.68 -37.71
C SER C 204 134.31 -14.48 -37.76
N ASP C 205 133.84 -13.32 -37.30
CA ASP C 205 134.63 -12.08 -37.30
C ASP C 205 134.19 -11.14 -36.16
N TRP C 206 134.97 -10.08 -35.92
CA TRP C 206 134.70 -9.10 -34.85
C TRP C 206 133.20 -8.82 -34.64
N VAL C 207 132.74 -8.93 -33.41
CA VAL C 207 131.38 -8.52 -33.04
C VAL C 207 131.33 -7.01 -32.84
N ARG C 208 130.35 -6.35 -33.43
CA ARG C 208 130.22 -4.90 -33.40
C ARG C 208 129.21 -4.39 -32.37
N ASP C 209 128.11 -5.11 -32.23
CA ASP C 209 127.06 -4.71 -31.30
C ASP C 209 126.34 -5.91 -30.72
N VAL C 210 126.06 -5.83 -29.43
CA VAL C 210 125.27 -6.82 -28.72
C VAL C 210 124.10 -6.07 -28.10
N ALA C 211 122.95 -6.71 -28.01
CA ALA C 211 121.77 -6.07 -27.42
C ALA C 211 120.86 -7.06 -26.73
N TRP C 212 120.58 -6.80 -25.47
CA TRP C 212 119.67 -7.60 -24.66
C TRP C 212 118.31 -6.94 -24.73
N SER C 213 117.27 -7.72 -25.03
CA SER C 213 115.90 -7.20 -25.11
C SER C 213 115.30 -6.96 -23.72
N PRO C 214 114.60 -5.82 -23.54
CA PRO C 214 113.94 -5.49 -22.28
C PRO C 214 112.68 -6.31 -22.00
N THR C 215 112.28 -7.15 -22.96
CA THR C 215 111.11 -8.02 -22.83
C THR C 215 111.03 -8.67 -21.44
N VAL C 216 109.88 -8.48 -20.79
CA VAL C 216 109.68 -8.92 -19.41
C VAL C 216 109.14 -10.37 -19.37
N LEU C 217 109.02 -10.97 -20.56
CA LEU C 217 108.46 -12.32 -20.73
C LEU C 217 109.35 -13.42 -20.15
N LEU C 218 108.89 -14.66 -20.32
CA LEU C 218 109.54 -15.84 -19.72
C LEU C 218 110.76 -16.30 -20.52
N ARG C 219 111.05 -15.61 -21.61
CA ARG C 219 112.23 -15.90 -22.44
C ARG C 219 113.12 -14.66 -22.57
N SER C 220 114.43 -14.87 -22.62
CA SER C 220 115.40 -13.80 -22.80
C SER C 220 115.90 -13.77 -24.23
N TYR C 221 116.00 -12.56 -24.80
CA TYR C 221 116.45 -12.40 -26.19
C TYR C 221 117.72 -11.56 -26.25
N LEU C 222 118.69 -12.05 -27.03
CA LEU C 222 119.95 -11.35 -27.27
C LEU C 222 120.17 -11.18 -28.75
N ALA C 223 120.77 -10.07 -29.14
CA ALA C 223 121.03 -9.84 -30.55
C ALA C 223 122.46 -9.41 -30.76
N SER C 224 123.26 -10.31 -31.34
CA SER C 224 124.62 -10.01 -31.71
C SER C 224 124.70 -9.69 -33.20
N VAL C 225 125.75 -8.97 -33.58
CA VAL C 225 125.92 -8.40 -34.91
C VAL C 225 127.42 -8.31 -35.17
N SER C 226 127.87 -8.68 -36.38
CA SER C 226 129.31 -8.78 -36.62
C SER C 226 129.81 -8.26 -37.97
N GLN C 227 131.13 -8.18 -38.06
CA GLN C 227 131.87 -7.88 -39.28
C GLN C 227 131.69 -9.02 -40.30
N ASP C 228 131.32 -10.22 -39.82
CA ASP C 228 131.04 -11.36 -40.68
C ASP C 228 129.70 -11.23 -41.42
N ARG C 229 129.01 -10.12 -41.18
CA ARG C 229 127.79 -9.76 -41.92
C ARG C 229 126.58 -10.67 -41.63
N THR C 230 126.57 -11.26 -40.44
CA THR C 230 125.46 -12.07 -39.95
C THR C 230 124.90 -11.49 -38.65
N CYS C 231 123.59 -11.57 -38.47
CA CYS C 231 122.99 -11.32 -37.16
C CYS C 231 122.52 -12.62 -36.52
N ILE C 232 122.89 -12.82 -35.26
CA ILE C 232 122.46 -13.97 -34.49
C ILE C 232 121.63 -13.53 -33.29
N ILE C 233 120.38 -13.99 -33.26
CA ILE C 233 119.52 -13.91 -32.10
C ILE C 233 119.89 -15.08 -31.17
N TRP C 234 119.98 -14.79 -29.87
CA TRP C 234 120.28 -15.79 -28.84
C TRP C 234 119.14 -15.80 -27.83
N THR C 235 118.59 -16.99 -27.57
CA THR C 235 117.43 -17.11 -26.68
C THR C 235 117.68 -18.05 -25.50
N GLN C 236 117.08 -17.73 -24.37
CA GLN C 236 117.21 -18.52 -23.15
C GLN C 236 115.83 -18.62 -22.51
N ASP C 237 115.34 -19.84 -22.35
CA ASP C 237 113.98 -20.09 -21.86
C ASP C 237 113.87 -20.02 -20.34
N ASN C 238 114.99 -20.17 -19.65
CA ASN C 238 115.03 -20.11 -18.19
C ASN C 238 116.38 -19.66 -17.64
N GLU C 239 116.37 -19.10 -16.44
CA GLU C 239 117.60 -18.85 -15.66
C GLU C 239 118.37 -20.17 -15.59
N GLN C 240 119.69 -20.08 -15.78
CA GLN C 240 120.56 -21.24 -16.04
C GLN C 240 120.10 -22.00 -17.30
N GLY C 241 120.93 -22.92 -17.79
CA GLY C 241 120.56 -23.68 -18.98
C GLY C 241 120.96 -23.01 -20.28
N PRO C 242 120.59 -23.63 -21.41
CA PRO C 242 121.22 -23.34 -22.69
C PRO C 242 120.75 -22.08 -23.39
N TRP C 243 121.73 -21.35 -23.94
CA TRP C 243 121.45 -20.26 -24.86
C TRP C 243 121.40 -20.84 -26.27
N LYS C 244 120.33 -20.50 -26.99
CA LYS C 244 120.08 -21.06 -28.31
C LYS C 244 120.48 -20.09 -29.41
N LYS C 245 121.39 -20.53 -30.26
CA LYS C 245 121.81 -19.76 -31.42
C LYS C 245 120.75 -19.83 -32.52
N THR C 246 120.31 -18.67 -32.98
CA THR C 246 119.38 -18.57 -34.09
C THR C 246 119.87 -17.49 -35.04
N LEU C 247 120.20 -17.89 -36.26
CA LEU C 247 120.62 -16.97 -37.30
C LEU C 247 119.38 -16.24 -37.82
N LEU C 248 119.43 -14.90 -37.81
CA LEU C 248 118.29 -14.08 -38.21
C LEU C 248 117.80 -14.45 -39.61
N LYS C 249 118.74 -14.55 -40.55
CA LYS C 249 118.44 -15.00 -41.91
C LYS C 249 119.58 -15.85 -42.48
N GLU C 250 119.24 -16.79 -43.37
CA GLU C 250 120.19 -17.79 -43.85
C GLU C 250 121.31 -17.24 -44.74
N GLU C 251 121.03 -16.16 -45.47
CA GLU C 251 122.04 -15.53 -46.32
C GLU C 251 122.69 -14.37 -45.57
N LYS C 252 123.95 -14.08 -45.90
CA LYS C 252 124.66 -12.95 -45.30
C LYS C 252 124.09 -11.62 -45.79
N PHE C 253 124.26 -10.58 -44.97
CA PHE C 253 123.87 -9.21 -45.35
C PHE C 253 124.94 -8.60 -46.24
N PRO C 254 124.56 -7.65 -47.12
CA PRO C 254 125.49 -7.19 -48.16
C PRO C 254 126.74 -6.51 -47.62
N ASP C 255 126.61 -5.88 -46.46
CA ASP C 255 127.72 -5.19 -45.82
C ASP C 255 127.77 -5.50 -44.31
N VAL C 256 128.87 -5.10 -43.68
CA VAL C 256 129.10 -5.27 -42.24
C VAL C 256 128.02 -4.61 -41.39
N LEU C 257 127.37 -5.41 -40.54
CA LEU C 257 126.35 -4.92 -39.62
C LEU C 257 126.97 -4.27 -38.39
N TRP C 258 126.44 -3.12 -37.98
CA TRP C 258 127.03 -2.32 -36.89
C TRP C 258 126.15 -2.19 -35.63
N ARG C 259 124.83 -2.20 -35.79
CA ARG C 259 123.94 -2.00 -34.65
C ARG C 259 122.71 -2.92 -34.61
N ALA C 260 122.27 -3.22 -33.39
CA ALA C 260 121.00 -3.90 -33.16
C ALA C 260 120.28 -3.23 -31.99
N SER C 261 118.98 -3.04 -32.13
CA SER C 261 118.21 -2.31 -31.12
C SER C 261 116.84 -2.96 -30.92
N TRP C 262 116.44 -3.13 -29.66
CA TRP C 262 115.17 -3.76 -29.32
C TRP C 262 114.10 -2.74 -28.95
N SER C 263 112.86 -3.01 -29.38
CA SER C 263 111.73 -2.17 -29.03
C SER C 263 111.44 -2.30 -27.54
N LEU C 264 110.90 -1.24 -26.95
CA LEU C 264 110.69 -1.17 -25.50
C LEU C 264 109.61 -2.15 -25.04
N SER C 265 108.71 -2.47 -25.97
CA SER C 265 107.79 -3.59 -25.82
C SER C 265 107.40 -4.05 -27.22
N GLY C 266 107.42 -5.36 -27.43
CA GLY C 266 107.10 -5.93 -28.74
C GLY C 266 108.13 -6.92 -29.22
N ASN C 267 109.37 -6.73 -28.76
CA ASN C 267 110.51 -7.56 -29.13
C ASN C 267 110.89 -7.40 -30.60
N VAL C 268 110.64 -6.20 -31.15
CA VAL C 268 111.00 -5.87 -32.53
C VAL C 268 112.47 -5.44 -32.59
N LEU C 269 113.10 -5.67 -33.74
CA LEU C 269 114.54 -5.55 -33.87
C LEU C 269 114.94 -4.57 -34.96
N ALA C 270 115.69 -3.54 -34.58
CA ALA C 270 116.22 -2.58 -35.54
C ALA C 270 117.65 -2.96 -35.89
N LEU C 271 117.92 -3.17 -37.18
CA LEU C 271 119.23 -3.60 -37.65
C LEU C 271 119.87 -2.59 -38.60
N SER C 272 121.07 -2.14 -38.25
CA SER C 272 121.80 -1.16 -39.06
C SER C 272 122.99 -1.78 -39.76
N GLY C 273 123.08 -1.57 -41.07
CA GLY C 273 124.17 -2.11 -41.90
C GLY C 273 125.05 -1.07 -42.58
N GLY C 274 126.20 -1.51 -43.08
CA GLY C 274 127.13 -0.64 -43.82
C GLY C 274 126.62 -0.23 -45.18
N ASP C 275 125.53 -0.87 -45.62
CA ASP C 275 124.83 -0.53 -46.86
C ASP C 275 123.89 0.64 -46.63
N ASN C 276 123.96 1.23 -45.43
CA ASN C 276 123.11 2.34 -45.02
C ASN C 276 121.61 2.01 -45.07
N LYS C 277 121.29 0.74 -44.81
CA LYS C 277 119.91 0.26 -44.82
C LYS C 277 119.45 -0.20 -43.44
N VAL C 278 118.22 0.14 -43.07
CA VAL C 278 117.64 -0.27 -41.80
C VAL C 278 116.56 -1.33 -42.03
N THR C 279 116.66 -2.42 -41.29
CA THR C 279 115.76 -3.56 -41.45
C THR C 279 115.13 -3.97 -40.12
N LEU C 280 113.80 -4.02 -40.10
CA LEU C 280 113.05 -4.40 -38.90
C LEU C 280 112.58 -5.85 -39.00
N TRP C 281 112.72 -6.59 -37.90
CA TRP C 281 112.47 -8.03 -37.88
C TRP C 281 111.58 -8.47 -36.71
N LYS C 282 110.64 -9.36 -37.00
CA LYS C 282 109.80 -9.96 -35.95
C LYS C 282 109.88 -11.50 -35.93
N GLU C 283 109.44 -12.10 -34.84
CA GLU C 283 109.55 -13.54 -34.61
C GLU C 283 108.25 -14.26 -34.94
N ASN C 284 108.32 -15.23 -35.84
CA ASN C 284 107.15 -16.01 -36.23
C ASN C 284 106.92 -17.23 -35.35
N LEU C 285 105.85 -17.97 -35.65
CA LEU C 285 105.45 -19.14 -34.86
C LEU C 285 106.53 -20.23 -34.77
N GLU C 286 107.32 -20.36 -35.83
CA GLU C 286 108.32 -21.40 -35.92
C GLU C 286 109.52 -21.13 -35.01
N GLY C 287 109.66 -19.87 -34.62
CA GLY C 287 110.84 -19.43 -33.88
C GLY C 287 111.85 -18.81 -34.83
N LYS C 288 111.40 -18.54 -36.06
CA LYS C 288 112.22 -17.90 -37.08
C LYS C 288 111.86 -16.43 -37.25
N TRP C 289 112.66 -15.69 -38.02
CA TRP C 289 112.50 -14.24 -38.09
C TRP C 289 112.09 -13.75 -39.48
N GLU C 290 111.11 -12.85 -39.49
CA GLU C 290 110.58 -12.29 -40.73
C GLU C 290 110.49 -10.76 -40.60
N PRO C 291 110.52 -10.04 -41.75
CA PRO C 291 110.41 -8.58 -41.76
C PRO C 291 109.18 -8.03 -41.03
N ALA C 292 109.30 -6.80 -40.53
CA ALA C 292 108.26 -6.17 -39.74
C ALA C 292 108.00 -4.74 -40.21
N TRP D 9 138.03 -1.22 -38.45
CA TRP D 9 138.05 -1.08 -36.96
C TRP D 9 137.13 0.03 -36.45
N TYR D 10 137.57 1.28 -36.60
CA TYR D 10 136.88 2.42 -35.99
C TYR D 10 136.19 3.32 -37.02
N GLY D 11 135.08 3.93 -36.59
CA GLY D 11 134.43 5.01 -37.32
C GLY D 11 134.01 4.74 -38.75
N GLU D 12 132.80 4.22 -38.91
CA GLU D 12 132.25 3.94 -40.23
C GLU D 12 130.79 4.39 -40.29
N PRO D 13 130.36 4.88 -41.47
CA PRO D 13 128.95 5.20 -41.73
C PRO D 13 128.01 4.07 -41.28
N SER D 14 127.09 4.41 -40.38
CA SER D 14 126.13 3.46 -39.83
C SER D 14 124.87 4.21 -39.40
N PRO D 15 123.68 3.69 -39.76
CA PRO D 15 122.40 4.27 -39.38
C PRO D 15 122.18 4.33 -37.87
N ALA D 16 122.95 3.56 -37.11
CA ALA D 16 122.98 3.63 -35.65
C ALA D 16 121.59 3.78 -35.01
N ALA D 17 120.63 2.99 -35.51
CA ALA D 17 119.24 3.09 -35.10
C ALA D 17 119.02 2.67 -33.66
N HIS D 18 118.35 3.54 -32.91
CA HIS D 18 117.92 3.28 -31.55
C HIS D 18 116.39 3.36 -31.48
N TRP D 19 115.78 2.41 -30.79
CA TRP D 19 114.37 2.54 -30.43
C TRP D 19 114.27 3.51 -29.28
N ALA D 20 113.17 4.27 -29.24
CA ALA D 20 112.93 5.23 -28.18
C ALA D 20 111.46 5.19 -27.76
N PHE D 21 111.21 5.64 -26.52
CA PHE D 21 109.89 5.61 -25.90
C PHE D 21 108.79 6.20 -26.75
N GLY D 22 107.83 5.36 -27.13
CA GLY D 22 106.66 5.77 -27.91
C GLY D 22 106.66 5.28 -29.35
N GLY D 23 107.31 4.15 -29.59
CA GLY D 23 107.40 3.57 -30.92
C GLY D 23 108.29 4.33 -31.88
N LYS D 24 109.08 5.25 -31.35
CA LYS D 24 109.98 6.07 -32.17
C LYS D 24 111.22 5.28 -32.56
N LEU D 25 111.68 5.50 -33.79
CA LEU D 25 112.96 4.97 -34.25
C LEU D 25 113.85 6.10 -34.73
N VAL D 26 114.94 6.32 -33.99
CA VAL D 26 115.97 7.29 -34.31
C VAL D 26 116.99 6.63 -35.23
N GLN D 27 117.43 7.36 -36.25
CA GLN D 27 118.56 6.91 -37.08
C GLN D 27 119.32 8.08 -37.71
N ILE D 28 120.63 7.88 -37.91
CA ILE D 28 121.46 8.80 -38.69
C ILE D 28 121.08 8.72 -40.16
N THR D 29 120.98 9.87 -40.82
CA THR D 29 120.63 9.94 -42.24
C THR D 29 121.74 9.40 -43.13
N PRO D 30 121.38 8.94 -44.36
CA PRO D 30 122.29 8.40 -45.36
C PRO D 30 123.53 9.25 -45.67
N ASP D 31 123.41 10.57 -45.60
CA ASP D 31 124.55 11.47 -45.77
C ASP D 31 125.58 11.33 -44.63
N GLY D 32 125.10 10.93 -43.45
CA GLY D 32 125.95 10.74 -42.28
C GLY D 32 126.15 11.98 -41.44
N LYS D 33 125.39 13.05 -41.73
CA LYS D 33 125.53 14.32 -41.02
C LYS D 33 124.20 14.87 -40.51
N GLY D 34 123.16 14.04 -40.58
CA GLY D 34 121.85 14.38 -40.05
C GLY D 34 121.25 13.25 -39.23
N VAL D 35 120.05 13.51 -38.69
CA VAL D 35 119.31 12.55 -37.88
C VAL D 35 117.87 12.45 -38.40
N SER D 36 117.33 11.24 -38.34
CA SER D 36 115.94 10.97 -38.73
C SER D 36 115.22 10.34 -37.54
N ILE D 37 113.98 10.77 -37.29
CA ILE D 37 113.16 10.24 -36.20
C ILE D 37 111.74 9.94 -36.70
N THR D 38 111.41 8.66 -36.80
CA THR D 38 110.10 8.23 -37.34
C THR D 38 109.36 7.32 -36.36
N ASN D 39 108.07 7.08 -36.64
CA ASN D 39 107.26 6.13 -35.88
C ASN D 39 106.88 4.93 -36.75
N PRO D 40 107.75 3.91 -36.82
CA PRO D 40 107.46 2.76 -37.69
C PRO D 40 106.18 2.04 -37.28
N LYS D 41 105.32 1.81 -38.27
CA LYS D 41 104.11 1.00 -38.11
C LYS D 41 104.52 -0.48 -38.08
N ILE D 42 104.50 -1.06 -36.89
CA ILE D 42 104.92 -2.46 -36.72
C ILE D 42 103.77 -3.37 -37.14
N SER D 43 104.13 -4.58 -37.58
CA SER D 43 103.17 -5.54 -38.11
C SER D 43 102.09 -5.92 -37.10
N GLY D 44 102.46 -6.70 -36.08
CA GLY D 44 101.50 -7.22 -35.12
C GLY D 44 101.28 -6.32 -33.92
N LEU D 45 101.45 -5.01 -34.11
CA LEU D 45 101.37 -4.04 -33.03
C LEU D 45 100.76 -2.74 -33.55
N GLU D 46 99.60 -2.38 -33.01
CA GLU D 46 98.80 -1.28 -33.53
C GLU D 46 98.29 -0.37 -32.41
N SER D 47 97.76 0.79 -32.80
CA SER D 47 97.01 1.63 -31.87
C SER D 47 95.58 1.10 -31.77
N ASN D 48 95.11 0.90 -30.54
CA ASN D 48 93.75 0.44 -30.32
C ASN D 48 92.75 1.55 -30.67
N THR D 49 92.29 1.54 -31.92
CA THR D 49 91.40 2.56 -32.44
C THR D 49 90.03 2.47 -31.76
N THR D 50 89.49 1.25 -31.69
CA THR D 50 88.16 1.03 -31.15
C THR D 50 88.07 1.35 -29.66
N LEU D 51 89.10 1.00 -28.90
CA LEU D 51 89.11 1.22 -27.45
C LEU D 51 89.21 2.70 -27.08
N SER D 52 90.10 3.42 -27.77
CA SER D 52 90.24 4.87 -27.59
C SER D 52 88.94 5.61 -27.90
N GLU D 53 88.28 5.15 -28.97
CA GLU D 53 87.02 5.73 -29.40
C GLU D 53 85.86 5.35 -28.48
N ALA D 54 85.79 4.06 -28.11
CA ALA D 54 84.73 3.55 -27.24
C ALA D 54 84.82 4.06 -25.81
N LEU D 55 86.01 4.50 -25.42
CA LEU D 55 86.22 5.04 -24.08
C LEU D 55 85.82 6.52 -23.99
N LYS D 56 85.83 7.22 -25.12
CA LYS D 56 85.41 8.63 -25.15
C LYS D 56 83.94 8.80 -25.57
N THR D 57 83.51 8.04 -26.57
CA THR D 57 82.12 8.09 -27.05
C THR D 57 81.20 7.25 -26.17
N LYS D 58 81.80 6.40 -25.33
CA LYS D 58 81.08 5.44 -24.48
C LYS D 58 80.17 4.49 -25.27
N ASP D 59 80.60 4.20 -26.50
CA ASP D 59 79.86 3.32 -27.39
C ASP D 59 80.59 1.98 -27.50
N PHE D 60 80.19 1.03 -26.67
CA PHE D 60 80.85 -0.28 -26.58
C PHE D 60 80.32 -1.32 -27.58
N LYS D 61 79.23 -0.99 -28.26
CA LYS D 61 78.66 -1.86 -29.30
C LYS D 61 79.72 -2.31 -30.34
N PRO D 62 80.50 -1.35 -30.90
CA PRO D 62 81.54 -1.74 -31.87
C PRO D 62 82.55 -2.72 -31.29
N LEU D 63 82.95 -2.48 -30.05
CA LEU D 63 83.89 -3.34 -29.32
C LEU D 63 83.30 -4.73 -29.08
N ILE D 64 82.05 -4.77 -28.65
CA ILE D 64 81.33 -6.04 -28.41
C ILE D 64 81.28 -6.89 -29.68
N ASN D 65 80.91 -6.25 -30.80
CA ASN D 65 80.96 -6.88 -32.13
C ASN D 65 82.32 -7.49 -32.44
N GLN D 66 83.37 -6.70 -32.26
CA GLN D 66 84.74 -7.18 -32.48
C GLN D 66 85.04 -8.42 -31.64
N ARG D 67 84.83 -8.30 -30.33
CA ARG D 67 85.22 -9.36 -29.39
C ARG D 67 84.30 -10.58 -29.42
N LEU D 68 83.12 -10.42 -29.99
CA LEU D 68 82.16 -11.51 -30.14
C LEU D 68 82.69 -12.54 -31.16
N VAL D 69 83.40 -12.05 -32.17
CA VAL D 69 84.01 -12.90 -33.18
C VAL D 69 85.31 -13.51 -32.67
N LYS D 70 86.19 -12.67 -32.12
CA LYS D 70 87.51 -13.09 -31.66
C LYS D 70 87.46 -13.96 -30.39
N VAL D 71 86.34 -14.64 -30.19
CA VAL D 71 86.08 -15.46 -29.00
C VAL D 71 86.96 -16.70 -28.90
N ILE D 72 87.48 -16.96 -27.69
CA ILE D 72 88.35 -18.11 -27.44
C ILE D 72 87.58 -19.38 -27.07
N ASP D 73 87.08 -19.44 -25.84
CA ASP D 73 86.34 -20.62 -25.35
C ASP D 73 84.90 -20.29 -24.89
N ASP D 74 84.22 -21.31 -24.35
CA ASP D 74 82.84 -21.21 -23.91
C ASP D 74 82.62 -20.17 -22.80
N VAL D 75 83.45 -20.24 -21.76
CA VAL D 75 83.38 -19.31 -20.63
C VAL D 75 83.50 -17.86 -21.11
N ASN D 76 84.47 -17.61 -21.99
CA ASN D 76 84.69 -16.30 -22.59
C ASN D 76 83.52 -15.85 -23.47
N GLU D 77 82.83 -16.81 -24.08
CA GLU D 77 81.69 -16.54 -24.95
C GLU D 77 80.49 -16.01 -24.18
N GLU D 78 80.23 -16.61 -23.01
CA GLU D 78 79.12 -16.20 -22.16
C GLU D 78 79.37 -14.83 -21.54
N ASP D 79 80.64 -14.55 -21.25
CA ASP D 79 81.07 -13.27 -20.69
C ASP D 79 80.82 -12.11 -21.64
N TRP D 80 81.13 -12.30 -22.91
CA TRP D 80 80.88 -11.29 -23.93
C TRP D 80 79.42 -11.23 -24.36
N ASN D 81 78.73 -12.38 -24.27
CA ASN D 81 77.29 -12.44 -24.46
C ASN D 81 76.57 -11.62 -23.38
N LEU D 82 77.08 -11.71 -22.16
CA LEU D 82 76.59 -10.93 -21.03
C LEU D 82 76.77 -9.43 -21.26
N LEU D 83 77.92 -9.03 -21.81
CA LEU D 83 78.20 -7.62 -22.06
C LEU D 83 77.33 -7.05 -23.17
N GLU D 84 77.00 -7.87 -24.16
CA GLU D 84 76.01 -7.51 -25.18
C GLU D 84 74.65 -7.29 -24.50
N LYS D 85 74.28 -8.20 -23.61
CA LYS D 85 73.02 -8.11 -22.85
C LYS D 85 73.00 -6.85 -21.98
N LEU D 86 74.16 -6.51 -21.43
CA LEU D 86 74.33 -5.34 -20.58
C LEU D 86 74.30 -4.05 -21.40
N SER D 87 74.71 -4.16 -22.67
CA SER D 87 74.79 -3.04 -23.60
C SER D 87 73.43 -2.64 -24.17
N MET D 88 72.71 -3.63 -24.70
CA MET D 88 71.41 -3.39 -25.34
C MET D 88 70.35 -3.03 -24.32
N ASP D 89 70.13 -3.93 -23.36
CA ASP D 89 69.03 -3.83 -22.41
C ASP D 89 69.32 -2.82 -21.27
N GLY D 90 70.49 -2.95 -20.68
CA GLY D 90 70.88 -2.08 -19.56
C GLY D 90 71.08 -2.86 -18.28
N THR D 91 71.95 -2.33 -17.43
CA THR D 91 72.33 -2.99 -16.18
C THR D 91 71.18 -3.19 -15.20
N GLU D 92 70.18 -2.30 -15.25
CA GLU D 92 69.00 -2.42 -14.39
C GLU D 92 68.03 -3.47 -14.93
N GLU D 93 67.84 -3.47 -16.26
CA GLU D 93 66.89 -4.37 -16.92
C GLU D 93 67.36 -5.82 -16.98
N PHE D 94 68.66 -6.02 -16.77
CA PHE D 94 69.26 -7.35 -16.79
C PHE D 94 69.13 -8.03 -15.42
N LEU D 95 69.28 -7.25 -14.35
CA LEU D 95 69.19 -7.78 -13.00
C LEU D 95 67.76 -8.19 -12.66
N LYS D 96 66.78 -7.45 -13.17
CA LYS D 96 65.38 -7.82 -13.05
C LYS D 96 65.10 -9.13 -13.79
N GLU D 97 65.72 -9.28 -14.96
CA GLU D 97 65.55 -10.45 -15.81
C GLU D 97 66.31 -11.67 -15.30
N ALA D 98 67.39 -11.44 -14.55
CA ALA D 98 68.25 -12.52 -14.07
C ALA D 98 67.93 -13.00 -12.65
N LEU D 99 67.30 -12.13 -11.86
CA LEU D 99 66.89 -12.47 -10.49
C LEU D 99 65.39 -12.80 -10.42
N ALA D 100 64.82 -13.19 -11.55
CA ALA D 100 63.39 -13.47 -11.65
C ALA D 100 63.05 -14.95 -11.40
N PHE D 101 61.76 -15.24 -11.27
CA PHE D 101 61.26 -16.61 -11.08
C PHE D 101 60.82 -17.25 -12.40
N ASP D 102 60.25 -18.45 -12.32
CA ASP D 102 59.73 -19.17 -13.48
C ASP D 102 58.46 -18.51 -14.02
N GLY D 107 59.07 -31.68 -4.23
CA GLY D 107 58.57 -30.79 -3.19
C GLY D 107 58.39 -29.36 -3.66
N ASN D 108 57.69 -29.19 -4.79
CA ASN D 108 57.45 -27.89 -5.38
C ASN D 108 56.52 -26.98 -4.59
N ILE D 109 55.55 -27.58 -3.89
CA ILE D 109 54.57 -26.82 -3.11
C ILE D 109 55.23 -25.97 -2.02
N GLU D 110 56.08 -26.61 -1.21
CA GLU D 110 56.77 -25.92 -0.12
C GLU D 110 57.64 -24.77 -0.63
N GLN D 111 58.12 -24.89 -1.87
CA GLN D 111 58.89 -23.83 -2.52
C GLN D 111 58.01 -22.64 -2.87
N THR D 112 56.76 -22.93 -3.26
CA THR D 112 55.80 -21.88 -3.63
C THR D 112 55.51 -20.94 -2.46
N ILE D 113 55.38 -21.49 -1.25
CA ILE D 113 55.23 -20.69 -0.03
C ILE D 113 56.48 -19.82 0.17
N SER D 114 57.65 -20.40 -0.09
CA SER D 114 58.91 -19.66 -0.03
C SER D 114 58.96 -18.52 -1.05
N LYS D 115 58.38 -18.76 -2.25
CA LYS D 115 58.27 -17.70 -3.27
C LYS D 115 57.42 -16.56 -2.75
N ASN D 116 56.31 -16.90 -2.11
CA ASN D 116 55.32 -15.93 -1.61
C ASN D 116 55.84 -15.03 -0.50
N LEU D 117 56.65 -15.59 0.38
CA LEU D 117 57.20 -14.83 1.51
C LEU D 117 58.25 -13.82 1.05
N VAL D 118 59.16 -14.28 0.19
CA VAL D 118 60.26 -13.44 -0.30
C VAL D 118 59.79 -12.32 -1.23
N SER D 119 58.68 -12.55 -1.93
CA SER D 119 58.12 -11.57 -2.86
C SER D 119 57.02 -10.72 -2.19
N GLY D 120 56.90 -10.86 -0.87
CA GLY D 120 55.99 -10.04 -0.07
C GLY D 120 54.52 -10.36 -0.23
N ASN D 121 54.22 -11.47 -0.90
CA ASN D 121 52.84 -11.92 -1.08
C ASN D 121 52.41 -12.84 0.06
N ILE D 122 52.29 -12.26 1.25
CA ILE D 122 51.85 -12.96 2.46
C ILE D 122 50.43 -13.54 2.26
N LYS D 123 49.61 -12.80 1.53
CA LYS D 123 48.21 -13.15 1.26
C LYS D 123 48.02 -14.61 0.86
N SER D 124 48.70 -15.03 -0.21
CA SER D 124 48.57 -16.39 -0.74
C SER D 124 49.40 -17.40 0.06
N ALA D 125 50.39 -16.92 0.80
CA ALA D 125 51.28 -17.78 1.57
C ALA D 125 50.54 -18.58 2.65
N VAL D 126 49.49 -17.99 3.21
CA VAL D 126 48.66 -18.65 4.22
C VAL D 126 47.74 -19.71 3.59
N LYS D 127 47.06 -19.35 2.51
CA LYS D 127 46.15 -20.27 1.81
C LYS D 127 46.88 -21.48 1.22
N ASN D 128 48.10 -21.27 0.72
CA ASN D 128 48.93 -22.36 0.23
C ASN D 128 49.33 -23.33 1.35
N SER D 129 49.67 -22.77 2.50
CA SER D 129 50.01 -23.54 3.70
C SER D 129 48.83 -24.35 4.19
N LEU D 130 47.69 -23.68 4.35
CA LEU D 130 46.46 -24.32 4.86
C LEU D 130 45.94 -25.40 3.92
N GLU D 131 46.05 -25.16 2.61
CA GLU D 131 45.62 -26.12 1.59
C GLU D 131 46.48 -27.39 1.53
N ASN D 132 47.62 -27.38 2.25
CA ASN D 132 48.55 -28.49 2.24
C ASN D 132 48.97 -28.94 3.64
N ASP D 133 48.08 -28.73 4.62
CA ASP D 133 48.28 -29.17 6.00
C ASP D 133 49.61 -28.72 6.64
N LEU D 134 50.05 -27.52 6.28
CA LEU D 134 51.20 -26.89 6.93
C LEU D 134 50.69 -25.77 7.83
N LEU D 135 50.05 -26.18 8.93
CA LEU D 135 49.32 -25.28 9.80
C LEU D 135 50.22 -24.51 10.76
N MET D 136 51.24 -25.19 11.30
CA MET D 136 52.22 -24.57 12.21
C MET D 136 52.83 -23.32 11.57
N GLU D 137 53.36 -23.47 10.36
CA GLU D 137 54.01 -22.39 9.64
C GLU D 137 53.04 -21.32 9.16
N ALA D 138 51.80 -21.71 8.86
CA ALA D 138 50.74 -20.77 8.48
C ALA D 138 50.47 -19.76 9.60
N MET D 139 50.68 -20.20 10.83
CA MET D 139 50.51 -19.34 12.00
C MET D 139 51.71 -18.40 12.16
N VAL D 140 52.91 -18.92 11.95
CA VAL D 140 54.15 -18.13 12.06
C VAL D 140 54.17 -17.03 10.99
N ILE D 141 53.60 -17.33 9.82
CA ILE D 141 53.42 -16.35 8.76
C ILE D 141 52.52 -15.21 9.25
N ALA D 142 51.30 -15.56 9.67
CA ALA D 142 50.27 -14.57 10.04
C ALA D 142 50.59 -13.79 11.32
N LEU D 143 51.53 -14.29 12.12
CA LEU D 143 51.84 -13.70 13.41
C LEU D 143 52.48 -12.31 13.26
N ASP D 144 52.90 -11.97 12.05
CA ASP D 144 53.50 -10.68 11.74
C ASP D 144 52.67 -9.89 10.73
N SER D 145 51.54 -10.46 10.30
CA SER D 145 50.71 -9.86 9.24
C SER D 145 50.03 -8.56 9.66
N ASN D 146 49.33 -8.60 10.81
CA ASN D 146 48.57 -7.46 11.34
C ASN D 146 47.61 -6.83 10.32
N ASN D 147 47.03 -7.69 9.47
CA ASN D 147 46.14 -7.24 8.39
C ASN D 147 44.68 -7.54 8.68
N GLU D 148 44.45 -8.53 9.53
CA GLU D 148 43.11 -9.09 9.80
C GLU D 148 42.59 -9.83 8.56
N ARG D 149 41.41 -10.46 8.69
CA ARG D 149 40.82 -11.31 7.65
C ARG D 149 41.60 -12.62 7.47
N LEU D 150 42.92 -12.52 7.34
CA LEU D 150 43.81 -13.67 7.20
C LEU D 150 43.97 -14.41 8.52
N LYS D 151 44.27 -13.66 9.58
CA LYS D 151 44.46 -14.21 10.93
C LYS D 151 43.28 -15.09 11.36
N GLU D 152 42.09 -14.74 10.89
CA GLU D 152 40.87 -15.49 11.21
C GLU D 152 40.87 -16.85 10.52
N SER D 153 41.25 -16.88 9.25
CA SER D 153 41.28 -18.12 8.46
C SER D 153 42.29 -19.13 9.01
N VAL D 154 43.37 -18.63 9.62
CA VAL D 154 44.36 -19.47 10.27
C VAL D 154 43.75 -20.09 11.52
N LYS D 155 42.96 -19.31 12.25
CA LYS D 155 42.23 -19.79 13.42
C LYS D 155 41.14 -20.78 13.02
N ASN D 156 40.40 -20.44 11.96
CA ASN D 156 39.35 -21.31 11.42
C ASN D 156 39.86 -22.72 11.12
N ALA D 157 41.02 -22.80 10.48
CA ALA D 157 41.65 -24.07 10.17
C ALA D 157 41.99 -24.84 11.45
N TYR D 158 42.53 -24.13 12.44
CA TYR D 158 42.88 -24.74 13.73
C TYR D 158 41.64 -25.27 14.46
N PHE D 159 40.57 -24.50 14.45
CA PHE D 159 39.32 -24.90 15.09
C PHE D 159 38.56 -25.94 14.27
N ALA D 160 38.90 -26.05 13.00
CA ALA D 160 38.29 -27.07 12.13
C ALA D 160 38.83 -28.46 12.45
N LYS D 161 40.05 -28.53 12.98
CA LYS D 161 40.70 -29.80 13.26
C LYS D 161 40.82 -30.10 14.76
N TYR D 162 41.35 -29.15 15.52
CA TYR D 162 41.58 -29.35 16.96
C TYR D 162 40.55 -28.66 17.84
N GLY D 163 39.51 -28.09 17.22
CA GLY D 163 38.53 -27.25 17.90
C GLY D 163 37.79 -27.82 19.10
N SER D 164 36.86 -28.73 18.85
CA SER D 164 35.96 -29.23 19.89
C SER D 164 36.40 -30.57 20.51
N LYS D 165 37.70 -30.69 20.79
CA LYS D 165 38.27 -31.90 21.38
C LYS D 165 38.35 -31.78 22.91
N SER D 166 39.49 -31.30 23.40
CA SER D 166 39.69 -31.07 24.83
C SER D 166 38.87 -29.87 25.33
N SER D 167 39.00 -29.57 26.61
CA SER D 167 38.36 -28.39 27.20
C SER D 167 38.99 -27.09 26.71
N LEU D 168 40.32 -26.98 26.91
CA LEU D 168 41.07 -25.77 26.58
C LEU D 168 40.89 -25.32 25.14
N SER D 169 40.84 -26.29 24.23
CA SER D 169 40.62 -26.02 22.82
C SER D 169 39.25 -25.38 22.58
N ARG D 170 38.26 -25.78 23.37
CA ARG D 170 36.93 -25.19 23.30
C ARG D 170 36.88 -23.80 23.93
N ILE D 171 37.64 -23.58 25.01
CA ILE D 171 37.75 -22.24 25.60
C ILE D 171 38.31 -21.25 24.57
N LEU D 172 39.39 -21.65 23.89
CA LEU D 172 40.04 -20.83 22.86
C LEU D 172 39.10 -20.44 21.72
N TYR D 173 38.24 -21.38 21.32
CA TYR D 173 37.22 -21.12 20.30
C TYR D 173 36.31 -19.97 20.70
N SER D 174 35.89 -19.95 21.96
CA SER D 174 34.96 -18.94 22.45
C SER D 174 35.60 -17.56 22.63
N ILE D 175 36.90 -17.53 22.91
CA ILE D 175 37.61 -16.26 23.05
C ILE D 175 37.87 -15.65 21.67
N SER D 176 38.32 -16.48 20.73
CA SER D 176 38.55 -16.05 19.35
C SER D 176 37.28 -15.51 18.68
N LYS D 177 36.33 -16.40 18.41
CA LYS D 177 35.10 -16.03 17.71
C LYS D 177 34.09 -15.28 18.58
N ARG D 178 34.43 -15.15 19.87
CA ARG D 178 33.65 -14.34 20.82
C ARG D 178 32.21 -14.80 20.97
N GLU D 179 32.03 -16.11 21.11
CA GLU D 179 30.70 -16.71 21.28
C GLU D 179 30.72 -17.79 22.36
N VAL D 180 29.94 -17.57 23.42
CA VAL D 180 29.86 -18.49 24.56
C VAL D 180 28.79 -19.56 24.38
N ASP D 181 27.95 -19.41 23.36
CA ASP D 181 26.82 -20.32 23.10
C ASP D 181 27.27 -21.79 23.06
N ASP D 182 28.32 -22.06 22.28
CA ASP D 182 28.93 -23.37 22.19
C ASP D 182 29.53 -23.81 23.53
N LEU D 183 30.17 -22.88 24.22
CA LEU D 183 30.83 -23.14 25.50
C LEU D 183 29.84 -23.54 26.58
N VAL D 184 28.72 -22.82 26.64
CA VAL D 184 27.66 -23.08 27.62
C VAL D 184 27.09 -24.49 27.44
N GLU D 185 26.91 -24.88 26.19
CA GLU D 185 26.25 -26.14 25.85
C GLU D 185 27.14 -27.37 26.01
N ASN D 186 28.39 -27.30 25.55
CA ASN D 186 29.22 -28.50 25.40
C ASN D 186 30.37 -28.72 26.40
N LEU D 187 30.87 -27.66 27.03
CA LEU D 187 32.04 -27.78 27.91
C LEU D 187 31.76 -28.51 29.22
N ASP D 188 32.74 -29.31 29.65
CA ASP D 188 32.73 -29.98 30.95
C ASP D 188 32.03 -29.13 32.00
N VAL D 189 30.87 -29.60 32.44
CA VAL D 189 29.95 -28.83 33.30
C VAL D 189 30.53 -28.50 34.69
N SER D 190 31.56 -29.22 35.11
CA SER D 190 32.24 -28.92 36.36
C SER D 190 33.14 -27.70 36.23
N GLN D 191 33.40 -27.33 34.97
CA GLN D 191 34.23 -26.18 34.65
C GLN D 191 33.33 -24.96 34.40
N TRP D 192 32.25 -24.88 35.20
CA TRP D 192 31.24 -23.85 35.01
C TRP D 192 31.72 -22.45 35.44
N LYS D 193 32.68 -22.40 36.37
CA LYS D 193 33.25 -21.13 36.83
C LYS D 193 34.03 -20.41 35.74
N PHE D 194 34.64 -21.18 34.85
CA PHE D 194 35.23 -20.63 33.63
C PHE D 194 34.15 -20.06 32.72
N ILE D 195 33.10 -20.86 32.51
CA ILE D 195 31.99 -20.47 31.64
C ILE D 195 31.27 -19.23 32.17
N SER D 196 31.24 -19.07 33.49
CA SER D 196 30.62 -17.93 34.15
C SER D 196 31.38 -16.63 33.92
N LYS D 197 32.71 -16.70 33.99
CA LYS D 197 33.57 -15.54 33.75
C LYS D 197 33.60 -15.11 32.29
N ALA D 198 33.56 -16.10 31.40
CA ALA D 198 33.54 -15.86 29.95
C ALA D 198 32.27 -15.11 29.51
N ILE D 199 31.24 -15.14 30.35
CA ILE D 199 30.03 -14.34 30.16
C ILE D 199 30.29 -12.88 30.55
N GLN D 200 31.05 -12.69 31.64
CA GLN D 200 31.33 -11.37 32.18
C GLN D 200 32.30 -10.57 31.31
N ASN D 201 32.97 -11.26 30.41
CA ASN D 201 33.97 -10.65 29.53
C ASN D 201 33.48 -10.47 28.11
N LEU D 202 32.53 -11.30 27.69
CA LEU D 202 31.93 -11.18 26.38
C LEU D 202 30.85 -10.09 26.36
N TYR D 203 30.20 -9.89 27.50
CA TYR D 203 29.20 -8.85 27.63
C TYR D 203 29.41 -8.00 28.90
N PRO D 204 30.41 -7.10 28.86
CA PRO D 204 30.56 -6.14 29.96
C PRO D 204 29.56 -4.99 29.79
N ASN D 205 29.18 -4.74 28.54
CA ASN D 205 28.22 -3.70 28.19
C ASN D 205 27.13 -4.25 27.27
N ASP D 206 26.35 -5.20 27.81
CA ASP D 206 25.20 -5.79 27.14
C ASP D 206 24.45 -6.62 28.18
N ILE D 207 23.69 -5.94 29.03
CA ILE D 207 22.94 -6.56 30.13
C ILE D 207 21.99 -7.68 29.67
N ALA D 208 21.32 -7.47 28.54
CA ALA D 208 20.34 -8.42 28.01
C ALA D 208 20.96 -9.78 27.63
N GLN D 209 22.04 -9.74 26.85
CA GLN D 209 22.68 -10.97 26.36
C GLN D 209 23.48 -11.70 27.45
N ARG D 210 23.96 -10.94 28.45
CA ARG D 210 24.68 -11.52 29.58
C ARG D 210 23.77 -12.43 30.40
N ASN D 211 22.61 -11.90 30.79
CA ASN D 211 21.62 -12.64 31.57
C ASN D 211 21.10 -13.90 30.87
N GLU D 212 20.89 -13.80 29.56
CA GLU D 212 20.40 -14.92 28.74
C GLU D 212 21.35 -16.13 28.80
N MET D 213 22.64 -15.86 28.92
CA MET D 213 23.66 -16.92 28.94
C MET D 213 23.89 -17.46 30.34
N LEU D 214 23.82 -16.59 31.35
CA LEU D 214 23.94 -17.01 32.75
C LEU D 214 22.79 -17.93 33.15
N ILE D 215 21.61 -17.66 32.61
CA ILE D 215 20.45 -18.51 32.79
C ILE D 215 20.66 -19.87 32.12
N LYS D 216 21.13 -19.83 30.86
CA LYS D 216 21.41 -21.03 30.06
C LYS D 216 22.43 -21.95 30.74
N LEU D 217 23.46 -21.37 31.36
CA LEU D 217 24.44 -22.11 32.14
C LEU D 217 23.83 -22.59 33.46
N GLY D 218 23.05 -21.72 34.09
CA GLY D 218 22.29 -22.07 35.29
C GLY D 218 21.30 -23.18 35.03
N ASP D 219 20.58 -23.08 33.91
CA ASP D 219 19.64 -24.11 33.46
C ASP D 219 20.32 -25.46 33.28
N ARG D 220 21.52 -25.44 32.70
CA ARG D 220 22.25 -26.66 32.40
C ARG D 220 22.75 -27.35 33.66
N LEU D 221 23.19 -26.57 34.65
CA LEU D 221 23.64 -27.11 35.93
C LEU D 221 22.48 -27.83 36.63
N LYS D 222 21.32 -27.18 36.70
CA LYS D 222 20.11 -27.81 37.22
C LYS D 222 19.78 -29.09 36.45
N GLU D 223 19.90 -29.02 35.12
CA GLU D 223 19.67 -30.15 34.24
C GLU D 223 20.62 -31.31 34.52
N ASN D 224 21.78 -30.98 35.09
CA ASN D 224 22.82 -31.97 35.41
C ASN D 224 23.04 -32.17 36.92
N GLY D 225 22.06 -31.74 37.72
CA GLY D 225 22.04 -32.04 39.16
C GLY D 225 22.85 -31.15 40.08
N HIS D 226 23.26 -29.98 39.56
CA HIS D 226 24.03 -29.02 40.33
C HIS D 226 23.14 -27.91 40.87
N ARG D 227 22.32 -28.26 41.85
CA ARG D 227 21.34 -27.36 42.45
C ARG D 227 21.97 -26.09 43.05
N GLN D 228 22.95 -26.26 43.94
CA GLN D 228 23.57 -25.12 44.62
C GLN D 228 24.35 -24.21 43.69
N ASP D 229 24.96 -24.79 42.66
CA ASP D 229 25.70 -24.00 41.67
C ASP D 229 24.73 -23.27 40.72
N SER D 230 23.64 -23.96 40.35
CA SER D 230 22.66 -23.39 39.42
C SER D 230 21.98 -22.13 39.96
N LEU D 231 21.67 -22.13 41.26
CA LEU D 231 21.04 -20.98 41.91
C LEU D 231 21.93 -19.73 41.87
N THR D 232 23.23 -19.94 42.09
CA THR D 232 24.22 -18.86 42.09
C THR D 232 24.16 -18.05 40.79
N LEU D 233 23.92 -18.75 39.68
CA LEU D 233 23.85 -18.11 38.38
C LEU D 233 22.53 -17.39 38.14
N TYR D 234 21.45 -17.96 38.64
CA TYR D 234 20.12 -17.33 38.58
C TYR D 234 20.09 -16.03 39.38
N LEU D 235 20.79 -16.02 40.52
CA LEU D 235 20.94 -14.83 41.33
C LEU D 235 21.77 -13.77 40.59
N ALA D 236 22.85 -14.22 39.94
CA ALA D 236 23.73 -13.35 39.18
C ALA D 236 23.03 -12.74 37.96
N ALA D 237 22.15 -13.52 37.34
CA ALA D 237 21.37 -13.06 36.19
C ALA D 237 20.12 -12.27 36.61
N GLY D 238 19.85 -12.24 37.91
CA GLY D 238 18.72 -11.51 38.48
C GLY D 238 17.37 -12.00 37.99
N SER D 239 17.10 -13.29 38.22
CA SER D 239 15.82 -13.88 37.82
C SER D 239 15.16 -14.61 38.97
N LEU D 240 13.98 -14.13 39.36
CA LEU D 240 13.17 -14.82 40.36
C LEU D 240 12.54 -16.06 39.76
N ASP D 241 12.00 -15.91 38.55
CA ASP D 241 11.26 -16.97 37.83
C ASP D 241 12.01 -18.30 37.80
N LYS D 242 13.33 -18.23 37.59
CA LYS D 242 14.18 -19.42 37.48
C LYS D 242 14.51 -20.05 38.83
N VAL D 243 14.76 -19.21 39.84
CA VAL D 243 14.95 -19.69 41.21
C VAL D 243 13.64 -20.30 41.73
N ALA D 244 12.54 -19.58 41.51
CA ALA D 244 11.21 -20.03 41.88
C ALA D 244 10.91 -21.43 41.36
N SER D 245 11.39 -21.71 40.14
CA SER D 245 11.21 -23.01 39.50
C SER D 245 11.87 -24.13 40.28
N ILE D 246 13.08 -23.88 40.79
CA ILE D 246 13.80 -24.85 41.60
C ILE D 246 13.10 -25.03 42.95
N TRP D 247 12.46 -23.96 43.43
CA TRP D 247 11.83 -23.98 44.74
C TRP D 247 10.38 -24.49 44.75
N LEU D 248 9.74 -24.43 43.59
CA LEU D 248 8.40 -25.00 43.42
C LEU D 248 8.46 -26.51 43.17
N SER D 249 9.56 -26.96 42.58
CA SER D 249 9.78 -28.38 42.29
C SER D 249 10.02 -29.18 43.57
N GLU D 250 10.72 -28.57 44.52
CA GLU D 250 11.03 -29.19 45.81
C GLU D 250 9.85 -29.11 46.79
N PHE D 251 8.86 -28.27 46.45
CA PHE D 251 7.74 -27.96 47.35
C PHE D 251 6.96 -29.18 47.90
N PRO D 252 6.36 -30.00 47.01
CA PRO D 252 5.52 -31.10 47.51
C PRO D 252 6.27 -32.10 48.40
N ASP D 253 7.57 -32.27 48.14
CA ASP D 253 8.43 -33.10 48.97
C ASP D 253 8.72 -32.43 50.31
N LEU D 254 8.80 -31.11 50.30
CA LEU D 254 9.06 -30.32 51.50
C LEU D 254 7.81 -30.21 52.37
N GLU D 255 6.64 -30.25 51.73
CA GLU D 255 5.36 -30.26 52.44
C GLU D 255 5.14 -31.58 53.19
N ASP D 256 5.66 -32.67 52.61
CA ASP D 256 5.54 -34.01 53.19
C ASP D 256 6.52 -34.24 54.35
N LYS D 257 7.53 -33.38 54.47
CA LYS D 257 8.53 -33.51 55.54
C LYS D 257 8.13 -32.79 56.83
N LEU D 258 7.06 -31.99 56.73
CA LEU D 258 6.43 -31.39 57.91
C LEU D 258 5.28 -32.27 58.40
N LYS D 259 4.60 -32.93 57.47
CA LYS D 259 3.54 -33.90 57.78
C LYS D 259 4.06 -35.07 58.61
N LYS D 260 5.25 -35.55 58.25
CA LYS D 260 5.91 -36.64 58.99
C LYS D 260 6.45 -36.16 60.34
N ASP D 261 6.64 -34.85 60.48
CA ASP D 261 7.21 -34.25 61.68
C ASP D 261 6.13 -33.88 62.71
N ASN D 262 5.20 -34.80 62.94
CA ASN D 262 4.13 -34.64 63.93
C ASN D 262 3.33 -33.34 63.76
N LYS D 263 2.77 -33.16 62.57
CA LYS D 263 1.92 -31.99 62.27
C LYS D 263 0.67 -32.39 61.50
N THR D 264 -0.42 -31.65 61.72
CA THR D 264 -1.69 -31.91 61.03
C THR D 264 -1.58 -31.47 59.57
N ILE D 265 -2.50 -31.97 58.75
CA ILE D 265 -2.55 -31.63 57.32
C ILE D 265 -2.47 -30.12 57.08
N TYR D 266 -3.33 -29.37 57.78
CA TYR D 266 -3.36 -27.92 57.62
C TYR D 266 -2.11 -27.23 58.15
N GLU D 267 -1.69 -27.61 59.36
CA GLU D 267 -0.46 -27.10 59.97
C GLU D 267 0.71 -27.22 59.00
N ALA D 268 0.83 -28.40 58.39
CA ALA D 268 1.87 -28.68 57.39
C ALA D 268 1.77 -27.75 56.19
N HIS D 269 0.54 -27.52 55.73
CA HIS D 269 0.28 -26.62 54.61
C HIS D 269 0.51 -25.16 54.99
N SER D 270 -0.10 -24.75 56.11
CA SER D 270 -0.07 -23.35 56.56
C SER D 270 1.34 -22.85 56.90
N GLU D 271 2.25 -23.78 57.18
CA GLU D 271 3.64 -23.44 57.50
C GLU D 271 4.56 -23.57 56.29
N CYS D 272 4.27 -24.54 55.42
CA CYS D 272 5.08 -24.81 54.23
C CYS D 272 4.89 -23.75 53.16
N LEU D 273 3.77 -23.02 53.23
CA LEU D 273 3.56 -21.85 52.39
C LEU D 273 4.31 -20.66 52.95
N THR D 274 4.14 -20.42 54.26
CA THR D 274 4.80 -19.33 54.97
C THR D 274 6.32 -19.45 54.88
N GLU D 275 6.83 -20.65 55.09
CA GLU D 275 8.27 -20.92 54.98
C GLU D 275 8.79 -20.60 53.59
N PHE D 276 8.12 -21.16 52.59
CA PHE D 276 8.40 -20.88 51.18
C PHE D 276 8.36 -19.37 50.92
N ILE D 277 7.25 -18.73 51.28
CA ILE D 277 7.07 -17.29 51.05
C ILE D 277 8.16 -16.48 51.75
N GLU D 278 8.33 -16.71 53.06
CA GLU D 278 9.36 -16.02 53.84
C GLU D 278 10.73 -16.07 53.14
N ARG D 279 11.09 -17.27 52.68
CA ARG D 279 12.35 -17.51 51.96
C ARG D 279 12.46 -16.66 50.70
N PHE D 280 11.54 -16.88 49.76
CA PHE D 280 11.48 -16.16 48.50
C PHE D 280 11.49 -14.64 48.67
N THR D 281 10.82 -14.15 49.72
CA THR D 281 10.70 -12.72 49.98
C THR D 281 12.02 -12.12 50.45
N VAL D 282 12.79 -12.90 51.23
CA VAL D 282 14.11 -12.48 51.68
C VAL D 282 15.07 -12.48 50.50
N PHE D 283 14.95 -13.49 49.64
CA PHE D 283 15.73 -13.57 48.40
C PHE D 283 15.34 -12.49 47.39
N SER D 284 14.06 -12.11 47.38
CA SER D 284 13.54 -11.10 46.46
C SER D 284 14.15 -9.72 46.67
N ASN D 285 14.62 -9.45 47.88
CA ASN D 285 15.21 -8.15 48.22
C ASN D 285 16.60 -7.94 47.60
N PHE D 286 17.33 -9.02 47.41
CA PHE D 286 18.71 -8.96 46.90
C PHE D 286 18.76 -9.28 45.41
N ILE D 287 17.82 -8.72 44.65
CA ILE D 287 17.72 -9.01 43.22
C ILE D 287 17.14 -7.83 42.43
N ASN D 288 17.48 -7.78 41.13
CA ASN D 288 17.17 -6.62 40.28
C ASN D 288 16.27 -6.97 39.08
N GLY D 289 14.98 -6.67 39.21
CA GLY D 289 14.00 -6.98 38.16
C GLY D 289 12.75 -7.65 38.71
N ILE D 293 7.91 -11.13 36.82
CA ILE D 293 7.31 -12.12 37.72
C ILE D 293 5.98 -12.60 37.16
N ASN D 294 6.04 -13.62 36.31
CA ASN D 294 4.84 -14.14 35.62
C ASN D 294 4.75 -15.67 35.61
N ASN D 295 5.52 -16.30 36.50
CA ASN D 295 5.46 -17.75 36.70
C ASN D 295 4.10 -18.16 37.26
N GLU D 296 3.27 -18.76 36.39
CA GLU D 296 1.89 -19.12 36.75
C GLU D 296 1.76 -19.88 38.06
N GLN D 297 2.69 -20.80 38.32
CA GLN D 297 2.66 -21.59 39.55
C GLN D 297 2.97 -20.74 40.77
N LEU D 298 3.98 -19.87 40.63
CA LEU D 298 4.37 -18.95 41.71
C LEU D 298 3.24 -17.99 42.09
N ILE D 299 2.47 -17.55 41.09
CA ILE D 299 1.31 -16.68 41.29
C ILE D 299 0.29 -17.38 42.19
N ALA D 300 0.10 -18.68 41.98
CA ALA D 300 -0.87 -19.47 42.72
C ALA D 300 -0.52 -19.63 44.19
N LYS D 301 0.75 -19.84 44.48
CA LYS D 301 1.23 -19.98 45.86
C LYS D 301 1.13 -18.65 46.60
N PHE D 302 1.39 -17.57 45.87
CA PHE D 302 1.24 -16.22 46.40
C PHE D 302 -0.20 -15.92 46.77
N LEU D 303 -1.13 -16.39 45.95
CA LEU D 303 -2.56 -16.18 46.17
C LEU D 303 -3.11 -17.01 47.33
N GLU D 304 -2.63 -18.24 47.47
CA GLU D 304 -3.00 -19.09 48.61
C GLU D 304 -2.52 -18.47 49.91
N PHE D 305 -1.34 -17.85 49.86
CA PHE D 305 -0.76 -17.13 51.00
C PHE D 305 -1.56 -15.85 51.32
N ILE D 306 -2.12 -15.21 50.29
CA ILE D 306 -2.99 -14.05 50.47
C ILE D 306 -4.21 -14.42 51.32
N ASN D 307 -4.79 -15.57 51.01
CA ASN D 307 -5.96 -16.09 51.73
C ASN D 307 -5.65 -16.41 53.19
N LEU D 308 -4.44 -16.91 53.44
CA LEU D 308 -3.97 -17.13 54.80
C LEU D 308 -3.80 -15.78 55.50
N THR D 309 -3.23 -14.82 54.79
CA THR D 309 -2.93 -13.49 55.32
C THR D 309 -4.20 -12.73 55.72
N THR D 310 -5.24 -12.84 54.89
CA THR D 310 -6.52 -12.18 55.16
C THR D 310 -7.29 -12.84 56.29
N SER D 311 -7.13 -14.16 56.44
CA SER D 311 -7.80 -14.90 57.51
C SER D 311 -7.21 -14.57 58.87
N THR D 312 -5.97 -14.06 58.88
CA THR D 312 -5.31 -13.59 60.09
C THR D 312 -5.77 -12.17 60.46
N GLY D 313 -6.43 -11.49 59.51
CA GLY D 313 -6.95 -10.14 59.71
C GLY D 313 -6.05 -9.06 59.12
N ASN D 314 -4.81 -9.45 58.88
CA ASN D 314 -3.75 -8.57 58.41
C ASN D 314 -3.93 -8.15 56.95
N PHE D 315 -4.79 -7.16 56.72
CA PHE D 315 -5.06 -6.64 55.38
C PHE D 315 -3.90 -5.84 54.81
N GLU D 316 -3.06 -5.29 55.69
CA GLU D 316 -1.95 -4.43 55.27
C GLU D 316 -0.83 -5.20 54.58
N LEU D 317 -0.60 -6.43 55.05
CA LEU D 317 0.38 -7.32 54.45
C LEU D 317 -0.15 -7.90 53.14
N ALA D 318 -1.42 -8.27 53.14
CA ALA D 318 -2.07 -8.88 51.98
C ALA D 318 -2.01 -7.98 50.74
N THR D 319 -2.22 -6.68 50.94
CA THR D 319 -2.18 -5.70 49.87
C THR D 319 -0.76 -5.54 49.29
N GLU D 320 0.23 -5.62 50.17
CA GLU D 320 1.63 -5.49 49.77
C GLU D 320 2.10 -6.68 48.91
N PHE D 321 1.52 -7.85 49.17
CA PHE D 321 1.83 -9.05 48.39
C PHE D 321 1.04 -9.12 47.08
N LEU D 322 -0.14 -8.50 47.05
CA LEU D 322 -0.95 -8.41 45.82
C LEU D 322 -0.32 -7.45 44.82
N ASN D 323 0.41 -6.46 45.32
CA ASN D 323 1.08 -5.48 44.47
C ASN D 323 2.34 -6.02 43.78
N SER D 324 2.82 -7.16 44.25
CA SER D 324 4.01 -7.82 43.68
C SER D 324 3.68 -8.65 42.45
N LEU D 325 2.38 -8.84 42.19
CA LEU D 325 1.89 -9.68 41.10
C LEU D 325 1.36 -8.80 39.96
N PRO D 326 1.32 -9.35 38.71
CA PRO D 326 0.73 -8.61 37.60
C PRO D 326 -0.79 -8.50 37.76
N SER D 327 -1.33 -7.32 37.49
CA SER D 327 -2.77 -7.06 37.65
C SER D 327 -3.60 -7.50 36.44
N ASP D 328 -3.14 -8.55 35.77
CA ASP D 328 -3.80 -9.06 34.58
C ASP D 328 -4.81 -10.16 34.93
N ASN D 329 -4.46 -10.96 35.93
CA ASN D 329 -5.31 -12.07 36.40
C ASN D 329 -6.63 -11.57 36.99
N GLU D 330 -7.70 -12.27 36.66
CA GLU D 330 -9.05 -11.94 37.13
C GLU D 330 -9.21 -12.14 38.64
N GLU D 331 -8.58 -13.18 39.18
CA GLU D 331 -8.63 -13.45 40.62
C GLU D 331 -7.78 -12.45 41.41
N VAL D 332 -6.60 -12.13 40.88
CA VAL D 332 -5.71 -11.13 41.47
C VAL D 332 -6.40 -9.75 41.49
N LYS D 333 -7.10 -9.43 40.41
CA LYS D 333 -7.87 -8.20 40.32
C LYS D 333 -8.98 -8.17 41.38
N THR D 334 -9.69 -9.29 41.52
CA THR D 334 -10.83 -9.37 42.45
C THR D 334 -10.38 -9.42 43.91
N GLU D 335 -9.25 -10.09 44.15
CA GLU D 335 -8.66 -10.15 45.50
C GLU D 335 -8.11 -8.79 45.93
N LYS D 336 -7.65 -8.00 44.96
CA LYS D 336 -7.26 -6.61 45.21
C LYS D 336 -8.45 -5.75 45.62
N ALA D 337 -9.57 -5.92 44.92
CA ALA D 337 -10.80 -5.20 45.23
C ALA D 337 -11.37 -5.64 46.58
N ARG D 338 -11.45 -6.95 46.78
CA ARG D 338 -12.05 -7.51 47.99
C ARG D 338 -11.34 -7.02 49.26
N VAL D 339 -10.02 -6.98 49.21
CA VAL D 339 -9.21 -6.45 50.32
C VAL D 339 -9.40 -4.94 50.48
N LEU D 340 -9.56 -4.24 49.36
CA LEU D 340 -9.75 -2.79 49.36
C LEU D 340 -11.01 -2.39 50.10
N ILE D 341 -12.13 -3.04 49.77
CA ILE D 341 -13.42 -2.75 50.40
C ILE D 341 -13.46 -3.30 51.84
N ALA D 342 -12.79 -4.42 52.08
CA ALA D 342 -12.75 -5.02 53.41
C ALA D 342 -12.11 -4.11 54.46
N SER D 343 -10.89 -3.66 54.17
CA SER D 343 -10.10 -2.83 55.09
C SER D 343 -10.73 -1.46 55.35
N GLY D 344 -10.92 -0.69 54.28
CA GLY D 344 -11.54 0.63 54.37
C GLY D 344 -13.06 0.55 54.34
N VAL E 2 23.21 5.98 30.35
CA VAL E 2 23.96 5.35 29.22
C VAL E 2 25.35 5.97 29.12
N VAL E 3 26.35 5.23 29.56
CA VAL E 3 27.73 5.73 29.67
C VAL E 3 28.73 4.76 29.00
N ILE E 4 29.62 5.31 28.18
CA ILE E 4 30.69 4.55 27.57
C ILE E 4 32.00 4.86 28.30
N ALA E 5 32.10 4.38 29.53
CA ALA E 5 33.25 4.66 30.39
C ALA E 5 34.54 4.10 29.80
N ASN E 6 35.64 4.84 29.98
CA ASN E 6 36.93 4.51 29.40
C ASN E 6 36.86 4.12 27.92
N ALA E 7 36.77 5.14 27.07
CA ALA E 7 36.85 4.96 25.63
C ALA E 7 38.28 5.22 25.16
N HIS E 8 38.87 6.32 25.63
CA HIS E 8 40.27 6.64 25.35
C HIS E 8 41.09 6.68 26.64
N ASN E 9 42.35 6.29 26.53
CA ASN E 9 43.28 6.34 27.66
C ASN E 9 43.92 7.72 27.84
N GLU E 10 43.75 8.56 26.81
CA GLU E 10 44.11 9.98 26.87
C GLU E 10 42.83 10.80 26.97
N LEU E 11 42.95 12.06 27.38
CA LEU E 11 41.83 13.00 27.45
C LEU E 11 41.07 13.08 26.12
N ILE E 12 39.74 13.02 26.20
CA ILE E 12 38.86 13.07 25.04
C ILE E 12 38.47 14.52 24.68
N HIS E 13 38.60 14.86 23.39
CA HIS E 13 38.40 16.24 22.93
C HIS E 13 37.03 16.53 22.32
N ASP E 14 36.36 15.50 21.82
CA ASP E 14 35.02 15.65 21.25
C ASP E 14 34.22 14.35 21.27
N ALA E 15 32.89 14.48 21.31
CA ALA E 15 31.97 13.34 21.25
C ALA E 15 30.70 13.71 20.49
N VAL E 16 30.50 13.09 19.34
CA VAL E 16 29.41 13.47 18.43
C VAL E 16 28.73 12.25 17.84
N LEU E 17 27.41 12.17 18.04
CA LEU E 17 26.58 11.15 17.42
C LEU E 17 26.24 11.52 15.97
N ASP E 18 25.87 10.52 15.16
CA ASP E 18 25.53 10.78 13.76
C ASP E 18 24.11 11.33 13.57
N TYR E 19 23.75 11.50 12.29
CA TYR E 19 22.45 12.03 11.86
C TYR E 19 21.22 11.35 12.46
N TYR E 20 21.39 10.09 12.89
CA TYR E 20 20.32 9.31 13.51
C TYR E 20 20.39 9.35 15.04
N GLY E 21 21.60 9.55 15.55
CA GLY E 21 21.81 9.60 17.00
C GLY E 21 22.12 8.24 17.58
N LYS E 22 22.80 7.42 16.77
CA LYS E 22 23.14 6.05 17.15
C LYS E 22 24.66 5.83 17.14
N ARG E 23 25.26 5.87 15.94
CA ARG E 23 26.71 5.71 15.78
C ARG E 23 27.45 6.92 16.38
N LEU E 24 28.56 6.64 17.07
CA LEU E 24 29.28 7.66 17.86
C LEU E 24 30.77 7.77 17.51
N ALA E 25 31.23 9.01 17.26
CA ALA E 25 32.64 9.27 16.93
C ALA E 25 33.38 10.09 17.99
N THR E 26 34.44 9.50 18.55
CA THR E 26 35.23 10.14 19.61
C THR E 26 36.70 10.31 19.21
N CYS E 27 37.29 11.44 19.59
CA CYS E 27 38.68 11.75 19.28
C CYS E 27 39.45 12.32 20.47
N SER E 28 40.77 12.08 20.50
CA SER E 28 41.58 12.40 21.68
C SER E 28 43.06 12.68 21.40
N SER E 29 43.82 12.84 22.48
CA SER E 29 45.25 13.09 22.43
C SER E 29 46.09 11.89 21.99
N ASP E 30 45.51 10.68 22.04
CA ASP E 30 46.19 9.49 21.50
C ASP E 30 46.24 9.51 19.99
N LYS E 31 45.83 10.64 19.41
CA LYS E 31 45.90 10.92 17.97
C LYS E 31 44.90 10.10 17.15
N THR E 32 43.92 9.49 17.80
CA THR E 32 42.99 8.59 17.10
C THR E 32 41.50 8.94 17.24
N ILE E 33 40.72 8.45 16.28
CA ILE E 33 39.26 8.50 16.31
C ILE E 33 38.73 7.10 16.62
N LYS E 34 37.61 7.03 17.36
CA LYS E 34 36.98 5.75 17.65
C LYS E 34 35.51 5.77 17.26
N ILE E 35 35.04 4.65 16.69
CA ILE E 35 33.65 4.51 16.27
C ILE E 35 32.90 3.47 17.10
N PHE E 36 31.85 3.93 17.79
CA PHE E 36 31.01 3.06 18.62
C PHE E 36 29.60 2.98 18.05
N GLU E 37 28.94 1.84 18.26
CA GLU E 37 27.52 1.69 17.98
C GLU E 37 26.77 1.70 19.31
N VAL E 38 25.65 2.40 19.36
CA VAL E 38 24.90 2.56 20.61
C VAL E 38 23.46 2.07 20.50
N GLU E 39 23.03 1.26 21.47
CA GLU E 39 21.64 0.83 21.56
C GLU E 39 20.97 1.28 22.87
N GLY E 40 20.70 0.33 23.76
CA GLY E 40 20.11 0.64 25.06
C GLY E 40 21.17 1.16 26.01
N GLU E 41 21.59 0.29 26.94
CA GLU E 41 22.73 0.58 27.80
C GLU E 41 23.94 -0.22 27.33
N THR E 42 24.11 -0.26 26.00
CA THR E 42 25.11 -1.11 25.34
C THR E 42 25.93 -0.34 24.30
N HIS E 43 27.22 -0.63 24.25
CA HIS E 43 28.08 -0.06 23.21
C HIS E 43 29.05 -1.10 22.62
N LYS E 44 29.31 -0.97 21.33
CA LYS E 44 30.23 -1.86 20.62
C LYS E 44 31.24 -1.06 19.81
N LEU E 45 32.51 -1.16 20.18
CA LEU E 45 33.60 -0.53 19.44
C LEU E 45 33.72 -1.18 18.06
N ILE E 46 33.66 -0.36 17.02
CA ILE E 46 33.64 -0.86 15.63
C ILE E 46 35.02 -0.78 14.97
N ASP E 47 35.70 0.35 15.14
CA ASP E 47 37.02 0.56 14.53
C ASP E 47 37.77 1.74 15.17
N THR E 48 39.10 1.65 15.15
CA THR E 48 39.97 2.73 15.58
C THR E 48 40.65 3.35 14.34
N LEU E 49 40.46 4.66 14.17
CA LEU E 49 40.97 5.38 13.00
C LEU E 49 42.27 6.10 13.32
N THR E 50 43.33 5.76 12.59
CA THR E 50 44.68 6.28 12.87
C THR E 50 45.35 6.89 11.64
N GLY E 51 45.89 8.10 11.80
CA GLY E 51 46.60 8.79 10.72
C GLY E 51 47.04 10.20 11.08
N HIS E 52 46.37 10.79 12.08
CA HIS E 52 46.71 12.12 12.58
C HIS E 52 48.00 12.10 13.38
N GLU E 53 48.84 13.09 13.13
CA GLU E 53 50.16 13.22 13.76
C GLU E 53 50.09 14.07 15.04
N GLY E 54 48.90 14.59 15.34
CA GLY E 54 48.67 15.40 16.52
C GLY E 54 47.30 15.16 17.13
N PRO E 55 47.07 15.70 18.34
CA PRO E 55 45.78 15.61 19.03
C PRO E 55 44.62 16.01 18.11
N VAL E 56 43.67 15.09 17.94
CA VAL E 56 42.47 15.35 17.16
C VAL E 56 41.52 16.17 18.00
N TRP E 57 41.20 17.38 17.55
CA TRP E 57 40.32 18.26 18.30
C TRP E 57 38.85 17.99 18.01
N ARG E 58 38.47 18.02 16.73
CA ARG E 58 37.04 18.01 16.39
C ARG E 58 36.66 17.05 15.27
N VAL E 59 35.39 16.65 15.30
CA VAL E 59 34.81 15.78 14.28
C VAL E 59 33.43 16.27 13.84
N ASP E 60 32.98 15.80 12.69
CA ASP E 60 31.59 15.98 12.27
C ASP E 60 31.20 14.88 11.29
N TRP E 61 29.94 14.48 11.35
CA TRP E 61 29.38 13.47 10.47
C TRP E 61 28.77 14.13 9.22
N ALA E 62 29.11 13.59 8.06
CA ALA E 62 28.45 14.02 6.83
C ALA E 62 27.00 13.50 6.78
N HIS E 63 26.19 14.09 5.91
CA HIS E 63 24.83 13.61 5.69
C HIS E 63 24.89 12.22 5.05
N PRO E 64 24.16 11.25 5.64
CA PRO E 64 24.22 9.85 5.18
C PRO E 64 23.85 9.63 3.72
N LYS E 65 23.19 10.61 3.09
CA LYS E 65 22.85 10.52 1.66
C LYS E 65 24.09 10.44 0.79
N PHE E 66 25.15 11.16 1.19
CA PHE E 66 26.43 11.13 0.48
C PHE E 66 27.22 9.86 0.78
N GLY E 67 26.78 9.12 1.80
CA GLY E 67 27.45 7.91 2.27
C GLY E 67 27.63 7.98 3.77
N THR E 68 28.53 7.16 4.31
CA THR E 68 28.89 7.27 5.73
C THR E 68 30.28 7.91 5.86
N ILE E 69 30.30 9.24 5.96
CA ILE E 69 31.54 10.00 5.99
C ILE E 69 31.72 10.72 7.32
N LEU E 70 32.97 10.79 7.78
CA LEU E 70 33.38 11.60 8.92
C LEU E 70 34.58 12.47 8.55
N ALA E 71 34.50 13.75 8.90
CA ALA E 71 35.65 14.65 8.80
C ALA E 71 36.26 14.85 10.19
N SER E 72 37.58 14.88 10.25
CA SER E 72 38.30 14.98 11.52
C SER E 72 39.47 15.94 11.42
N CYS E 73 39.57 16.86 12.38
CA CYS E 73 40.64 17.84 12.35
C CYS E 73 41.56 17.72 13.56
N SER E 74 42.85 17.99 13.34
CA SER E 74 43.86 17.76 14.36
C SER E 74 44.78 18.95 14.60
N TYR E 75 45.59 18.85 15.65
CA TYR E 75 46.63 19.82 15.93
C TYR E 75 47.73 19.78 14.86
N ASP E 76 47.90 18.61 14.24
CA ASP E 76 48.87 18.46 13.14
C ASP E 76 48.63 19.41 11.97
N GLY E 77 47.45 20.02 11.95
CA GLY E 77 47.09 20.99 10.91
C GLY E 77 46.54 20.36 9.66
N LYS E 78 45.97 19.17 9.80
CA LYS E 78 45.39 18.44 8.66
C LYS E 78 43.99 17.94 8.97
N VAL E 79 43.13 17.97 7.95
CA VAL E 79 41.77 17.43 8.03
C VAL E 79 41.73 16.12 7.25
N LEU E 80 41.44 15.02 7.95
CA LEU E 80 41.36 13.71 7.30
C LEU E 80 39.91 13.25 7.17
N ILE E 81 39.53 12.85 5.95
CA ILE E 81 38.18 12.42 5.64
C ILE E 81 38.09 10.88 5.63
N TRP E 82 37.13 10.36 6.40
CA TRP E 82 36.97 8.91 6.59
C TRP E 82 35.62 8.42 6.08
N LYS E 83 35.55 7.14 5.73
CA LYS E 83 34.30 6.55 5.20
C LYS E 83 34.14 5.08 5.56
N GLU E 84 32.94 4.72 6.00
CA GLU E 84 32.56 3.33 6.20
C GLU E 84 31.79 2.84 4.98
N GLU E 85 32.49 2.14 4.08
CA GLU E 85 31.88 1.52 2.91
C GLU E 85 32.40 0.08 2.76
N ASN E 86 31.50 -0.83 2.39
CA ASN E 86 31.79 -2.27 2.32
C ASN E 86 32.20 -2.88 3.66
N GLY E 87 31.69 -2.29 4.75
CA GLY E 87 31.98 -2.74 6.11
C GLY E 87 33.35 -2.35 6.63
N ARG E 88 34.03 -1.47 5.92
CA ARG E 88 35.40 -1.08 6.30
C ARG E 88 35.66 0.43 6.35
N TRP E 89 36.24 0.88 7.45
CA TRP E 89 36.64 2.27 7.62
C TRP E 89 38.00 2.52 6.97
N SER E 90 38.05 3.48 6.04
CA SER E 90 39.31 3.88 5.41
C SER E 90 39.38 5.39 5.17
N GLN E 91 40.60 5.92 5.14
CA GLN E 91 40.85 7.32 4.81
C GLN E 91 40.75 7.51 3.30
N ILE E 92 39.95 8.49 2.87
CA ILE E 92 39.71 8.69 1.44
C ILE E 92 40.19 10.05 0.88
N ALA E 93 40.51 10.99 1.77
CA ALA E 93 40.99 12.32 1.36
C ALA E 93 41.81 13.04 2.43
N VAL E 94 42.69 13.93 1.98
CA VAL E 94 43.47 14.77 2.88
C VAL E 94 43.34 16.23 2.49
N HIS E 95 43.14 17.10 3.48
CA HIS E 95 43.02 18.53 3.26
C HIS E 95 44.07 19.25 4.12
N ALA E 96 45.13 19.68 3.43
CA ALA E 96 46.30 20.28 4.07
C ALA E 96 46.68 21.61 3.40
N VAL E 97 45.97 22.66 3.78
CA VAL E 97 46.20 24.00 3.26
C VAL E 97 46.47 25.03 4.36
N HIS E 98 46.27 24.62 5.61
CA HIS E 98 46.54 25.49 6.76
C HIS E 98 47.91 25.22 7.36
N SER E 99 48.60 26.31 7.73
CA SER E 99 49.94 26.22 8.31
C SER E 99 49.93 26.32 9.83
N ALA E 100 48.83 25.89 10.43
CA ALA E 100 48.69 25.81 11.88
C ALA E 100 47.58 24.83 12.24
N SER E 101 47.39 24.60 13.54
CA SER E 101 46.41 23.66 14.06
C SER E 101 44.98 23.96 13.61
N VAL E 102 44.34 22.97 12.99
CA VAL E 102 42.94 23.08 12.62
C VAL E 102 42.09 22.80 13.85
N ASN E 103 41.18 23.71 14.16
CA ASN E 103 40.44 23.67 15.41
C ASN E 103 38.96 23.34 15.23
N SER E 104 38.46 23.53 14.02
CA SER E 104 37.05 23.28 13.73
C SER E 104 36.82 22.64 12.39
N VAL E 105 35.88 21.71 12.36
CA VAL E 105 35.42 21.07 11.14
C VAL E 105 33.92 20.84 11.26
N GLN E 106 33.16 21.23 10.23
CA GLN E 106 31.71 21.07 10.24
C GLN E 106 31.13 21.05 8.83
N TRP E 107 30.27 20.07 8.57
CA TRP E 107 29.65 19.88 7.26
C TRP E 107 28.52 20.86 7.02
N ALA E 108 28.31 21.22 5.76
CA ALA E 108 27.25 22.15 5.36
C ALA E 108 25.86 21.51 5.47
N PRO E 109 24.80 22.33 5.36
CA PRO E 109 23.49 21.76 5.08
C PRO E 109 23.61 20.83 3.89
N HIS E 110 22.95 19.68 3.95
CA HIS E 110 23.02 18.73 2.83
C HIS E 110 22.65 19.35 1.47
N GLU E 111 21.79 20.36 1.50
CA GLU E 111 21.39 21.09 0.31
C GLU E 111 22.59 21.68 -0.43
N TYR E 112 23.52 22.24 0.33
CA TYR E 112 24.73 22.83 -0.23
C TYR E 112 25.64 21.79 -0.86
N GLY E 113 25.39 20.52 -0.53
CA GLY E 113 26.23 19.43 -1.01
C GLY E 113 27.31 19.07 0.00
N PRO E 114 28.29 18.25 -0.41
CA PRO E 114 29.34 17.79 0.51
C PRO E 114 30.39 18.86 0.83
N LEU E 115 29.95 20.06 1.20
CA LEU E 115 30.85 21.13 1.63
C LEU E 115 31.35 20.92 3.06
N LEU E 116 32.60 21.29 3.30
CA LEU E 116 33.18 21.20 4.64
C LEU E 116 33.79 22.55 5.09
N LEU E 117 33.35 23.02 6.26
CA LEU E 117 33.81 24.30 6.79
C LEU E 117 34.92 24.11 7.82
N VAL E 118 36.10 24.65 7.51
CA VAL E 118 37.32 24.42 8.29
C VAL E 118 37.92 25.72 8.82
N ALA E 119 38.17 25.76 10.12
CA ALA E 119 38.76 26.91 10.81
C ALA E 119 40.08 26.52 11.44
N SER E 120 41.08 27.40 11.32
CA SER E 120 42.44 27.10 11.78
C SER E 120 43.11 28.25 12.55
N SER E 121 44.19 27.93 13.26
CA SER E 121 44.94 28.89 14.08
C SER E 121 45.79 29.88 13.26
N ASP E 122 45.93 29.65 11.96
CA ASP E 122 46.71 30.55 11.11
C ASP E 122 45.90 31.74 10.57
N GLY E 123 44.68 31.91 11.11
CA GLY E 123 43.82 33.01 10.72
C GLY E 123 42.95 32.73 9.49
N LYS E 124 43.29 31.68 8.76
CA LYS E 124 42.51 31.30 7.60
C LYS E 124 41.34 30.40 7.96
N VAL E 125 40.23 30.63 7.29
CA VAL E 125 39.12 29.68 7.24
C VAL E 125 39.05 29.19 5.80
N SER E 126 38.82 27.89 5.61
CA SER E 126 38.70 27.32 4.28
C SER E 126 37.37 26.57 4.07
N VAL E 127 36.84 26.67 2.85
CA VAL E 127 35.62 25.96 2.45
C VAL E 127 35.95 24.95 1.36
N VAL E 128 35.80 23.66 1.69
CA VAL E 128 36.15 22.58 0.76
C VAL E 128 34.97 21.69 0.42
N GLU E 129 34.56 21.73 -0.85
CA GLU E 129 33.61 20.77 -1.37
C GLU E 129 34.40 19.59 -1.90
N PHE E 130 34.04 18.39 -1.44
CA PHE E 130 34.72 17.19 -1.92
C PHE E 130 34.07 16.67 -3.19
N LYS E 131 34.77 16.90 -4.30
CA LYS E 131 34.28 16.57 -5.62
C LYS E 131 34.35 15.05 -5.81
N GLU E 132 33.33 14.54 -6.50
CA GLU E 132 33.21 13.12 -6.80
C GLU E 132 34.26 12.63 -7.81
N ASN E 133 34.87 13.57 -8.53
CA ASN E 133 35.95 13.27 -9.48
C ASN E 133 37.31 12.99 -8.82
N GLY E 134 37.42 13.27 -7.52
CA GLY E 134 38.64 13.00 -6.77
C GLY E 134 39.39 14.25 -6.35
N THR E 135 39.51 15.21 -7.27
CA THR E 135 40.22 16.46 -6.98
C THR E 135 39.34 17.42 -6.15
N THR E 136 39.97 18.47 -5.62
CA THR E 136 39.29 19.54 -4.92
C THR E 136 39.90 20.90 -5.28
N SER E 137 39.07 21.93 -5.32
CA SER E 137 39.54 23.31 -5.37
C SER E 137 38.99 24.07 -4.16
N PRO E 138 39.86 24.35 -3.17
CA PRO E 138 39.43 24.99 -1.93
C PRO E 138 39.25 26.51 -2.02
N ILE E 139 38.20 27.01 -1.39
CA ILE E 139 38.04 28.44 -1.13
C ILE E 139 38.72 28.72 0.21
N ILE E 140 39.57 29.75 0.26
CA ILE E 140 40.34 30.08 1.47
C ILE E 140 40.39 31.60 1.70
N ILE E 141 40.13 32.01 2.95
CA ILE E 141 40.05 33.43 3.32
C ILE E 141 40.80 33.75 4.63
N ASP E 142 41.43 34.92 4.69
CA ASP E 142 41.95 35.46 5.96
C ASP E 142 40.77 35.99 6.74
N ALA E 143 40.49 35.37 7.88
CA ALA E 143 39.29 35.69 8.65
C ALA E 143 39.56 36.42 9.96
N HIS E 144 40.63 36.03 10.66
CA HIS E 144 40.86 36.49 12.03
C HIS E 144 42.32 36.68 12.38
N ALA E 145 42.59 37.77 13.10
CA ALA E 145 43.90 38.03 13.69
C ALA E 145 44.20 37.01 14.76
N ILE E 146 45.44 36.52 14.80
CA ILE E 146 45.95 35.58 15.83
C ILE E 146 45.53 34.13 15.61
N GLY E 147 44.25 33.89 15.29
CA GLY E 147 43.76 32.55 14.98
C GLY E 147 42.26 32.38 14.99
N VAL E 148 41.76 31.37 14.26
CA VAL E 148 40.33 31.06 14.22
C VAL E 148 40.05 29.76 14.98
N ASN E 149 39.03 29.80 15.83
CA ASN E 149 38.76 28.71 16.79
C ASN E 149 37.51 27.90 16.46
N SER E 150 36.49 28.58 15.94
CA SER E 150 35.24 27.91 15.58
C SER E 150 34.59 28.54 14.34
N ALA E 151 33.93 27.70 13.55
CA ALA E 151 33.23 28.16 12.33
C ALA E 151 31.99 27.32 12.04
N SER E 152 30.81 27.92 12.22
CA SER E 152 29.53 27.23 12.07
C SER E 152 28.71 27.78 10.91
N TRP E 153 28.09 26.89 10.15
CA TRP E 153 27.18 27.27 9.06
C TRP E 153 25.87 27.81 9.58
N ALA E 154 25.27 28.72 8.83
CA ALA E 154 23.88 29.11 9.02
C ALA E 154 22.98 28.07 8.36
N PRO E 155 21.73 27.91 8.84
CA PRO E 155 20.82 26.94 8.24
C PRO E 155 20.57 27.23 6.76
N ALA E 156 20.06 26.22 6.04
CA ALA E 156 19.69 26.37 4.64
C ALA E 156 18.44 27.26 4.54
N THR E 157 18.58 28.37 3.83
CA THR E 157 17.54 29.42 3.73
C THR E 157 16.14 28.91 3.35
N SER E 170 22.62 33.31 -0.02
CA SER E 170 21.94 32.69 1.10
C SER E 170 22.89 31.83 1.95
N ARG E 171 24.10 31.62 1.44
CA ARG E 171 25.07 30.78 2.11
C ARG E 171 25.87 31.56 3.15
N LYS E 172 25.47 31.43 4.41
CA LYS E 172 26.15 32.10 5.52
C LYS E 172 26.84 31.11 6.44
N PHE E 173 27.94 31.56 7.04
CA PHE E 173 28.49 30.90 8.21
C PHE E 173 29.06 31.93 9.18
N VAL E 174 29.14 31.56 10.45
CA VAL E 174 29.67 32.43 11.51
C VAL E 174 31.05 31.91 11.94
N THR E 175 31.94 32.83 12.31
CA THR E 175 33.28 32.47 12.80
C THR E 175 33.60 33.15 14.13
N GLY E 176 34.44 32.48 14.93
CA GLY E 176 34.92 33.05 16.19
C GLY E 176 36.41 32.83 16.35
N GLY E 177 37.16 33.93 16.54
CA GLY E 177 38.62 33.87 16.57
C GLY E 177 39.29 34.40 17.83
N ALA E 178 40.62 34.47 17.78
CA ALA E 178 41.44 34.85 18.93
C ALA E 178 41.66 36.37 19.07
N ASP E 179 40.92 37.13 18.29
CA ASP E 179 40.95 38.59 18.34
C ASP E 179 39.69 39.10 19.02
N ASN E 180 39.05 38.18 19.76
CA ASN E 180 37.82 38.41 20.53
C ASN E 180 36.56 38.55 19.70
N LEU E 181 36.72 38.53 18.38
CA LEU E 181 35.64 38.89 17.45
C LEU E 181 34.82 37.72 16.93
N VAL E 182 33.56 38.01 16.67
CA VAL E 182 32.65 37.08 16.01
C VAL E 182 32.34 37.67 14.64
N LYS E 183 32.32 36.81 13.62
CA LYS E 183 32.11 37.29 12.25
C LYS E 183 31.14 36.44 11.43
N ILE E 184 30.29 37.11 10.67
CA ILE E 184 29.40 36.42 9.73
C ILE E 184 29.84 36.71 8.30
N TRP E 185 30.15 35.66 7.56
CA TRP E 185 30.53 35.74 6.15
C TRP E 185 29.42 35.23 5.24
N LYS E 186 29.30 35.83 4.06
CA LYS E 186 28.30 35.43 3.06
C LYS E 186 28.99 35.17 1.71
N TYR E 187 28.51 34.16 0.99
CA TYR E 187 29.09 33.85 -0.33
C TYR E 187 28.69 34.90 -1.37
N ASN E 188 29.66 35.28 -2.19
CA ASN E 188 29.46 36.29 -3.22
C ASN E 188 29.77 35.75 -4.63
N SER E 189 28.80 35.87 -5.53
CA SER E 189 28.90 35.36 -6.91
C SER E 189 30.07 35.95 -7.70
N ASP E 190 30.18 37.29 -7.66
CA ASP E 190 31.22 38.02 -8.38
C ASP E 190 32.61 37.87 -7.76
N ALA E 191 32.68 37.99 -6.43
CA ALA E 191 33.95 37.81 -5.71
C ALA E 191 34.40 36.35 -5.68
N GLN E 192 33.49 35.44 -6.00
CA GLN E 192 33.75 33.99 -6.03
C GLN E 192 34.21 33.41 -4.69
N THR E 193 33.79 34.03 -3.60
CA THR E 193 34.24 33.63 -2.26
C THR E 193 33.29 34.15 -1.17
N TYR E 194 33.68 33.96 0.08
CA TYR E 194 32.92 34.46 1.22
C TYR E 194 33.40 35.84 1.67
N VAL E 195 32.55 36.85 1.48
CA VAL E 195 32.87 38.21 1.91
C VAL E 195 32.25 38.51 3.28
N LEU E 196 32.93 39.35 4.06
CA LEU E 196 32.47 39.70 5.40
C LEU E 196 31.15 40.44 5.33
N GLU E 197 30.22 40.06 6.21
CA GLU E 197 28.95 40.77 6.31
C GLU E 197 28.90 41.64 7.56
N SER E 198 29.29 41.06 8.69
CA SER E 198 29.20 41.74 9.99
C SER E 198 30.28 41.30 10.99
N THR E 199 30.92 42.29 11.60
CA THR E 199 31.85 42.08 12.72
C THR E 199 31.10 42.33 14.04
N LEU E 200 31.05 41.33 14.90
CA LEU E 200 30.26 41.44 16.13
C LEU E 200 31.13 41.50 17.39
N GLU E 201 31.13 42.68 18.02
CA GLU E 201 31.95 42.93 19.19
C GLU E 201 31.15 42.76 20.47
N GLY E 202 31.77 42.17 21.48
CA GLY E 202 31.11 41.91 22.76
C GLY E 202 32.00 41.28 23.82
N HIS E 203 32.78 40.28 23.40
CA HIS E 203 33.68 39.54 24.30
C HIS E 203 35.01 40.25 24.49
N SER E 204 35.71 39.91 25.56
CA SER E 204 36.98 40.56 25.93
C SER E 204 38.22 39.68 25.80
N ASP E 205 38.01 38.40 25.50
CA ASP E 205 39.11 37.45 25.30
C ASP E 205 38.74 36.47 24.16
N TRP E 206 39.61 35.48 23.90
CA TRP E 206 39.39 34.54 22.79
C TRP E 206 38.00 33.88 22.81
N VAL E 207 37.27 34.02 21.71
CA VAL E 207 36.02 33.29 21.52
C VAL E 207 36.34 31.86 21.08
N ARG E 208 35.89 30.89 21.86
CA ARG E 208 36.29 29.49 21.67
C ARG E 208 35.33 28.68 20.79
N ASP E 209 34.14 29.20 20.57
CA ASP E 209 33.08 28.48 19.88
C ASP E 209 31.93 29.40 19.48
N VAL E 210 31.50 29.27 18.24
CA VAL E 210 30.30 29.94 17.77
C VAL E 210 29.35 28.88 17.21
N ALA E 211 28.05 29.07 17.42
CA ALA E 211 27.07 28.08 16.97
C ALA E 211 25.82 28.75 16.42
N TRP E 212 25.38 28.31 15.24
CA TRP E 212 24.21 28.89 14.61
C TRP E 212 23.02 27.96 14.72
N SER E 213 21.99 28.42 15.42
CA SER E 213 20.76 27.67 15.65
C SER E 213 20.03 27.34 14.35
N PRO E 214 19.66 26.05 14.17
CA PRO E 214 18.89 25.59 13.01
C PRO E 214 17.47 26.15 12.99
N THR E 215 17.01 26.60 14.16
CA THR E 215 15.65 27.08 14.39
C THR E 215 15.00 27.75 13.18
N VAL E 216 13.88 27.17 12.76
CA VAL E 216 13.18 27.51 11.51
C VAL E 216 12.38 28.82 11.60
N LEU E 217 12.43 29.46 12.77
CA LEU E 217 11.54 30.59 13.07
C LEU E 217 11.94 31.90 12.39
N LEU E 218 11.17 32.95 12.64
CA LEU E 218 11.34 34.24 11.98
C LEU E 218 12.51 35.06 12.54
N ARG E 219 13.38 34.40 13.30
CA ARG E 219 14.54 35.07 13.91
C ARG E 219 15.79 34.19 13.87
N SER E 220 16.93 34.81 13.59
CA SER E 220 18.23 34.13 13.61
C SER E 220 18.81 34.12 15.03
N TYR E 221 19.37 32.98 15.43
CA TYR E 221 19.98 32.86 16.76
C TYR E 221 21.43 32.38 16.69
N LEU E 222 22.27 32.99 17.53
CA LEU E 222 23.70 32.67 17.59
C LEU E 222 24.23 32.61 19.01
N ALA E 223 25.10 31.65 19.27
CA ALA E 223 25.74 31.52 20.58
C ALA E 223 27.26 31.64 20.49
N SER E 224 27.78 32.77 20.94
CA SER E 224 29.22 32.89 21.09
C SER E 224 29.65 32.57 22.52
N VAL E 225 30.83 31.99 22.64
CA VAL E 225 31.34 31.42 23.87
C VAL E 225 32.82 31.76 23.94
N SER E 226 33.27 32.36 25.05
CA SER E 226 34.63 32.89 25.11
C SER E 226 35.50 32.48 26.31
N GLN E 227 36.75 32.94 26.28
CA GLN E 227 37.72 32.78 27.37
C GLN E 227 37.40 33.78 28.49
N ASP E 228 36.63 34.81 28.17
CA ASP E 228 36.21 35.84 29.12
C ASP E 228 35.10 35.37 30.08
N ARG E 229 34.77 34.08 30.01
CA ARG E 229 33.78 33.43 30.87
C ARG E 229 32.35 33.98 30.76
N THR E 230 32.00 34.45 29.56
CA THR E 230 30.64 34.91 29.25
C THR E 230 30.14 34.25 27.98
N CYS E 231 28.83 33.98 27.95
CA CYS E 231 28.16 33.51 26.75
C CYS E 231 27.25 34.60 26.22
N ILE E 232 27.34 34.86 24.92
CA ILE E 232 26.53 35.89 24.28
C ILE E 232 25.66 35.29 23.18
N ILE E 233 24.36 35.57 23.25
CA ILE E 233 23.42 35.22 22.21
C ILE E 233 23.19 36.40 21.27
N TRP E 234 23.48 36.19 19.98
CA TRP E 234 23.26 37.21 18.95
C TRP E 234 21.96 36.89 18.22
N THR E 235 21.06 37.87 18.18
CA THR E 235 19.78 37.71 17.46
C THR E 235 19.60 38.67 16.29
N GLN E 236 18.94 38.19 15.25
CA GLN E 236 18.62 39.02 14.08
C GLN E 236 17.16 38.81 13.67
N ASP E 237 16.34 39.84 13.89
CA ASP E 237 14.91 39.79 13.60
C ASP E 237 14.58 39.54 12.13
N ASN E 238 15.43 40.05 11.25
CA ASN E 238 15.24 39.92 9.81
C ASN E 238 16.58 39.90 9.08
N GLU E 239 16.60 39.30 7.89
CA GLU E 239 17.75 39.38 6.99
C GLU E 239 18.07 40.85 6.72
N GLN E 240 19.37 41.16 6.62
CA GLN E 240 19.92 42.53 6.75
C GLN E 240 19.70 43.06 8.17
N GLY E 241 20.05 44.32 8.41
CA GLY E 241 19.77 44.95 9.69
C GLY E 241 20.64 44.46 10.82
N PRO E 242 20.35 44.93 12.05
CA PRO E 242 21.28 44.79 13.16
C PRO E 242 21.29 43.42 13.82
N TRP E 243 22.41 43.10 14.45
CA TRP E 243 22.54 41.90 15.29
C TRP E 243 22.49 42.32 16.76
N LYS E 244 21.58 41.73 17.52
CA LYS E 244 21.38 42.12 18.92
C LYS E 244 22.15 41.28 19.93
N LYS E 245 23.01 41.94 20.69
CA LYS E 245 23.76 41.33 21.77
C LYS E 245 22.81 41.02 22.94
N THR E 246 22.94 39.83 23.51
CA THR E 246 22.19 39.43 24.69
C THR E 246 23.10 38.58 25.59
N LEU E 247 23.46 39.13 26.75
CA LEU E 247 24.29 38.41 27.71
C LEU E 247 23.41 37.36 28.40
N LEU E 248 23.75 36.09 28.16
CA LEU E 248 23.00 34.95 28.65
C LEU E 248 22.62 35.12 30.11
N LYS E 249 23.64 35.32 30.95
CA LYS E 249 23.43 35.75 32.33
C LYS E 249 24.37 36.91 32.67
N GLU E 250 23.89 37.81 33.52
CA GLU E 250 24.58 39.06 33.85
C GLU E 250 25.99 38.87 34.43
N GLU E 251 26.16 37.81 35.20
CA GLU E 251 27.42 37.54 35.91
C GLU E 251 28.25 36.57 35.11
N LYS E 252 29.57 36.72 35.19
CA LYS E 252 30.47 35.83 34.46
C LYS E 252 30.42 34.44 35.05
N PHE E 253 30.61 33.43 34.20
CA PHE E 253 30.70 32.05 34.63
C PHE E 253 31.99 31.82 35.42
N PRO E 254 32.01 30.84 36.33
CA PRO E 254 33.21 30.58 37.14
C PRO E 254 34.47 30.25 36.32
N ASP E 255 34.32 29.54 35.20
CA ASP E 255 35.45 29.16 34.37
C ASP E 255 35.18 29.37 32.87
N VAL E 256 36.22 29.20 32.06
CA VAL E 256 36.15 29.41 30.61
C VAL E 256 35.10 28.52 29.94
N LEU E 257 34.17 29.15 29.23
CA LEU E 257 33.21 28.40 28.42
C LEU E 257 33.92 27.95 27.13
N TRP E 258 33.69 26.71 26.74
CA TRP E 258 34.41 26.12 25.62
C TRP E 258 33.51 25.74 24.45
N ARG E 259 32.24 25.47 24.74
CA ARG E 259 31.32 24.95 23.74
C ARG E 259 29.90 25.46 23.92
N ALA E 260 29.11 25.35 22.85
CA ALA E 260 27.69 25.68 22.84
C ALA E 260 27.02 24.92 21.70
N SER E 261 25.90 24.27 22.01
CA SER E 261 25.19 23.46 21.03
C SER E 261 23.71 23.77 21.08
N TRP E 262 23.08 23.83 19.91
CA TRP E 262 21.65 24.09 19.84
C TRP E 262 20.85 22.81 19.63
N SER E 263 19.57 22.85 19.99
CA SER E 263 18.66 21.72 19.83
C SER E 263 18.06 21.74 18.44
N LEU E 264 17.92 20.55 17.84
CA LEU E 264 17.37 20.41 16.47
C LEU E 264 16.00 21.09 16.30
N SER E 265 15.25 21.14 17.38
CA SER E 265 14.05 21.95 17.47
C SER E 265 13.84 22.34 18.93
N GLY E 266 13.31 23.53 19.16
CA GLY E 266 13.12 24.04 20.52
C GLY E 266 13.92 25.30 20.79
N ASN E 267 15.12 25.36 20.21
CA ASN E 267 16.04 26.48 20.38
C ASN E 267 16.62 26.49 21.79
N VAL E 268 17.20 25.35 22.18
CA VAL E 268 17.73 25.15 23.53
C VAL E 268 19.25 25.08 23.55
N LEU E 269 19.86 25.79 24.48
CA LEU E 269 21.31 25.95 24.56
C LEU E 269 21.99 24.92 25.46
N ALA E 270 23.03 24.27 24.94
CA ALA E 270 23.85 23.38 25.76
C ALA E 270 25.28 23.90 25.81
N LEU E 271 25.60 24.59 26.90
CA LEU E 271 26.92 25.17 27.14
C LEU E 271 27.86 24.22 27.85
N SER E 272 29.15 24.34 27.58
CA SER E 272 30.16 23.53 28.27
C SER E 272 31.30 24.39 28.77
N GLY E 273 31.29 24.67 30.07
CA GLY E 273 32.35 25.42 30.73
C GLY E 273 33.55 24.56 31.11
N GLY E 274 34.62 25.22 31.55
CA GLY E 274 35.84 24.56 32.01
C GLY E 274 35.65 23.88 33.35
N ASP E 275 34.72 24.40 34.16
CA ASP E 275 34.36 23.80 35.44
C ASP E 275 33.60 22.47 35.26
N ASN E 276 33.74 21.88 34.08
CA ASN E 276 33.19 20.56 33.75
C ASN E 276 31.67 20.43 33.93
N LYS E 277 30.98 21.57 33.87
CA LYS E 277 29.54 21.60 34.08
C LYS E 277 28.80 21.97 32.80
N VAL E 278 27.70 21.26 32.54
CA VAL E 278 26.82 21.57 31.41
C VAL E 278 25.62 22.35 31.94
N THR E 279 25.25 23.39 31.21
CA THR E 279 24.09 24.21 31.56
C THR E 279 23.12 24.28 30.38
N LEU E 280 21.84 24.09 30.67
CA LEU E 280 20.81 24.14 29.62
C LEU E 280 19.94 25.39 29.80
N TRP E 281 19.74 26.13 28.71
CA TRP E 281 19.05 27.42 28.76
C TRP E 281 17.91 27.52 27.76
N LYS E 282 16.90 28.33 28.12
CA LYS E 282 15.77 28.61 27.24
C LYS E 282 15.47 30.10 27.22
N GLU E 283 14.69 30.54 26.24
CA GLU E 283 14.28 31.93 26.10
C GLU E 283 12.98 32.20 26.86
N ASN E 284 12.83 33.42 27.37
CA ASN E 284 11.59 33.82 28.06
C ASN E 284 10.95 35.07 27.46
N LEU E 285 9.78 35.44 27.99
CA LEU E 285 8.99 36.56 27.46
C LEU E 285 9.73 37.89 27.33
N GLU E 286 10.67 38.14 28.24
CA GLU E 286 11.43 39.40 28.27
C GLU E 286 12.51 39.44 27.19
N GLY E 287 12.89 38.26 26.71
CA GLY E 287 13.94 38.15 25.70
C GLY E 287 15.25 37.72 26.31
N LYS E 288 15.21 37.41 27.60
CA LYS E 288 16.37 36.90 28.33
C LYS E 288 16.32 35.37 28.45
N TRP E 289 17.27 34.80 29.19
CA TRP E 289 17.44 33.35 29.23
C TRP E 289 17.47 32.79 30.66
N GLU E 290 16.92 31.59 30.83
CA GLU E 290 16.79 30.95 32.14
C GLU E 290 17.02 29.44 32.05
N PRO E 291 17.32 28.78 33.18
CA PRO E 291 17.59 27.34 33.20
C PRO E 291 16.47 26.49 32.60
N ALA E 292 16.84 25.37 31.98
CA ALA E 292 15.89 24.49 31.29
C ALA E 292 16.14 23.02 31.63
N TRP F 9 45.62 27.45 26.70
CA TRP F 9 45.26 27.41 25.25
C TRP F 9 44.60 26.11 24.80
N TYR F 10 45.30 24.99 24.97
CA TYR F 10 44.89 23.71 24.39
C TYR F 10 44.58 22.60 25.41
N GLY F 11 43.55 21.82 25.11
CA GLY F 11 43.24 20.57 25.82
C GLY F 11 42.90 20.70 27.29
N GLU F 12 41.68 21.17 27.58
CA GLU F 12 41.20 21.34 28.95
C GLU F 12 39.98 20.44 29.21
N PRO F 13 39.86 19.92 30.45
CA PRO F 13 38.68 19.16 30.91
C PRO F 13 37.32 19.82 30.60
N SER F 14 36.79 19.54 29.41
CA SER F 14 35.55 20.14 28.92
C SER F 14 34.56 19.06 28.47
N PRO F 15 33.29 19.15 28.93
CA PRO F 15 32.27 18.16 28.60
C PRO F 15 31.93 18.12 27.11
N ALA F 16 32.03 19.27 26.45
CA ALA F 16 31.78 19.42 25.00
C ALA F 16 30.40 18.92 24.57
N ALA F 17 29.40 19.16 25.41
CA ALA F 17 28.04 18.67 25.23
C ALA F 17 27.45 19.02 23.87
N HIS F 18 27.10 17.99 23.10
CA HIS F 18 26.38 18.15 21.85
C HIS F 18 24.91 17.79 22.03
N TRP F 19 24.07 18.36 21.18
CA TRP F 19 22.69 17.90 21.04
C TRP F 19 22.65 16.92 19.88
N ALA F 20 21.79 15.92 20.01
CA ALA F 20 21.64 14.90 18.98
C ALA F 20 20.17 14.59 18.73
N PHE F 21 19.91 13.72 17.75
CA PHE F 21 18.57 13.37 17.33
C PHE F 21 17.83 12.55 18.38
N GLY F 22 16.65 13.04 18.77
CA GLY F 22 15.83 12.39 19.80
C GLY F 22 15.96 13.03 21.17
N GLY F 23 16.21 14.34 21.19
CA GLY F 23 16.46 15.07 22.44
C GLY F 23 17.64 14.55 23.26
N LYS F 24 18.54 13.81 22.60
CA LYS F 24 19.72 13.23 23.25
C LYS F 24 20.82 14.26 23.49
N LEU F 25 21.52 14.13 24.62
CA LEU F 25 22.63 15.02 24.95
C LEU F 25 23.92 14.24 25.17
N VAL F 26 24.80 14.27 24.17
CA VAL F 26 26.14 13.69 24.28
C VAL F 26 27.04 14.60 25.11
N GLN F 27 27.88 14.01 25.95
CA GLN F 27 28.89 14.76 26.72
C GLN F 27 30.02 13.86 27.21
N ILE F 28 31.22 14.45 27.32
CA ILE F 28 32.37 13.80 27.94
C ILE F 28 32.14 13.75 29.46
N THR F 29 32.52 12.65 30.09
CA THR F 29 32.32 12.47 31.53
C THR F 29 33.44 13.15 32.31
N PRO F 30 33.12 13.68 33.51
CA PRO F 30 34.05 14.48 34.31
C PRO F 30 35.49 14.00 34.30
N ASP F 31 35.69 12.68 34.38
CA ASP F 31 37.04 12.10 34.41
C ASP F 31 37.82 12.40 33.14
N GLY F 32 37.10 12.75 32.07
CA GLY F 32 37.70 13.22 30.82
C GLY F 32 37.91 12.18 29.74
N LYS F 33 37.59 10.92 30.04
CA LYS F 33 37.92 9.81 29.16
C LYS F 33 36.72 8.93 28.81
N GLY F 34 35.53 9.31 29.27
CA GLY F 34 34.30 8.56 29.01
C GLY F 34 33.24 9.41 28.32
N VAL F 35 32.14 8.78 27.92
CA VAL F 35 31.08 9.48 27.18
C VAL F 35 29.68 9.18 27.73
N SER F 36 28.96 10.25 28.03
CA SER F 36 27.60 10.16 28.55
C SER F 36 26.56 10.55 27.50
N ILE F 37 25.56 9.70 27.32
CA ILE F 37 24.41 10.01 26.47
C ILE F 37 23.12 9.93 27.29
N THR F 38 22.42 11.07 27.40
CA THR F 38 21.22 11.13 28.21
C THR F 38 20.01 11.67 27.43
N ASN F 39 18.90 11.84 28.13
CA ASN F 39 17.70 12.46 27.58
C ASN F 39 17.13 13.46 28.59
N PRO F 40 17.67 14.69 28.62
CA PRO F 40 17.23 15.72 29.54
C PRO F 40 15.76 16.09 29.35
N LYS F 41 15.01 16.08 30.46
CA LYS F 41 13.64 16.57 30.47
C LYS F 41 13.68 18.09 30.33
N ILE F 42 13.30 18.59 29.16
CA ILE F 42 13.28 20.02 28.91
C ILE F 42 11.97 20.60 29.40
N SER F 43 12.07 21.63 30.24
CA SER F 43 10.89 22.28 30.85
C SER F 43 9.83 22.70 29.83
N GLY F 44 8.56 22.54 30.20
CA GLY F 44 7.42 22.86 29.34
C GLY F 44 7.31 21.97 28.11
N LEU F 45 8.11 20.91 28.09
CA LEU F 45 8.18 20.01 26.93
C LEU F 45 8.04 18.58 27.43
N GLU F 46 7.05 17.87 26.90
CA GLU F 46 6.72 16.52 27.36
C GLU F 46 6.55 15.56 26.19
N SER F 47 6.60 14.28 26.50
CA SER F 47 6.07 13.25 25.62
C SER F 47 4.56 13.30 25.79
N ASN F 48 3.84 13.35 24.66
CA ASN F 48 2.38 13.42 24.70
C ASN F 48 1.79 12.12 25.23
N THR F 49 1.56 12.09 26.53
CA THR F 49 0.99 10.94 27.22
C THR F 49 -0.45 10.70 26.78
N THR F 50 -1.30 11.71 26.98
CA THR F 50 -2.73 11.63 26.66
C THR F 50 -3.02 11.14 25.25
N LEU F 51 -2.34 11.73 24.26
CA LEU F 51 -2.53 11.40 22.86
C LEU F 51 -2.12 9.95 22.54
N SER F 52 -0.92 9.57 22.97
CA SER F 52 -0.38 8.23 22.73
C SER F 52 -1.27 7.12 23.27
N GLU F 53 -1.79 7.30 24.50
CA GLU F 53 -2.71 6.35 25.09
C GLU F 53 -4.07 6.38 24.38
N ALA F 54 -4.49 7.58 23.99
CA ALA F 54 -5.76 7.79 23.30
C ALA F 54 -5.74 7.22 21.88
N LEU F 55 -4.54 7.02 21.35
CA LEU F 55 -4.37 6.46 20.01
C LEU F 55 -4.23 4.93 20.05
N LYS F 56 -3.82 4.40 21.20
CA LYS F 56 -3.69 2.96 21.41
C LYS F 56 -4.93 2.32 22.07
N THR F 57 -5.71 3.13 22.79
CA THR F 57 -6.96 2.65 23.40
C THR F 57 -8.18 3.19 22.68
N LYS F 58 -7.95 4.06 21.70
CA LYS F 58 -9.01 4.75 20.93
C LYS F 58 -9.98 5.52 21.84
N ASP F 59 -9.55 5.78 23.07
CA ASP F 59 -10.36 6.46 24.06
C ASP F 59 -9.94 7.93 24.16
N PHE F 60 -10.66 8.77 23.43
CA PHE F 60 -10.35 10.19 23.36
C PHE F 60 -11.07 11.02 24.43
N LYS F 61 -11.85 10.32 25.27
CA LYS F 61 -12.63 10.96 26.34
C LYS F 61 -11.78 11.86 27.28
N PRO F 62 -10.68 11.33 27.83
CA PRO F 62 -9.84 12.16 28.71
C PRO F 62 -9.25 13.37 27.99
N LEU F 63 -8.86 13.19 26.72
CA LEU F 63 -8.24 14.25 25.92
C LEU F 63 -9.18 15.45 25.75
N ILE F 64 -10.46 15.17 25.58
CA ILE F 64 -11.49 16.21 25.46
C ILE F 64 -11.60 17.04 26.75
N ASN F 65 -11.47 16.37 27.90
CA ASN F 65 -11.48 17.04 29.20
C ASN F 65 -10.40 18.11 29.32
N GLN F 66 -9.16 17.75 29.00
CA GLN F 66 -8.07 18.71 28.97
C GLN F 66 -8.40 19.80 27.96
N ARG F 67 -8.68 19.41 26.72
CA ARG F 67 -8.88 20.36 25.61
C ARG F 67 -10.06 21.32 25.77
N LEU F 68 -11.10 20.88 26.48
CA LEU F 68 -12.25 21.74 26.80
C LEU F 68 -11.88 22.81 27.83
N VAL F 69 -10.88 22.50 28.66
CA VAL F 69 -10.34 23.46 29.62
C VAL F 69 -9.28 24.35 28.95
N LYS F 70 -8.44 23.75 28.11
CA LYS F 70 -7.38 24.49 27.40
C LYS F 70 -7.92 25.12 26.11
N VAL F 71 -9.08 25.78 26.21
CA VAL F 71 -9.72 26.37 25.04
C VAL F 71 -9.48 27.88 24.94
N ILE F 72 -9.16 28.32 23.73
CA ILE F 72 -8.76 29.71 23.46
C ILE F 72 -9.93 30.63 23.08
N ASP F 73 -10.53 30.39 21.91
CA ASP F 73 -11.62 31.24 21.43
C ASP F 73 -12.87 30.46 21.04
N ASP F 74 -13.93 31.20 20.68
CA ASP F 74 -15.24 30.66 20.32
C ASP F 74 -15.21 29.62 19.21
N VAL F 75 -14.60 29.97 18.08
CA VAL F 75 -14.47 29.08 16.92
C VAL F 75 -13.80 27.75 17.32
N ASN F 76 -12.70 27.84 18.06
CA ASN F 76 -11.99 26.67 18.58
C ASN F 76 -12.79 25.91 19.65
N GLU F 77 -13.68 26.61 20.35
CA GLU F 77 -14.49 26.00 21.40
C GLU F 77 -15.62 25.15 20.84
N GLU F 78 -16.32 25.71 19.84
CA GLU F 78 -17.38 24.98 19.14
C GLU F 78 -16.82 23.72 18.49
N ASP F 79 -15.57 23.80 18.05
CA ASP F 79 -14.85 22.67 17.47
C ASP F 79 -14.62 21.52 18.47
N TRP F 80 -14.46 21.87 19.73
CA TRP F 80 -14.24 20.86 20.77
C TRP F 80 -15.53 20.36 21.40
N ASN F 81 -16.54 21.25 21.46
CA ASN F 81 -17.90 20.84 21.81
C ASN F 81 -18.42 19.82 20.81
N LEU F 82 -18.17 20.09 19.52
CA LEU F 82 -18.58 19.22 18.41
C LEU F 82 -17.91 17.85 18.47
N LEU F 83 -16.65 17.82 18.90
CA LEU F 83 -15.92 16.56 19.03
C LEU F 83 -16.42 15.71 20.20
N GLU F 84 -16.92 16.37 21.24
CA GLU F 84 -17.55 15.67 22.36
C GLU F 84 -18.89 15.09 21.92
N LYS F 85 -19.62 15.85 21.11
CA LYS F 85 -20.86 15.38 20.48
C LYS F 85 -20.55 14.15 19.63
N LEU F 86 -19.45 14.23 18.89
CA LEU F 86 -18.98 13.14 18.03
C LEU F 86 -18.49 11.94 18.83
N SER F 87 -18.05 12.18 20.06
CA SER F 87 -17.57 11.13 20.95
C SER F 87 -18.71 10.43 21.68
N MET F 88 -19.55 11.21 22.36
CA MET F 88 -20.65 10.69 23.17
C MET F 88 -21.74 9.99 22.34
N ASP F 89 -22.34 10.73 21.40
CA ASP F 89 -23.41 10.21 20.57
C ASP F 89 -22.89 9.29 19.47
N GLY F 90 -21.88 9.77 18.75
CA GLY F 90 -21.34 9.06 17.59
C GLY F 90 -21.44 9.91 16.34
N THR F 91 -20.66 9.53 15.32
CA THR F 91 -20.58 10.27 14.06
C THR F 91 -21.90 10.33 13.28
N GLU F 92 -22.54 9.18 13.11
CA GLU F 92 -23.75 9.08 12.30
C GLU F 92 -24.97 9.70 12.98
N GLU F 93 -25.00 9.61 14.31
CA GLU F 93 -26.12 10.13 15.10
C GLU F 93 -26.06 11.65 15.27
N PHE F 94 -24.90 12.24 15.00
CA PHE F 94 -24.78 13.70 15.00
C PHE F 94 -25.31 14.30 13.70
N LEU F 95 -25.05 13.62 12.59
CA LEU F 95 -25.53 14.05 11.28
C LEU F 95 -27.07 14.11 11.24
N LYS F 96 -27.71 13.05 11.74
CA LYS F 96 -29.16 12.99 11.86
C LYS F 96 -29.75 14.13 12.71
N GLU F 97 -28.93 14.68 13.60
CA GLU F 97 -29.37 15.75 14.50
C GLU F 97 -29.06 17.15 13.96
N ALA F 98 -28.03 17.24 13.12
CA ALA F 98 -27.58 18.52 12.56
C ALA F 98 -28.24 18.84 11.22
N LEU F 99 -28.56 17.80 10.45
CA LEU F 99 -29.15 17.95 9.12
C LEU F 99 -30.69 17.92 9.16
N ALA F 100 -31.24 17.95 10.37
CA ALA F 100 -32.69 17.82 10.55
C ALA F 100 -33.42 19.15 10.48
N PHE F 101 -34.67 19.08 9.99
CA PHE F 101 -35.56 20.25 9.95
C PHE F 101 -36.08 20.57 11.35
N ASP F 102 -37.07 21.46 11.43
CA ASP F 102 -37.71 21.83 12.68
C ASP F 102 -38.48 20.66 13.29
N GLY F 107 -42.77 33.74 2.89
CA GLY F 107 -43.22 32.59 2.12
C GLY F 107 -42.84 31.26 2.73
N ASN F 108 -43.38 30.99 3.91
CA ASN F 108 -43.17 29.71 4.60
C ASN F 108 -43.91 28.57 3.92
N ILE F 109 -45.11 28.87 3.41
CA ILE F 109 -45.94 27.88 2.72
C ILE F 109 -45.20 27.25 1.54
N GLU F 110 -44.65 28.12 0.69
CA GLU F 110 -43.93 27.72 -0.52
C GLU F 110 -42.67 26.95 -0.17
N GLN F 111 -42.17 27.14 1.04
CA GLN F 111 -41.03 26.40 1.58
C GLN F 111 -41.44 25.06 2.18
N THR F 112 -42.68 24.99 2.68
CA THR F 112 -43.18 23.76 3.31
C THR F 112 -43.33 22.65 2.28
N ILE F 113 -43.81 22.99 1.08
CA ILE F 113 -43.89 22.04 -0.02
C ILE F 113 -42.51 21.42 -0.29
N SER F 114 -41.47 22.25 -0.25
CA SER F 114 -40.09 21.79 -0.42
C SER F 114 -39.73 20.67 0.57
N LYS F 115 -40.06 20.88 1.84
CA LYS F 115 -39.80 19.88 2.88
C LYS F 115 -40.40 18.54 2.48
N ASN F 116 -41.69 18.54 2.15
CA ASN F 116 -42.42 17.35 1.73
C ASN F 116 -41.77 16.64 0.55
N LEU F 117 -41.32 17.42 -0.44
CA LEU F 117 -40.72 16.87 -1.65
C LEU F 117 -39.39 16.17 -1.38
N VAL F 118 -38.52 16.82 -0.59
CA VAL F 118 -37.20 16.27 -0.30
C VAL F 118 -37.22 15.20 0.79
N SER F 119 -38.34 15.10 1.51
CA SER F 119 -38.52 14.05 2.51
C SER F 119 -39.39 12.90 1.97
N GLY F 120 -39.61 12.89 0.67
CA GLY F 120 -40.36 11.83 0.00
C GLY F 120 -41.87 11.84 0.22
N ASN F 121 -42.34 12.76 1.05
CA ASN F 121 -43.77 12.86 1.38
C ASN F 121 -44.56 13.58 0.29
N ILE F 122 -44.68 12.92 -0.85
CA ILE F 122 -45.39 13.44 -2.03
C ILE F 122 -46.88 13.64 -1.77
N LYS F 123 -47.41 12.91 -0.79
CA LYS F 123 -48.84 12.93 -0.45
C LYS F 123 -49.29 14.30 0.08
N SER F 124 -48.47 14.88 0.95
CA SER F 124 -48.80 16.16 1.60
C SER F 124 -48.29 17.37 0.81
N ALA F 125 -47.39 17.12 -0.12
CA ALA F 125 -46.90 18.16 -1.02
C ALA F 125 -48.02 18.63 -1.95
N VAL F 126 -48.78 17.67 -2.47
CA VAL F 126 -49.90 17.94 -3.36
C VAL F 126 -51.00 18.73 -2.64
N LYS F 127 -51.30 18.31 -1.41
CA LYS F 127 -52.34 18.95 -0.61
C LYS F 127 -52.04 20.43 -0.33
N ASN F 128 -50.86 20.70 0.23
CA ASN F 128 -50.44 22.06 0.56
C ASN F 128 -50.43 23.00 -0.64
N SER F 129 -50.05 22.46 -1.80
CA SER F 129 -50.09 23.17 -3.07
C SER F 129 -51.51 23.56 -3.46
N LEU F 130 -52.42 22.60 -3.41
CA LEU F 130 -53.82 22.81 -3.81
C LEU F 130 -54.56 23.80 -2.93
N GLU F 131 -54.24 23.80 -1.63
CA GLU F 131 -54.89 24.66 -0.65
C GLU F 131 -54.43 26.11 -0.75
N ASN F 132 -53.37 26.34 -1.50
CA ASN F 132 -52.78 27.67 -1.63
C ASN F 132 -52.59 28.09 -3.10
N ASP F 133 -53.54 27.67 -3.94
CA ASP F 133 -53.62 28.07 -5.35
C ASP F 133 -52.31 27.87 -6.13
N LEU F 134 -51.63 26.76 -5.84
CA LEU F 134 -50.40 26.39 -6.54
C LEU F 134 -50.65 25.14 -7.40
N LEU F 135 -51.52 25.31 -8.39
CA LEU F 135 -52.03 24.20 -9.19
C LEU F 135 -51.04 23.69 -10.23
N MET F 136 -50.29 24.60 -10.87
CA MET F 136 -49.26 24.23 -11.83
C MET F 136 -48.22 23.28 -11.22
N GLU F 137 -47.79 23.59 -10.01
CA GLU F 137 -46.79 22.79 -9.31
C GLU F 137 -47.37 21.51 -8.71
N ALA F 138 -48.63 21.59 -8.26
CA ALA F 138 -49.37 20.41 -7.81
C ALA F 138 -49.49 19.37 -8.92
N MET F 139 -49.45 19.82 -10.16
CA MET F 139 -49.54 18.93 -11.32
C MET F 139 -48.20 18.25 -11.61
N VAL F 140 -47.12 19.03 -11.63
CA VAL F 140 -45.77 18.52 -11.88
C VAL F 140 -45.33 17.51 -10.82
N ILE F 141 -45.83 17.67 -9.60
CA ILE F 141 -45.53 16.71 -8.53
C ILE F 141 -46.25 15.40 -8.80
N ALA F 142 -47.56 15.49 -9.08
CA ALA F 142 -48.40 14.32 -9.33
C ALA F 142 -48.22 13.73 -10.74
N LEU F 143 -47.36 14.37 -11.55
CA LEU F 143 -47.03 13.87 -12.88
C LEU F 143 -45.96 12.76 -12.82
N ASP F 144 -45.31 12.66 -11.65
CA ASP F 144 -44.30 11.64 -11.40
C ASP F 144 -44.67 10.70 -10.25
N SER F 145 -45.89 10.86 -9.73
CA SER F 145 -46.37 10.07 -8.61
C SER F 145 -46.59 8.60 -8.97
N ASN F 146 -47.37 8.36 -10.03
CA ASN F 146 -47.82 7.02 -10.44
C ASN F 146 -48.42 6.23 -9.26
N ASN F 147 -49.25 6.90 -8.48
CA ASN F 147 -49.89 6.34 -7.30
C ASN F 147 -51.42 6.23 -7.40
N GLU F 148 -52.02 7.10 -8.23
CA GLU F 148 -53.48 7.25 -8.33
C GLU F 148 -54.05 7.87 -7.05
N ARG F 149 -55.32 8.28 -7.11
CA ARG F 149 -56.00 8.99 -6.01
C ARG F 149 -55.52 10.44 -5.87
N LEU F 150 -54.21 10.62 -5.86
CA LEU F 150 -53.60 11.94 -5.87
C LEU F 150 -53.75 12.61 -7.24
N LYS F 151 -53.55 11.82 -8.30
CA LYS F 151 -53.68 12.31 -9.67
C LYS F 151 -55.08 12.81 -9.97
N GLU F 152 -56.08 12.13 -9.40
CA GLU F 152 -57.48 12.49 -9.58
C GLU F 152 -57.86 13.70 -8.73
N SER F 153 -57.11 13.91 -7.64
CA SER F 153 -57.35 15.05 -6.74
C SER F 153 -56.82 16.34 -7.33
N VAL F 154 -55.75 16.24 -8.11
CA VAL F 154 -55.20 17.38 -8.84
C VAL F 154 -56.12 17.73 -10.01
N LYS F 155 -56.65 16.70 -10.66
CA LYS F 155 -57.59 16.88 -11.78
C LYS F 155 -58.89 17.56 -11.36
N ASN F 156 -59.46 17.13 -10.23
CA ASN F 156 -60.66 17.74 -9.65
C ASN F 156 -60.50 19.24 -9.43
N ALA F 157 -59.34 19.63 -8.92
CA ALA F 157 -59.03 21.03 -8.66
C ALA F 157 -59.03 21.84 -9.96
N TYR F 158 -58.44 21.27 -11.01
CA TYR F 158 -58.44 21.89 -12.33
C TYR F 158 -59.85 22.02 -12.89
N PHE F 159 -60.70 21.04 -12.59
CA PHE F 159 -62.10 21.11 -12.99
C PHE F 159 -62.95 21.96 -12.04
N ALA F 160 -62.41 22.23 -10.84
CA ALA F 160 -63.08 23.08 -9.87
C ALA F 160 -63.01 24.56 -10.26
N LYS F 161 -61.98 24.91 -11.03
CA LYS F 161 -61.80 26.29 -11.49
C LYS F 161 -61.98 26.41 -13.00
N TYR F 162 -61.22 25.63 -13.76
CA TYR F 162 -61.21 25.72 -15.23
C TYR F 162 -62.09 24.65 -15.91
N GLY F 163 -63.08 24.16 -15.18
CA GLY F 163 -63.90 23.03 -15.64
C GLY F 163 -64.75 23.30 -16.86
N SER F 164 -65.90 23.91 -16.65
CA SER F 164 -66.89 24.10 -17.72
C SER F 164 -66.74 25.47 -18.40
N LYS F 165 -65.53 25.79 -18.83
CA LYS F 165 -65.24 27.09 -19.45
C LYS F 165 -65.25 27.05 -20.98
N SER F 166 -64.38 26.22 -21.56
CA SER F 166 -64.28 26.10 -23.02
C SER F 166 -64.84 24.77 -23.54
N SER F 167 -64.80 24.60 -24.87
CA SER F 167 -65.15 23.32 -25.49
C SER F 167 -64.13 22.24 -25.12
N LEU F 168 -62.84 22.58 -25.22
CA LEU F 168 -61.76 21.65 -24.89
C LEU F 168 -61.83 21.20 -23.42
N SER F 169 -62.04 22.17 -22.52
CA SER F 169 -62.09 21.90 -21.09
C SER F 169 -63.30 21.03 -20.72
N ARG F 170 -64.33 21.05 -21.56
CA ARG F 170 -65.52 20.23 -21.38
C ARG F 170 -65.28 18.80 -21.85
N ILE F 171 -64.61 18.65 -23.00
CA ILE F 171 -64.18 17.32 -23.46
C ILE F 171 -63.24 16.69 -22.43
N LEU F 172 -62.28 17.48 -21.93
CA LEU F 172 -61.27 17.00 -20.99
C LEU F 172 -61.86 16.39 -19.73
N TYR F 173 -62.88 17.05 -19.18
CA TYR F 173 -63.64 16.54 -18.04
C TYR F 173 -64.32 15.22 -18.38
N SER F 174 -64.85 15.14 -19.60
CA SER F 174 -65.60 13.97 -20.06
C SER F 174 -64.71 12.75 -20.32
N ILE F 175 -63.45 12.99 -20.67
CA ILE F 175 -62.51 11.90 -20.92
C ILE F 175 -61.83 11.45 -19.63
N SER F 176 -61.51 12.40 -18.75
CA SER F 176 -60.86 12.11 -17.47
C SER F 176 -61.75 11.26 -16.54
N LYS F 177 -62.89 11.83 -16.15
CA LYS F 177 -63.84 11.11 -15.30
C LYS F 177 -64.65 10.07 -16.07
N ARG F 178 -64.42 10.02 -17.39
CA ARG F 178 -65.08 9.05 -18.27
C ARG F 178 -66.61 9.14 -18.19
N GLU F 179 -67.12 10.37 -18.27
CA GLU F 179 -68.56 10.64 -18.24
C GLU F 179 -68.97 11.55 -19.39
N VAL F 180 -69.87 11.06 -20.23
CA VAL F 180 -70.35 11.83 -21.38
C VAL F 180 -71.65 12.61 -21.10
N ASP F 181 -72.31 12.26 -19.98
CA ASP F 181 -73.61 12.86 -19.62
C ASP F 181 -73.58 14.39 -19.63
N ASP F 182 -72.56 14.95 -18.99
CA ASP F 182 -72.32 16.39 -18.97
C ASP F 182 -72.10 16.93 -20.38
N LEU F 183 -71.26 16.23 -21.15
CA LEU F 183 -70.91 16.61 -22.51
C LEU F 183 -72.15 16.67 -23.40
N VAL F 184 -72.85 15.55 -23.51
CA VAL F 184 -74.05 15.40 -24.34
C VAL F 184 -75.00 16.60 -24.22
N GLU F 185 -75.31 16.97 -22.98
CA GLU F 185 -76.24 18.06 -22.69
C GLU F 185 -75.68 19.46 -22.99
N ASN F 186 -74.39 19.67 -22.71
CA ASN F 186 -73.80 21.01 -22.67
C ASN F 186 -72.96 21.46 -23.87
N LEU F 187 -72.11 20.56 -24.38
CA LEU F 187 -71.16 20.94 -25.44
C LEU F 187 -71.84 21.55 -26.67
N ASP F 188 -71.19 22.54 -27.26
CA ASP F 188 -71.64 23.15 -28.51
C ASP F 188 -72.24 22.07 -29.43
N VAL F 189 -73.52 22.21 -29.71
CA VAL F 189 -74.28 21.18 -30.44
C VAL F 189 -73.91 21.10 -31.94
N SER F 190 -73.00 21.96 -32.38
CA SER F 190 -72.42 21.80 -33.71
C SER F 190 -71.21 20.88 -33.64
N GLN F 191 -70.59 20.83 -32.45
CA GLN F 191 -69.46 19.94 -32.19
C GLN F 191 -69.94 18.51 -31.92
N TRP F 192 -71.20 18.21 -32.28
CA TRP F 192 -71.85 16.92 -32.04
C TRP F 192 -71.03 15.70 -32.51
N LYS F 193 -70.25 15.88 -33.57
CA LYS F 193 -69.40 14.82 -34.10
C LYS F 193 -68.34 14.38 -33.08
N PHE F 194 -67.88 15.33 -32.27
CA PHE F 194 -66.91 15.07 -31.20
C PHE F 194 -67.56 14.29 -30.07
N ILE F 195 -68.83 14.59 -29.81
CA ILE F 195 -69.62 13.91 -28.79
C ILE F 195 -69.88 12.47 -29.22
N SER F 196 -70.29 12.29 -30.47
CA SER F 196 -70.60 10.97 -31.01
C SER F 196 -69.41 10.01 -30.91
N LYS F 197 -68.23 10.47 -31.33
CA LYS F 197 -66.99 9.71 -31.20
C LYS F 197 -66.66 9.37 -29.75
N ALA F 198 -67.05 10.26 -28.84
CA ALA F 198 -66.82 10.05 -27.41
C ALA F 198 -67.71 8.97 -26.83
N ILE F 199 -68.89 8.80 -27.41
CA ILE F 199 -69.82 7.74 -27.00
C ILE F 199 -69.26 6.36 -27.36
N GLN F 200 -68.67 6.24 -28.54
CA GLN F 200 -68.14 4.97 -29.05
C GLN F 200 -66.88 4.52 -28.31
N ASN F 201 -66.12 5.47 -27.78
CA ASN F 201 -64.90 5.16 -27.04
C ASN F 201 -65.17 4.84 -25.58
N LEU F 202 -66.24 5.41 -25.03
CA LEU F 202 -66.61 5.18 -23.63
C LEU F 202 -67.39 3.88 -23.45
N TYR F 203 -68.21 3.53 -24.43
CA TYR F 203 -68.94 2.27 -24.39
C TYR F 203 -68.69 1.41 -25.64
N PRO F 204 -67.55 0.69 -25.67
CA PRO F 204 -67.35 -0.26 -26.77
C PRO F 204 -68.10 -1.55 -26.47
N ASN F 205 -68.17 -1.91 -25.19
CA ASN F 205 -68.85 -3.11 -24.72
C ASN F 205 -69.91 -2.80 -23.67
N ASP F 206 -70.78 -1.85 -24.02
CA ASP F 206 -72.00 -1.54 -23.26
C ASP F 206 -73.02 -0.91 -24.19
N ILE F 207 -73.60 -1.74 -25.05
CA ILE F 207 -74.57 -1.31 -26.06
C ILE F 207 -75.77 -0.55 -25.47
N ALA F 208 -76.27 -1.04 -24.33
CA ALA F 208 -77.46 -0.49 -23.67
C ALA F 208 -77.30 0.98 -23.27
N GLN F 209 -76.11 1.34 -22.78
CA GLN F 209 -75.82 2.72 -22.40
C GLN F 209 -75.43 3.56 -23.64
N ARG F 210 -74.72 2.94 -24.58
CA ARG F 210 -74.32 3.61 -25.82
C ARG F 210 -75.52 4.18 -26.57
N ASN F 211 -76.61 3.41 -26.59
CA ASN F 211 -77.84 3.84 -27.24
C ASN F 211 -78.60 4.89 -26.45
N GLU F 212 -78.63 4.74 -25.13
CA GLU F 212 -79.22 5.73 -24.22
C GLU F 212 -78.58 7.11 -24.40
N MET F 213 -77.29 7.12 -24.72
CA MET F 213 -76.53 8.36 -24.89
C MET F 213 -76.66 8.97 -26.29
N LEU F 214 -76.56 8.12 -27.32
CA LEU F 214 -76.71 8.57 -28.70
C LEU F 214 -78.09 9.16 -28.98
N ILE F 215 -79.11 8.66 -28.27
CA ILE F 215 -80.47 9.18 -28.37
C ILE F 215 -80.55 10.59 -27.77
N LYS F 216 -80.08 10.71 -26.53
CA LYS F 216 -80.05 11.98 -25.81
C LYS F 216 -79.38 13.08 -26.64
N LEU F 217 -78.36 12.71 -27.40
CA LEU F 217 -77.72 13.64 -28.35
C LEU F 217 -78.57 13.82 -29.60
N GLY F 218 -79.15 12.72 -30.08
CA GLY F 218 -80.09 12.75 -31.22
C GLY F 218 -81.31 13.60 -30.94
N ASP F 219 -81.79 13.56 -29.70
CA ASP F 219 -82.92 14.40 -29.27
C ASP F 219 -82.54 15.88 -29.25
N ARG F 220 -81.35 16.18 -28.72
CA ARG F 220 -80.93 17.57 -28.53
C ARG F 220 -80.76 18.29 -29.87
N LEU F 221 -80.23 17.57 -30.86
CA LEU F 221 -80.10 18.11 -32.22
C LEU F 221 -81.46 18.39 -32.84
N LYS F 222 -82.44 17.54 -32.52
CA LYS F 222 -83.83 17.76 -32.91
C LYS F 222 -84.46 18.90 -32.12
N GLU F 223 -84.13 18.98 -30.83
CA GLU F 223 -84.60 20.04 -29.94
C GLU F 223 -84.08 21.39 -30.41
N ASN F 224 -83.01 21.37 -31.20
CA ASN F 224 -82.35 22.58 -31.68
C ASN F 224 -82.46 22.83 -33.19
N GLY F 225 -82.68 21.77 -33.97
CA GLY F 225 -83.03 21.93 -35.38
C GLY F 225 -82.10 21.32 -36.42
N HIS F 226 -81.17 20.48 -35.99
CA HIS F 226 -80.25 19.81 -36.90
C HIS F 226 -80.83 18.48 -37.40
N ARG F 227 -82.05 18.55 -37.95
CA ARG F 227 -82.83 17.41 -38.43
C ARG F 227 -82.00 16.28 -39.07
N GLN F 228 -81.27 16.60 -40.13
CA GLN F 228 -80.49 15.63 -40.91
C GLN F 228 -79.37 14.99 -40.09
N ASP F 229 -78.79 15.78 -39.19
CA ASP F 229 -77.74 15.30 -38.30
C ASP F 229 -78.30 14.41 -37.18
N SER F 230 -79.50 14.74 -36.72
CA SER F 230 -80.16 13.99 -35.65
C SER F 230 -80.62 12.61 -36.11
N LEU F 231 -80.93 12.50 -37.41
CA LEU F 231 -81.36 11.22 -37.99
C LEU F 231 -80.21 10.23 -38.11
N THR F 232 -79.01 10.76 -38.28
CA THR F 232 -77.78 9.96 -38.27
C THR F 232 -77.61 9.27 -36.93
N LEU F 233 -77.89 10.01 -35.85
CA LEU F 233 -77.70 9.51 -34.49
C LEU F 233 -78.82 8.59 -34.02
N TYR F 234 -80.00 8.73 -34.61
CA TYR F 234 -81.09 7.80 -34.38
C TYR F 234 -80.85 6.48 -35.10
N LEU F 235 -80.21 6.59 -36.27
CA LEU F 235 -79.85 5.42 -37.08
C LEU F 235 -78.79 4.57 -36.38
N ALA F 236 -77.70 5.21 -35.95
CA ALA F 236 -76.58 4.52 -35.29
C ALA F 236 -76.93 3.91 -33.94
N ALA F 237 -78.06 4.33 -33.36
CA ALA F 237 -78.50 3.81 -32.06
C ALA F 237 -79.70 2.87 -32.21
N GLY F 238 -80.04 2.54 -33.46
CA GLY F 238 -81.15 1.66 -33.78
C GLY F 238 -82.45 2.00 -33.07
N SER F 239 -83.04 3.15 -33.41
CA SER F 239 -84.28 3.60 -32.80
C SER F 239 -85.31 4.02 -33.85
N LEU F 240 -86.27 3.14 -34.11
CA LEU F 240 -87.33 3.42 -35.08
C LEU F 240 -88.33 4.43 -34.53
N ASP F 241 -88.61 4.31 -33.23
CA ASP F 241 -89.61 5.13 -32.56
C ASP F 241 -89.27 6.62 -32.64
N LYS F 242 -87.99 6.92 -32.47
CA LYS F 242 -87.52 8.29 -32.45
C LYS F 242 -87.47 8.93 -33.84
N VAL F 243 -87.11 8.16 -34.86
CA VAL F 243 -87.18 8.63 -36.25
C VAL F 243 -88.64 8.83 -36.63
N ALA F 244 -89.49 7.88 -36.24
CA ALA F 244 -90.93 7.97 -36.46
C ALA F 244 -91.51 9.21 -35.79
N SER F 245 -90.98 9.56 -34.62
CA SER F 245 -91.37 10.79 -33.91
C SER F 245 -91.12 12.03 -34.77
N ILE F 246 -89.98 12.03 -35.46
CA ILE F 246 -89.62 13.14 -36.35
C ILE F 246 -90.51 13.11 -37.60
N TRP F 247 -90.75 11.90 -38.12
CA TRP F 247 -91.51 11.73 -39.36
C TRP F 247 -93.02 11.88 -39.22
N LEU F 248 -93.58 11.39 -38.11
CA LEU F 248 -95.01 11.53 -37.80
C LEU F 248 -95.40 12.99 -37.54
N SER F 249 -94.49 13.74 -36.93
CA SER F 249 -94.71 15.15 -36.61
C SER F 249 -94.94 15.98 -37.87
N GLU F 250 -94.24 15.59 -38.94
CA GLU F 250 -94.28 16.32 -40.20
C GLU F 250 -95.42 15.84 -41.12
N PHE F 251 -96.14 14.82 -40.67
CA PHE F 251 -97.22 14.19 -41.45
C PHE F 251 -98.35 15.16 -41.81
N PRO F 252 -98.90 15.92 -40.83
CA PRO F 252 -99.98 16.84 -41.17
C PRO F 252 -99.56 17.93 -42.16
N ASP F 253 -98.28 18.27 -42.17
CA ASP F 253 -97.74 19.24 -43.12
C ASP F 253 -97.66 18.68 -44.53
N LEU F 254 -97.14 17.46 -44.64
CA LEU F 254 -96.93 16.81 -45.93
C LEU F 254 -98.26 16.47 -46.63
N GLU F 255 -99.25 16.09 -45.83
CA GLU F 255 -100.60 15.82 -46.31
C GLU F 255 -101.21 17.07 -46.95
N ASP F 256 -100.92 18.23 -46.37
CA ASP F 256 -101.46 19.50 -46.86
C ASP F 256 -100.67 20.11 -48.01
N LYS F 257 -99.63 19.42 -48.45
CA LYS F 257 -98.88 19.82 -49.64
C LYS F 257 -99.25 18.96 -50.84
N LEU F 258 -100.08 17.95 -50.58
CA LEU F 258 -100.64 17.10 -51.63
C LEU F 258 -102.04 17.57 -52.00
N LYS F 259 -102.75 18.13 -51.03
CA LYS F 259 -104.05 18.77 -51.26
C LYS F 259 -103.87 20.04 -52.09
N LYS F 260 -102.76 20.74 -51.85
CA LYS F 260 -102.37 21.89 -52.66
C LYS F 260 -101.94 21.47 -54.06
N ASP F 261 -101.58 20.19 -54.20
CA ASP F 261 -101.04 19.64 -55.44
C ASP F 261 -102.14 19.13 -56.37
N ASN F 262 -103.28 19.83 -56.38
CA ASN F 262 -104.44 19.51 -57.21
C ASN F 262 -104.92 18.06 -57.07
N LYS F 263 -105.19 17.65 -55.83
CA LYS F 263 -105.63 16.30 -55.52
C LYS F 263 -106.76 16.30 -54.50
N THR F 264 -107.66 15.33 -54.60
CA THR F 264 -108.84 15.22 -53.73
C THR F 264 -108.45 14.87 -52.29
N ILE F 265 -109.38 15.08 -51.37
CA ILE F 265 -109.19 14.77 -49.95
C ILE F 265 -108.72 13.32 -49.75
N TYR F 266 -109.38 12.38 -50.43
CA TYR F 266 -108.99 10.97 -50.36
C TYR F 266 -107.62 10.71 -50.99
N GLU F 267 -107.36 11.32 -52.15
CA GLU F 267 -106.08 11.17 -52.85
C GLU F 267 -104.91 11.75 -52.06
N ALA F 268 -105.16 12.85 -51.36
CA ALA F 268 -104.16 13.46 -50.48
C ALA F 268 -103.85 12.53 -49.31
N HIS F 269 -104.88 11.90 -48.78
CA HIS F 269 -104.75 10.95 -47.69
C HIS F 269 -104.16 9.61 -48.14
N SER F 270 -104.67 9.08 -49.25
CA SER F 270 -104.26 7.76 -49.76
C SER F 270 -102.78 7.73 -50.14
N GLU F 271 -102.32 8.77 -50.82
CA GLU F 271 -100.94 8.86 -51.26
C GLU F 271 -99.99 9.22 -50.12
N CYS F 272 -100.48 10.00 -49.15
CA CYS F 272 -99.64 10.48 -48.03
C CYS F 272 -99.27 9.36 -47.07
N LEU F 273 -100.23 8.48 -46.77
CA LEU F 273 -99.95 7.27 -46.01
C LEU F 273 -98.96 6.37 -46.74
N THR F 274 -99.28 6.03 -47.99
CA THR F 274 -98.44 5.14 -48.80
C THR F 274 -96.99 5.65 -48.91
N GLU F 275 -96.82 6.94 -49.21
CA GLU F 275 -95.50 7.56 -49.28
C GLU F 275 -94.76 7.32 -47.96
N PHE F 276 -95.41 7.71 -46.87
CA PHE F 276 -94.88 7.55 -45.52
C PHE F 276 -94.52 6.10 -45.26
N ILE F 277 -95.51 5.21 -45.38
CA ILE F 277 -95.33 3.78 -45.13
C ILE F 277 -94.11 3.22 -45.89
N GLU F 278 -94.09 3.40 -47.21
CA GLU F 278 -92.97 2.99 -48.05
C GLU F 278 -91.62 3.47 -47.52
N ARG F 279 -91.57 4.73 -47.09
CA ARG F 279 -90.34 5.34 -46.56
C ARG F 279 -89.89 4.69 -45.26
N PHE F 280 -90.84 4.52 -44.34
CA PHE F 280 -90.59 3.88 -43.06
C PHE F 280 -90.12 2.43 -43.25
N THR F 281 -90.65 1.76 -44.28
CA THR F 281 -90.28 0.38 -44.61
C THR F 281 -88.85 0.29 -45.13
N VAL F 282 -88.50 1.20 -46.04
CA VAL F 282 -87.17 1.20 -46.67
C VAL F 282 -86.07 1.50 -45.64
N PHE F 283 -86.38 2.38 -44.71
CA PHE F 283 -85.46 2.69 -43.61
C PHE F 283 -85.41 1.54 -42.61
N SER F 284 -86.54 0.91 -42.40
CA SER F 284 -86.69 -0.18 -41.42
C SER F 284 -85.81 -1.39 -41.72
N ASN F 285 -85.34 -1.48 -42.96
CA ASN F 285 -84.51 -2.60 -43.40
C ASN F 285 -83.02 -2.45 -43.01
N PHE F 286 -82.58 -1.21 -42.81
CA PHE F 286 -81.16 -0.93 -42.59
C PHE F 286 -80.81 -0.65 -41.13
N ILE F 287 -81.67 -1.09 -40.22
CA ILE F 287 -81.55 -0.75 -38.81
C ILE F 287 -81.66 -1.99 -37.91
N ASN F 288 -81.21 -1.87 -36.67
CA ASN F 288 -81.14 -3.00 -35.74
C ASN F 288 -81.96 -2.79 -34.46
N GLY F 289 -83.18 -3.31 -34.45
CA GLY F 289 -84.08 -3.18 -33.30
C GLY F 289 -85.51 -3.57 -33.64
N ILE F 293 -90.91 -1.46 -30.95
CA ILE F 293 -91.81 -0.78 -31.90
C ILE F 293 -93.19 -0.63 -31.27
N ASN F 294 -93.36 0.43 -30.48
CA ASN F 294 -94.59 0.63 -29.70
C ASN F 294 -95.14 2.06 -29.72
N ASN F 295 -94.59 2.90 -30.60
CA ASN F 295 -95.05 4.27 -30.78
C ASN F 295 -96.53 4.31 -31.15
N GLU F 296 -97.35 4.90 -30.29
CA GLU F 296 -98.80 4.89 -30.45
C GLU F 296 -99.32 5.65 -31.67
N GLN F 297 -98.59 6.68 -32.09
CA GLN F 297 -98.95 7.44 -33.29
C GLN F 297 -98.46 6.72 -34.54
N LEU F 298 -97.50 5.81 -34.38
CA LEU F 298 -96.98 5.00 -35.47
C LEU F 298 -97.90 3.80 -35.77
N ILE F 299 -98.39 3.16 -34.72
CA ILE F 299 -99.29 2.00 -34.85
C ILE F 299 -100.60 2.41 -35.54
N ALA F 300 -101.07 3.62 -35.24
CA ALA F 300 -102.33 4.12 -35.76
C ALA F 300 -102.29 4.44 -37.25
N LYS F 301 -101.13 4.88 -37.73
CA LYS F 301 -100.94 5.14 -39.16
C LYS F 301 -100.82 3.84 -39.94
N PHE F 302 -100.22 2.84 -39.30
CA PHE F 302 -100.10 1.50 -39.86
C PHE F 302 -101.48 0.88 -40.11
N LEU F 303 -102.35 0.97 -39.10
CA LEU F 303 -103.72 0.44 -39.19
C LEU F 303 -104.53 1.09 -40.32
N GLU F 304 -104.34 2.39 -40.50
CA GLU F 304 -105.00 3.15 -41.57
C GLU F 304 -104.51 2.72 -42.95
N PHE F 305 -103.30 2.16 -43.00
CA PHE F 305 -102.72 1.60 -44.23
C PHE F 305 -103.22 0.17 -44.45
N ILE F 306 -103.53 -0.53 -43.36
CA ILE F 306 -104.11 -1.87 -43.42
C ILE F 306 -105.48 -1.80 -44.10
N ASN F 307 -106.22 -0.73 -43.81
CA ASN F 307 -107.53 -0.51 -44.39
C ASN F 307 -107.50 -0.27 -45.89
N LEU F 308 -106.50 0.50 -46.34
CA LEU F 308 -106.32 0.77 -47.77
C LEU F 308 -105.92 -0.49 -48.52
N THR F 309 -104.99 -1.25 -47.93
CA THR F 309 -104.42 -2.44 -48.56
C THR F 309 -105.47 -3.53 -48.76
N THR F 310 -106.20 -3.83 -47.69
CA THR F 310 -107.26 -4.85 -47.73
C THR F 310 -108.37 -4.45 -48.69
N SER F 311 -108.61 -3.15 -48.84
CA SER F 311 -109.61 -2.63 -49.75
C SER F 311 -109.20 -2.80 -51.22
N THR F 312 -107.91 -3.08 -51.46
CA THR F 312 -107.44 -3.35 -52.82
C THR F 312 -107.44 -4.86 -53.12
N GLY F 313 -107.65 -5.66 -52.09
CA GLY F 313 -107.65 -7.13 -52.21
C GLY F 313 -106.29 -7.75 -51.95
N ASN F 314 -105.42 -6.98 -51.31
CA ASN F 314 -104.06 -7.42 -51.03
C ASN F 314 -103.87 -7.86 -49.58
N PHE F 315 -104.40 -9.04 -49.27
CA PHE F 315 -104.30 -9.62 -47.93
C PHE F 315 -102.88 -10.03 -47.56
N GLU F 316 -102.11 -10.49 -48.54
CA GLU F 316 -100.74 -10.93 -48.35
C GLU F 316 -99.86 -9.81 -47.76
N LEU F 317 -99.98 -8.62 -48.34
CA LEU F 317 -99.23 -7.45 -47.88
C LEU F 317 -99.70 -6.97 -46.51
N ALA F 318 -101.01 -6.96 -46.30
CA ALA F 318 -101.60 -6.51 -45.03
C ALA F 318 -101.13 -7.35 -43.85
N THR F 319 -101.17 -8.67 -44.00
CA THR F 319 -100.71 -9.61 -42.99
C THR F 319 -99.24 -9.37 -42.65
N GLU F 320 -98.43 -9.12 -43.68
CA GLU F 320 -97.02 -8.81 -43.52
C GLU F 320 -96.80 -7.57 -42.66
N PHE F 321 -97.75 -6.64 -42.73
CA PHE F 321 -97.69 -5.40 -41.94
C PHE F 321 -98.26 -5.55 -40.53
N LEU F 322 -99.27 -6.40 -40.37
CA LEU F 322 -99.90 -6.63 -39.07
C LEU F 322 -98.99 -7.34 -38.08
N ASN F 323 -98.10 -8.19 -38.59
CA ASN F 323 -97.15 -8.94 -37.78
C ASN F 323 -96.03 -8.07 -37.21
N SER F 324 -95.75 -6.95 -37.88
CA SER F 324 -94.73 -6.00 -37.45
C SER F 324 -95.11 -5.30 -36.14
N LEU F 325 -96.41 -5.12 -35.93
CA LEU F 325 -96.94 -4.46 -34.74
C LEU F 325 -96.98 -5.41 -33.54
N PRO F 326 -97.07 -4.85 -32.31
CA PRO F 326 -97.28 -5.70 -31.14
C PRO F 326 -98.70 -6.27 -31.10
N SER F 327 -98.80 -7.57 -30.83
CA SER F 327 -100.09 -8.26 -30.74
C SER F 327 -100.77 -8.08 -29.39
N ASP F 328 -100.58 -6.90 -28.79
CA ASP F 328 -101.20 -6.55 -27.51
C ASP F 328 -102.58 -5.94 -27.74
N ASN F 329 -102.67 -5.10 -28.76
CA ASN F 329 -103.89 -4.38 -29.10
C ASN F 329 -105.01 -5.29 -29.57
N GLU F 330 -106.23 -4.99 -29.13
CA GLU F 330 -107.42 -5.77 -29.50
C GLU F 330 -107.83 -5.60 -30.96
N GLU F 331 -107.65 -4.38 -31.49
CA GLU F 331 -107.98 -4.09 -32.89
C GLU F 331 -106.99 -4.76 -33.84
N VAL F 332 -105.72 -4.78 -33.45
CA VAL F 332 -104.68 -5.50 -34.19
C VAL F 332 -105.00 -7.00 -34.20
N LYS F 333 -105.41 -7.50 -33.04
CA LYS F 333 -105.84 -8.89 -32.90
C LYS F 333 -107.05 -9.19 -33.79
N THR F 334 -107.97 -8.23 -33.88
CA THR F 334 -109.19 -8.37 -34.68
C THR F 334 -108.91 -8.31 -36.17
N GLU F 335 -108.07 -7.37 -36.59
CA GLU F 335 -107.70 -7.22 -38.00
C GLU F 335 -106.88 -8.40 -38.51
N LYS F 336 -106.05 -8.97 -37.64
CA LYS F 336 -105.34 -10.23 -37.93
C LYS F 336 -106.35 -11.35 -38.16
N ALA F 337 -107.36 -11.39 -37.29
CA ALA F 337 -108.42 -12.40 -37.36
C ALA F 337 -109.34 -12.19 -38.56
N ARG F 338 -109.53 -10.94 -38.96
CA ARG F 338 -110.41 -10.60 -40.08
C ARG F 338 -109.79 -10.99 -41.43
N VAL F 339 -108.51 -10.66 -41.59
CA VAL F 339 -107.77 -10.94 -42.82
C VAL F 339 -107.58 -12.45 -43.04
N LEU F 340 -107.35 -13.17 -41.94
CA LEU F 340 -107.11 -14.61 -41.98
C LEU F 340 -108.29 -15.38 -42.60
N ILE F 341 -109.50 -15.06 -42.15
CA ILE F 341 -110.72 -15.70 -42.67
C ILE F 341 -111.07 -15.20 -44.08
N ALA F 342 -110.92 -13.90 -44.30
CA ALA F 342 -111.27 -13.27 -45.59
C ALA F 342 -110.41 -13.77 -46.75
N SER F 343 -109.20 -14.22 -46.44
CA SER F 343 -108.27 -14.74 -47.45
C SER F 343 -108.47 -16.23 -47.70
N GLY F 344 -108.68 -16.99 -46.63
CA GLY F 344 -108.89 -18.43 -46.73
C GLY F 344 -109.88 -18.93 -45.68
N VAL G 2 -117.36 -14.83 -61.04
CA VAL G 2 -117.92 -15.46 -59.81
C VAL G 2 -119.44 -15.31 -59.78
N VAL G 3 -120.11 -16.09 -60.63
CA VAL G 3 -121.56 -16.04 -60.76
C VAL G 3 -122.22 -17.20 -60.01
N ILE G 4 -123.25 -16.86 -59.25
CA ILE G 4 -124.10 -17.85 -58.59
C ILE G 4 -125.44 -17.80 -59.30
N ALA G 5 -125.52 -18.47 -60.45
CA ALA G 5 -126.74 -18.49 -61.27
C ALA G 5 -127.85 -19.30 -60.61
N ASN G 6 -129.08 -18.81 -60.75
CA ASN G 6 -130.27 -19.47 -60.21
C ASN G 6 -130.10 -19.95 -58.77
N ALA G 7 -129.85 -18.99 -57.88
CA ALA G 7 -129.76 -19.26 -56.44
C ALA G 7 -131.16 -19.36 -55.84
N HIS G 8 -132.10 -18.64 -56.44
CA HIS G 8 -133.52 -18.72 -56.13
C HIS G 8 -134.31 -18.97 -57.41
N ASN G 9 -135.60 -19.30 -57.27
CA ASN G 9 -136.47 -19.53 -58.42
C ASN G 9 -137.41 -18.36 -58.70
N GLU G 10 -137.57 -17.49 -57.71
CA GLU G 10 -138.28 -16.22 -57.86
C GLU G 10 -137.28 -15.06 -57.75
N LEU G 11 -137.71 -13.86 -58.14
CA LEU G 11 -136.86 -12.67 -58.17
C LEU G 11 -136.16 -12.38 -56.85
N ILE G 12 -134.84 -12.16 -56.93
CA ILE G 12 -134.00 -11.82 -55.78
C ILE G 12 -134.12 -10.33 -55.49
N HIS G 13 -134.34 -9.99 -54.22
CA HIS G 13 -134.53 -8.60 -53.80
C HIS G 13 -133.30 -7.99 -53.13
N ASP G 14 -132.49 -8.85 -52.49
CA ASP G 14 -131.27 -8.39 -51.84
C ASP G 14 -130.18 -9.47 -51.79
N ALA G 15 -128.92 -9.04 -51.87
CA ALA G 15 -127.77 -9.93 -51.78
C ALA G 15 -126.60 -9.20 -51.11
N VAL G 16 -126.20 -9.71 -49.95
CA VAL G 16 -125.25 -9.03 -49.07
C VAL G 16 -124.16 -9.98 -48.57
N LEU G 17 -122.90 -9.63 -48.80
CA LEU G 17 -121.77 -10.35 -48.21
C LEU G 17 -121.55 -9.96 -46.75
N ASP G 18 -120.94 -10.85 -45.99
CA ASP G 18 -120.74 -10.64 -44.55
C ASP G 18 -119.51 -9.79 -44.21
N TYR G 19 -119.24 -9.64 -42.92
CA TYR G 19 -118.15 -8.85 -42.36
C TYR G 19 -116.75 -9.21 -42.89
N TYR G 20 -116.65 -10.37 -43.56
CA TYR G 20 -115.39 -10.84 -44.12
C TYR G 20 -115.45 -10.84 -45.65
N GLY G 21 -116.65 -10.66 -46.20
CA GLY G 21 -116.86 -10.70 -47.65
C GLY G 21 -116.80 -12.10 -48.20
N LYS G 22 -117.18 -13.08 -47.38
CA LYS G 22 -117.06 -14.49 -47.72
C LYS G 22 -118.43 -15.17 -47.76
N ARG G 23 -119.18 -15.04 -46.68
CA ARG G 23 -120.50 -15.66 -46.54
C ARG G 23 -121.59 -14.69 -47.03
N LEU G 24 -122.48 -15.20 -47.88
CA LEU G 24 -123.50 -14.39 -48.57
C LEU G 24 -124.94 -14.81 -48.24
N ALA G 25 -125.78 -13.84 -47.87
CA ALA G 25 -127.18 -14.11 -47.58
C ALA G 25 -128.12 -13.46 -48.60
N THR G 26 -128.91 -14.28 -49.28
CA THR G 26 -129.79 -13.81 -50.37
C THR G 26 -131.27 -14.06 -50.06
N CYS G 27 -132.12 -13.14 -50.49
CA CYS G 27 -133.57 -13.21 -50.21
C CYS G 27 -134.40 -12.93 -51.46
N SER G 28 -135.68 -13.31 -51.43
CA SER G 28 -136.56 -13.18 -52.61
C SER G 28 -138.07 -13.24 -52.35
N SER G 29 -138.84 -13.09 -53.42
CA SER G 29 -140.31 -13.20 -53.39
C SER G 29 -140.79 -14.59 -53.00
N ASP G 30 -139.90 -15.58 -53.07
CA ASP G 30 -140.24 -16.96 -52.68
C ASP G 30 -140.31 -17.13 -51.15
N LYS G 31 -140.29 -16.01 -50.44
CA LYS G 31 -140.51 -15.93 -48.99
C LYS G 31 -139.36 -16.47 -48.12
N THR G 32 -138.22 -16.79 -48.74
CA THR G 32 -137.12 -17.42 -48.00
C THR G 32 -135.79 -16.68 -48.07
N ILE G 33 -134.90 -16.99 -47.12
CA ILE G 33 -133.51 -16.51 -47.13
C ILE G 33 -132.57 -17.68 -47.38
N LYS G 34 -131.57 -17.47 -48.24
CA LYS G 34 -130.57 -18.50 -48.51
C LYS G 34 -129.16 -18.03 -48.12
N ILE G 35 -128.32 -18.99 -47.73
CA ILE G 35 -126.95 -18.71 -47.33
C ILE G 35 -125.95 -19.42 -48.23
N PHE G 36 -124.90 -18.71 -48.62
CA PHE G 36 -123.87 -19.25 -49.52
C PHE G 36 -122.45 -18.93 -49.01
N GLU G 37 -121.60 -19.94 -48.99
CA GLU G 37 -120.16 -19.75 -48.77
C GLU G 37 -119.48 -19.57 -50.12
N VAL G 38 -118.47 -18.72 -50.18
CA VAL G 38 -117.77 -18.41 -51.43
C VAL G 38 -116.26 -18.32 -51.20
N GLU G 39 -115.50 -19.01 -52.07
CA GLU G 39 -114.04 -18.96 -52.01
C GLU G 39 -113.45 -18.32 -53.27
N GLY G 40 -113.27 -19.12 -54.33
CA GLY G 40 -112.79 -18.61 -55.61
C GLY G 40 -113.96 -18.32 -56.53
N GLU G 41 -114.20 -19.21 -57.48
CA GLU G 41 -115.34 -19.10 -58.39
C GLU G 41 -116.41 -20.12 -58.02
N THR G 42 -116.45 -20.51 -56.75
CA THR G 42 -117.31 -21.58 -56.28
C THR G 42 -118.24 -21.16 -55.16
N HIS G 43 -119.46 -21.68 -55.19
CA HIS G 43 -120.42 -21.46 -54.12
C HIS G 43 -120.93 -22.77 -53.53
N LYS G 44 -121.52 -22.68 -52.34
CA LYS G 44 -122.11 -23.83 -51.67
C LYS G 44 -123.32 -23.38 -50.85
N LEU G 45 -124.49 -23.90 -51.19
CA LEU G 45 -125.72 -23.60 -50.46
C LEU G 45 -125.67 -24.22 -49.05
N ILE G 46 -125.79 -23.36 -48.04
CA ILE G 46 -125.59 -23.76 -46.64
C ILE G 46 -126.91 -24.05 -45.91
N ASP G 47 -127.96 -23.33 -46.28
CA ASP G 47 -129.30 -23.51 -45.69
C ASP G 47 -130.33 -22.69 -46.44
N THR G 48 -131.61 -22.98 -46.19
CA THR G 48 -132.71 -22.15 -46.66
C THR G 48 -133.61 -21.82 -45.48
N LEU G 49 -133.60 -20.55 -45.09
CA LEU G 49 -134.30 -20.07 -43.89
C LEU G 49 -135.77 -19.78 -44.19
N THR G 50 -136.66 -20.41 -43.41
CA THR G 50 -138.10 -20.24 -43.58
C THR G 50 -138.73 -19.57 -42.35
N GLY G 51 -139.78 -18.79 -42.57
CA GLY G 51 -140.47 -18.10 -41.49
C GLY G 51 -141.26 -16.88 -41.92
N HIS G 52 -140.79 -16.22 -42.98
CA HIS G 52 -141.47 -15.05 -43.52
C HIS G 52 -142.72 -15.43 -44.30
N GLU G 53 -143.81 -14.72 -44.00
CA GLU G 53 -145.13 -14.99 -44.55
C GLU G 53 -145.37 -14.24 -45.86
N GLY G 54 -144.30 -13.66 -46.39
CA GLY G 54 -144.35 -12.85 -47.61
C GLY G 54 -142.94 -12.58 -48.11
N PRO G 55 -142.82 -11.87 -49.24
CA PRO G 55 -141.53 -11.65 -49.89
C PRO G 55 -140.55 -10.95 -48.95
N VAL G 56 -139.30 -11.41 -48.94
CA VAL G 56 -138.26 -10.80 -48.11
C VAL G 56 -137.58 -9.68 -48.89
N TRP G 57 -137.62 -8.47 -48.33
CA TRP G 57 -137.06 -7.31 -49.02
C TRP G 57 -135.55 -7.18 -48.86
N ARG G 58 -135.08 -7.20 -47.61
CA ARG G 58 -133.69 -6.92 -47.30
C ARG G 58 -133.13 -7.81 -46.19
N VAL G 59 -131.81 -7.91 -46.16
CA VAL G 59 -131.09 -8.64 -45.11
C VAL G 59 -129.90 -7.81 -44.62
N ASP G 60 -129.41 -8.10 -43.43
CA ASP G 60 -128.19 -7.47 -42.92
C ASP G 60 -127.49 -8.34 -41.90
N TRP G 61 -126.17 -8.47 -42.07
CA TRP G 61 -125.30 -9.27 -41.20
C TRP G 61 -124.89 -8.47 -39.98
N ALA G 62 -124.82 -9.15 -38.83
CA ALA G 62 -124.33 -8.53 -37.60
C ALA G 62 -122.84 -8.73 -37.47
N HIS G 63 -122.21 -7.91 -36.62
CA HIS G 63 -120.78 -8.02 -36.30
C HIS G 63 -120.47 -9.32 -35.54
N PRO G 64 -119.40 -10.04 -35.95
CA PRO G 64 -118.93 -11.31 -35.39
C PRO G 64 -118.56 -11.32 -33.90
N LYS G 65 -118.60 -10.16 -33.23
CA LYS G 65 -118.37 -10.12 -31.79
C LYS G 65 -119.66 -10.43 -31.03
N PHE G 66 -120.78 -10.40 -31.76
CA PHE G 66 -122.07 -10.76 -31.22
C PHE G 66 -122.39 -12.19 -31.62
N GLY G 67 -121.53 -12.77 -32.44
CA GLY G 67 -121.74 -14.09 -33.04
C GLY G 67 -122.09 -13.95 -34.51
N THR G 68 -122.64 -15.02 -35.08
CA THR G 68 -123.11 -15.00 -36.47
C THR G 68 -124.63 -14.82 -36.51
N ILE G 69 -125.05 -13.55 -36.50
CA ILE G 69 -126.46 -13.18 -36.53
C ILE G 69 -126.80 -12.46 -37.84
N LEU G 70 -128.01 -12.69 -38.32
CA LEU G 70 -128.53 -12.02 -39.50
C LEU G 70 -129.95 -11.51 -39.23
N ALA G 71 -130.24 -10.30 -39.69
CA ALA G 71 -131.59 -9.74 -39.62
C ALA G 71 -132.20 -9.65 -41.01
N SER G 72 -133.49 -9.95 -41.11
CA SER G 72 -134.22 -9.85 -42.38
C SER G 72 -135.58 -9.20 -42.14
N CYS G 73 -136.19 -8.72 -43.21
CA CYS G 73 -137.47 -8.03 -43.11
C CYS G 73 -138.33 -8.29 -44.35
N SER G 74 -139.64 -8.30 -44.15
CA SER G 74 -140.56 -8.70 -45.22
C SER G 74 -141.81 -7.82 -45.35
N TYR G 75 -142.49 -7.96 -46.49
CA TYR G 75 -143.79 -7.34 -46.71
C TYR G 75 -144.75 -7.65 -45.56
N ASP G 76 -144.66 -8.85 -45.00
CA ASP G 76 -145.52 -9.25 -43.87
C ASP G 76 -145.49 -8.23 -42.72
N GLY G 77 -144.35 -7.56 -42.55
CA GLY G 77 -144.19 -6.55 -41.52
C GLY G 77 -143.42 -7.08 -40.33
N LYS G 78 -142.73 -8.19 -40.54
CA LYS G 78 -141.96 -8.83 -39.48
C LYS G 78 -140.46 -8.75 -39.75
N VAL G 79 -139.70 -8.67 -38.67
CA VAL G 79 -138.25 -8.67 -38.71
C VAL G 79 -137.78 -9.89 -37.93
N LEU G 80 -137.36 -10.92 -38.65
CA LEU G 80 -136.90 -12.14 -38.01
C LEU G 80 -135.40 -12.14 -37.88
N ILE G 81 -134.92 -12.49 -36.69
CA ILE G 81 -133.50 -12.64 -36.43
C ILE G 81 -133.12 -14.12 -36.56
N TRP G 82 -131.91 -14.37 -37.05
CA TRP G 82 -131.43 -15.72 -37.35
C TRP G 82 -130.01 -15.90 -36.80
N LYS G 83 -129.61 -17.15 -36.58
CA LYS G 83 -128.26 -17.44 -36.09
C LYS G 83 -127.71 -18.77 -36.62
N GLU G 84 -126.45 -18.75 -37.05
CA GLU G 84 -125.72 -19.99 -37.31
C GLU G 84 -124.86 -20.32 -36.10
N GLU G 85 -125.46 -21.03 -35.16
CA GLU G 85 -124.74 -21.53 -34.00
C GLU G 85 -124.72 -23.05 -34.04
N ASN G 86 -123.54 -23.61 -33.79
CA ASN G 86 -123.31 -25.07 -33.74
C ASN G 86 -123.53 -25.76 -35.09
N GLY G 87 -123.34 -25.02 -36.18
CA GLY G 87 -123.46 -25.58 -37.52
C GLY G 87 -124.90 -25.69 -38.01
N ARG G 88 -125.82 -25.04 -37.30
CA ARG G 88 -127.23 -25.01 -37.69
C ARG G 88 -127.81 -23.60 -37.63
N TRP G 89 -128.57 -23.26 -38.67
CA TRP G 89 -129.31 -22.01 -38.73
C TRP G 89 -130.70 -22.16 -38.11
N SER G 90 -131.06 -21.24 -37.21
CA SER G 90 -132.40 -21.21 -36.62
C SER G 90 -132.86 -19.78 -36.33
N GLN G 91 -134.19 -19.58 -36.30
CA GLN G 91 -134.79 -18.31 -35.95
C GLN G 91 -134.73 -18.15 -34.45
N ILE G 92 -134.05 -17.11 -33.98
CA ILE G 92 -133.87 -16.90 -32.54
C ILE G 92 -134.67 -15.70 -31.97
N ALA G 93 -135.19 -14.85 -32.85
CA ALA G 93 -136.04 -13.72 -32.41
C ALA G 93 -137.01 -13.25 -33.48
N VAL G 94 -137.98 -12.45 -33.05
CA VAL G 94 -138.99 -11.87 -33.95
C VAL G 94 -139.36 -10.47 -33.44
N HIS G 95 -139.39 -9.50 -34.36
CA HIS G 95 -139.74 -8.12 -34.03
C HIS G 95 -140.89 -7.66 -34.93
N ALA G 96 -142.09 -7.62 -34.36
CA ALA G 96 -143.32 -7.31 -35.11
C ALA G 96 -144.14 -6.22 -34.43
N VAL G 97 -143.73 -4.97 -34.63
CA VAL G 97 -144.44 -3.83 -34.06
C VAL G 97 -145.06 -2.97 -35.15
N HIS G 98 -144.61 -3.19 -36.38
CA HIS G 98 -145.07 -2.42 -37.54
C HIS G 98 -146.29 -3.06 -38.19
N SER G 99 -147.23 -2.21 -38.60
CA SER G 99 -148.49 -2.66 -39.18
C SER G 99 -148.50 -2.57 -40.72
N ALA G 100 -147.31 -2.61 -41.30
CA ALA G 100 -147.14 -2.62 -42.75
C ALA G 100 -145.76 -3.14 -43.14
N SER G 101 -145.59 -3.41 -44.43
CA SER G 101 -144.31 -3.84 -45.01
C SER G 101 -143.11 -3.18 -44.34
N VAL G 102 -142.14 -4.00 -43.94
CA VAL G 102 -140.88 -3.49 -43.40
C VAL G 102 -139.83 -3.54 -44.52
N ASN G 103 -139.40 -2.36 -44.94
CA ASN G 103 -138.66 -2.21 -46.17
C ASN G 103 -137.14 -2.12 -46.02
N SER G 104 -136.68 -2.05 -44.77
CA SER G 104 -135.27 -1.79 -44.48
C SER G 104 -134.88 -2.34 -43.11
N VAL G 105 -133.66 -2.86 -43.04
CA VAL G 105 -133.10 -3.37 -41.80
C VAL G 105 -131.58 -3.21 -41.82
N GLN G 106 -131.01 -2.72 -40.72
CA GLN G 106 -129.56 -2.54 -40.64
C GLN G 106 -129.06 -2.52 -39.21
N TRP G 107 -128.00 -3.29 -38.95
CA TRP G 107 -127.33 -3.27 -37.66
C TRP G 107 -126.55 -1.98 -37.45
N ALA G 108 -126.53 -1.50 -36.21
CA ALA G 108 -125.74 -0.34 -35.83
C ALA G 108 -124.25 -0.62 -35.94
N PRO G 109 -123.41 0.43 -35.79
CA PRO G 109 -122.01 0.24 -35.48
C PRO G 109 -121.87 -0.69 -34.27
N HIS G 110 -120.96 -1.65 -34.35
CA HIS G 110 -120.77 -2.63 -33.27
C HIS G 110 -120.55 -1.98 -31.89
N GLU G 111 -120.02 -0.75 -31.92
CA GLU G 111 -119.73 0.02 -30.71
C GLU G 111 -120.99 0.35 -29.92
N TYR G 112 -122.10 0.53 -30.64
CA TYR G 112 -123.41 0.77 -30.02
C TYR G 112 -123.98 -0.51 -29.40
N GLY G 113 -123.57 -1.66 -29.93
CA GLY G 113 -124.12 -2.95 -29.52
C GLY G 113 -124.99 -3.56 -30.61
N PRO G 114 -125.79 -4.58 -30.25
CA PRO G 114 -126.70 -5.20 -31.22
C PRO G 114 -127.99 -4.39 -31.43
N LEU G 115 -127.86 -3.12 -31.80
CA LEU G 115 -129.00 -2.28 -32.17
C LEU G 115 -129.41 -2.51 -33.62
N LEU G 116 -130.72 -2.52 -33.86
CA LEU G 116 -131.24 -2.70 -35.21
C LEU G 116 -132.07 -1.51 -35.67
N LEU G 117 -131.65 -0.90 -36.78
CA LEU G 117 -132.40 0.19 -37.38
C LEU G 117 -133.42 -0.39 -38.34
N VAL G 118 -134.70 -0.19 -38.02
CA VAL G 118 -135.80 -0.76 -38.80
C VAL G 118 -136.73 0.33 -39.31
N ALA G 119 -137.00 0.30 -40.62
CA ALA G 119 -137.89 1.25 -41.30
C ALA G 119 -139.08 0.54 -41.93
N SER G 120 -140.26 1.16 -41.90
CA SER G 120 -141.46 0.52 -42.41
C SER G 120 -142.46 1.48 -43.03
N SER G 121 -143.27 0.96 -43.97
CA SER G 121 -144.31 1.71 -44.69
C SER G 121 -145.32 2.43 -43.80
N ASP G 122 -145.49 1.97 -42.57
CA ASP G 122 -146.42 2.59 -41.62
C ASP G 122 -145.98 4.01 -41.23
N GLY G 123 -144.75 4.36 -41.59
CA GLY G 123 -144.19 5.68 -41.29
C GLY G 123 -143.35 5.67 -40.02
N LYS G 124 -143.35 4.55 -39.31
CA LYS G 124 -142.57 4.42 -38.08
C LYS G 124 -141.18 3.87 -38.37
N VAL G 125 -140.20 4.41 -37.65
CA VAL G 125 -138.86 3.85 -37.61
C VAL G 125 -138.61 3.36 -36.19
N SER G 126 -138.15 2.12 -36.05
CA SER G 126 -137.87 1.55 -34.74
C SER G 126 -136.41 1.15 -34.53
N VAL G 127 -135.91 1.42 -33.32
CA VAL G 127 -134.54 1.07 -32.92
C VAL G 127 -134.60 0.03 -31.80
N VAL G 128 -134.11 -1.16 -32.10
CA VAL G 128 -134.25 -2.30 -31.21
C VAL G 128 -132.88 -2.86 -30.84
N GLU G 129 -132.53 -2.75 -29.56
CA GLU G 129 -131.36 -3.46 -29.07
C GLU G 129 -131.81 -4.83 -28.60
N PHE G 130 -131.03 -5.85 -28.94
CA PHE G 130 -131.33 -7.19 -28.48
C PHE G 130 -130.61 -7.53 -27.19
N LYS G 131 -131.38 -7.43 -26.11
CA LYS G 131 -130.90 -7.65 -24.75
C LYS G 131 -130.55 -9.11 -24.51
N GLU G 132 -129.53 -9.32 -23.70
CA GLU G 132 -129.01 -10.66 -23.42
C GLU G 132 -129.81 -11.39 -22.33
N ASN G 133 -130.95 -10.81 -21.96
CA ASN G 133 -131.92 -11.47 -21.10
C ASN G 133 -133.09 -12.09 -21.88
N GLY G 134 -133.27 -11.65 -23.13
CA GLY G 134 -134.27 -12.22 -24.02
C GLY G 134 -135.38 -11.28 -24.45
N THR G 135 -135.76 -10.37 -23.56
CA THR G 135 -136.79 -9.37 -23.86
C THR G 135 -136.20 -8.20 -24.68
N THR G 136 -137.09 -7.37 -25.21
CA THR G 136 -136.70 -6.16 -25.93
C THR G 136 -137.65 -5.03 -25.60
N SER G 137 -137.09 -3.84 -25.41
CA SER G 137 -137.84 -2.60 -25.25
C SER G 137 -137.54 -1.66 -26.43
N PRO G 138 -138.22 -1.87 -27.58
CA PRO G 138 -138.01 -1.02 -28.75
C PRO G 138 -138.42 0.42 -28.54
N ILE G 139 -137.70 1.33 -29.20
CA ILE G 139 -138.11 2.73 -29.34
C ILE G 139 -138.80 2.85 -30.70
N ILE G 140 -139.82 3.70 -30.80
CA ILE G 140 -140.61 3.86 -32.02
C ILE G 140 -140.95 5.33 -32.26
N ILE G 141 -140.74 5.79 -33.50
CA ILE G 141 -140.94 7.19 -33.86
C ILE G 141 -141.81 7.32 -35.11
N ASP G 142 -142.76 8.26 -35.11
CA ASP G 142 -143.43 8.65 -36.34
C ASP G 142 -142.42 9.46 -37.15
N ALA G 143 -141.92 8.86 -38.23
CA ALA G 143 -140.80 9.43 -38.97
C ALA G 143 -141.20 10.13 -40.27
N HIS G 144 -141.98 9.44 -41.10
CA HIS G 144 -142.35 9.96 -42.42
C HIS G 144 -143.83 9.84 -42.73
N ALA G 145 -144.32 10.73 -43.58
CA ALA G 145 -145.66 10.61 -44.13
C ALA G 145 -145.67 9.48 -45.18
N ILE G 146 -146.82 8.84 -45.34
CA ILE G 146 -147.03 7.79 -46.35
C ILE G 146 -146.24 6.48 -46.08
N GLY G 147 -145.01 6.60 -45.61
CA GLY G 147 -144.17 5.45 -45.35
C GLY G 147 -142.70 5.76 -45.37
N VAL G 148 -141.93 4.90 -44.71
CA VAL G 148 -140.47 4.98 -44.71
C VAL G 148 -139.96 3.84 -45.57
N ASN G 149 -138.91 4.08 -46.35
CA ASN G 149 -138.38 3.09 -47.28
C ASN G 149 -136.97 2.64 -46.95
N SER G 150 -136.21 3.51 -46.29
CA SER G 150 -134.81 3.22 -45.99
C SER G 150 -134.27 3.96 -44.76
N ALA G 151 -133.36 3.33 -44.02
CA ALA G 151 -132.76 3.93 -42.82
C ALA G 151 -131.31 3.47 -42.60
N SER G 152 -130.37 4.43 -42.57
CA SER G 152 -128.93 4.13 -42.43
C SER G 152 -128.24 4.81 -41.26
N TRP G 153 -127.33 4.09 -40.62
CA TRP G 153 -126.55 4.61 -39.48
C TRP G 153 -125.36 5.47 -39.90
N ALA G 154 -125.17 6.57 -39.17
CA ALA G 154 -123.94 7.35 -39.25
C ALA G 154 -122.83 6.54 -38.57
N PRO G 155 -121.57 6.69 -39.03
CA PRO G 155 -120.48 5.99 -38.36
C PRO G 155 -120.38 6.39 -36.89
N ALA G 156 -119.59 5.63 -36.12
CA ALA G 156 -119.42 5.91 -34.70
C ALA G 156 -118.52 7.12 -34.50
N THR G 157 -119.07 8.17 -33.92
CA THR G 157 -118.36 9.43 -33.65
C THR G 157 -116.97 9.26 -33.01
N SER G 170 -124.51 11.64 -30.13
CA SER G 170 -123.62 11.37 -31.25
C SER G 170 -124.18 10.27 -32.14
N ARG G 171 -125.15 9.52 -31.63
CA ARG G 171 -125.78 8.44 -32.37
C ARG G 171 -126.76 9.01 -33.39
N LYS G 172 -126.37 9.01 -34.64
CA LYS G 172 -127.19 9.59 -35.70
C LYS G 172 -127.58 8.57 -36.77
N PHE G 173 -128.79 8.73 -37.32
CA PHE G 173 -129.16 8.00 -38.52
C PHE G 173 -129.96 8.83 -39.54
N VAL G 174 -129.98 8.37 -40.78
CA VAL G 174 -130.70 9.03 -41.88
C VAL G 174 -131.89 8.17 -42.31
N THR G 175 -133.01 8.82 -42.64
CA THR G 175 -134.14 8.09 -43.23
C THR G 175 -134.58 8.62 -44.58
N GLY G 176 -135.00 7.71 -45.45
CA GLY G 176 -135.55 8.04 -46.76
C GLY G 176 -137.02 7.70 -46.79
N GLY G 177 -137.86 8.63 -47.23
CA GLY G 177 -139.30 8.48 -47.08
C GLY G 177 -140.15 8.61 -48.32
N ALA G 178 -141.40 8.18 -48.20
CA ALA G 178 -142.36 8.26 -49.31
C ALA G 178 -142.98 9.65 -49.40
N ASP G 179 -142.55 10.55 -48.52
CA ASP G 179 -142.99 11.93 -48.54
C ASP G 179 -141.97 12.86 -49.24
N ASN G 180 -141.01 12.25 -49.93
CA ASN G 180 -140.00 12.98 -50.74
C ASN G 180 -138.84 13.52 -49.93
N LEU G 181 -139.01 13.57 -48.61
CA LEU G 181 -138.00 14.12 -47.72
C LEU G 181 -136.92 13.09 -47.38
N VAL G 182 -135.78 13.62 -46.93
CA VAL G 182 -134.70 12.86 -46.32
C VAL G 182 -134.58 13.45 -44.91
N LYS G 183 -134.33 12.61 -43.91
CA LYS G 183 -134.33 13.08 -42.51
C LYS G 183 -133.17 12.53 -41.68
N ILE G 184 -132.40 13.42 -41.04
CA ILE G 184 -131.35 13.02 -40.11
C ILE G 184 -131.85 13.06 -38.68
N TRP G 185 -131.72 11.94 -37.98
CA TRP G 185 -132.15 11.81 -36.57
C TRP G 185 -130.97 11.65 -35.62
N LYS G 186 -131.00 12.38 -34.51
CA LYS G 186 -129.98 12.26 -33.46
C LYS G 186 -130.64 11.74 -32.17
N TYR G 187 -129.91 10.94 -31.40
CA TYR G 187 -130.41 10.48 -30.11
C TYR G 187 -130.29 11.58 -29.08
N ASN G 188 -131.35 11.77 -28.31
CA ASN G 188 -131.41 12.79 -27.26
C ASN G 188 -131.65 12.17 -25.89
N SER G 189 -130.78 12.51 -24.94
CA SER G 189 -130.86 11.96 -23.59
C SER G 189 -132.11 12.43 -22.85
N ASP G 190 -132.44 13.71 -23.00
CA ASP G 190 -133.57 14.32 -22.30
C ASP G 190 -134.90 13.86 -22.87
N ALA G 191 -134.92 13.53 -24.15
CA ALA G 191 -136.13 13.03 -24.82
C ALA G 191 -136.23 11.50 -24.77
N GLN G 192 -135.14 10.85 -24.36
CA GLN G 192 -135.03 9.37 -24.36
C GLN G 192 -135.55 8.72 -25.65
N THR G 193 -135.18 9.34 -26.76
CA THR G 193 -135.55 8.86 -28.09
C THR G 193 -134.66 9.54 -29.14
N TYR G 194 -134.85 9.17 -30.39
CA TYR G 194 -134.19 9.86 -31.48
C TYR G 194 -135.04 11.04 -31.89
N VAL G 195 -134.39 12.19 -32.09
CA VAL G 195 -135.09 13.41 -32.46
C VAL G 195 -134.62 13.88 -33.82
N LEU G 196 -135.57 14.41 -34.59
CA LEU G 196 -135.29 15.01 -35.88
C LEU G 196 -134.27 16.11 -35.70
N GLU G 197 -133.21 16.08 -36.49
CA GLU G 197 -132.20 17.13 -36.45
C GLU G 197 -132.28 18.02 -37.69
N SER G 198 -132.45 17.38 -38.85
CA SER G 198 -132.54 18.10 -40.12
C SER G 198 -133.49 17.43 -41.10
N THR G 199 -134.28 18.26 -41.78
CA THR G 199 -135.12 17.81 -42.88
C THR G 199 -134.44 18.19 -44.19
N LEU G 200 -134.22 17.21 -45.06
CA LEU G 200 -133.49 17.43 -46.31
C LEU G 200 -134.36 17.39 -47.57
N GLU G 201 -134.70 18.59 -48.06
CA GLU G 201 -135.46 18.75 -49.30
C GLU G 201 -134.55 18.79 -50.52
N GLY G 202 -134.98 18.12 -51.58
CA GLY G 202 -134.23 18.05 -52.84
C GLY G 202 -134.91 17.16 -53.86
N HIS G 203 -135.52 16.07 -53.39
CA HIS G 203 -136.19 15.11 -54.27
C HIS G 203 -137.65 15.47 -54.53
N SER G 204 -138.10 15.19 -55.75
CA SER G 204 -139.49 15.48 -56.15
C SER G 204 -140.37 14.25 -56.15
N ASP G 205 -139.89 13.16 -55.56
CA ASP G 205 -140.62 11.89 -55.55
C ASP G 205 -140.15 10.98 -54.42
N TRP G 206 -140.71 9.75 -54.36
CA TRP G 206 -140.43 8.82 -53.26
C TRP G 206 -138.97 8.47 -53.17
N VAL G 207 -138.36 8.77 -52.01
CA VAL G 207 -136.99 8.37 -51.73
C VAL G 207 -136.97 6.87 -51.45
N ARG G 208 -136.15 6.14 -52.22
CA ARG G 208 -136.08 4.68 -52.14
C ARG G 208 -135.02 4.17 -51.19
N ASP G 209 -133.86 4.83 -51.17
CA ASP G 209 -132.73 4.35 -50.40
C ASP G 209 -131.83 5.50 -49.94
N VAL G 210 -131.48 5.48 -48.66
CA VAL G 210 -130.46 6.37 -48.11
C VAL G 210 -129.32 5.52 -47.56
N ALA G 211 -128.10 6.07 -47.63
CA ALA G 211 -126.89 5.38 -47.17
C ALA G 211 -125.87 6.39 -46.66
N TRP G 212 -125.34 6.13 -45.46
CA TRP G 212 -124.44 7.05 -44.79
C TRP G 212 -123.02 6.50 -44.78
N SER G 213 -122.16 7.10 -45.60
CA SER G 213 -120.78 6.68 -45.79
C SER G 213 -119.96 6.51 -44.50
N PRO G 214 -119.19 5.40 -44.39
CA PRO G 214 -118.32 5.15 -43.25
C PRO G 214 -117.08 6.04 -43.26
N THR G 215 -116.75 6.57 -44.44
CA THR G 215 -115.62 7.46 -44.64
C THR G 215 -115.26 8.27 -43.39
N VAL G 216 -114.08 8.00 -42.86
CA VAL G 216 -113.60 8.54 -41.59
C VAL G 216 -113.14 10.01 -41.70
N LEU G 217 -113.11 10.54 -42.92
CA LEU G 217 -112.62 11.90 -43.19
C LEU G 217 -113.38 12.99 -42.45
N LEU G 218 -112.84 14.21 -42.51
CA LEU G 218 -113.41 15.37 -41.84
C LEU G 218 -114.79 15.76 -42.40
N ARG G 219 -115.08 15.32 -43.63
CA ARG G 219 -116.39 15.56 -44.25
C ARG G 219 -117.31 14.35 -44.08
N SER G 220 -118.61 14.59 -43.99
CA SER G 220 -119.62 13.53 -43.97
C SER G 220 -120.37 13.43 -45.30
N TYR G 221 -120.65 12.21 -45.73
CA TYR G 221 -121.33 11.96 -47.00
C TYR G 221 -122.64 11.20 -46.85
N LEU G 222 -123.69 11.74 -47.45
CA LEU G 222 -124.97 11.04 -47.57
C LEU G 222 -125.30 10.83 -49.02
N ALA G 223 -125.89 9.68 -49.32
CA ALA G 223 -126.37 9.42 -50.66
C ALA G 223 -127.83 8.99 -50.59
N SER G 224 -128.70 9.81 -51.17
CA SER G 224 -130.10 9.48 -51.29
C SER G 224 -130.41 9.06 -52.72
N VAL G 225 -131.52 8.36 -52.88
CA VAL G 225 -131.92 7.78 -54.14
C VAL G 225 -133.44 7.72 -54.16
N SER G 226 -134.04 8.18 -55.25
CA SER G 226 -135.49 8.39 -55.30
C SER G 226 -136.16 7.90 -56.60
N GLN G 227 -137.49 7.95 -56.61
CA GLN G 227 -138.29 7.65 -57.78
C GLN G 227 -138.06 8.68 -58.90
N ASP G 228 -137.75 9.92 -58.51
CA ASP G 228 -137.52 11.04 -59.43
C ASP G 228 -136.28 10.86 -60.33
N ARG G 229 -135.62 9.71 -60.22
CA ARG G 229 -134.54 9.31 -61.11
C ARG G 229 -133.28 10.16 -60.98
N THR G 230 -133.09 10.71 -59.78
CA THR G 230 -131.87 11.44 -59.44
C THR G 230 -131.28 10.91 -58.14
N CYS G 231 -129.96 10.92 -58.05
CA CYS G 231 -129.26 10.66 -56.80
C CYS G 231 -128.75 11.99 -56.25
N ILE G 232 -128.91 12.18 -54.94
CA ILE G 232 -128.37 13.37 -54.27
C ILE G 232 -127.33 12.97 -53.23
N ILE G 233 -126.14 13.54 -53.35
CA ILE G 233 -125.08 13.43 -52.35
C ILE G 233 -125.12 14.62 -51.40
N TRP G 234 -125.55 14.36 -50.16
CA TRP G 234 -125.55 15.37 -49.09
C TRP G 234 -124.21 15.36 -48.37
N THR G 235 -123.58 16.52 -48.26
CA THR G 235 -122.29 16.64 -47.56
C THR G 235 -122.37 17.58 -46.36
N GLN G 236 -121.47 17.38 -45.40
CA GLN G 236 -121.40 18.21 -44.19
C GLN G 236 -119.95 18.29 -43.75
N ASP G 237 -119.41 19.52 -43.72
CA ASP G 237 -118.00 19.74 -43.43
C ASP G 237 -117.65 19.60 -41.94
N ASN G 238 -118.64 19.83 -41.09
CA ASN G 238 -118.46 19.88 -39.65
C ASN G 238 -119.70 19.41 -38.91
N GLU G 239 -119.54 19.01 -37.65
CA GLU G 239 -120.69 18.83 -36.75
C GLU G 239 -121.39 20.19 -36.68
N GLN G 240 -122.72 20.17 -36.61
CA GLN G 240 -123.58 21.37 -36.79
C GLN G 240 -123.39 21.95 -38.20
N GLY G 241 -124.00 23.11 -38.45
CA GLY G 241 -123.89 23.74 -39.76
C GLY G 241 -124.71 23.02 -40.80
N PRO G 242 -124.63 23.47 -42.07
CA PRO G 242 -125.56 23.04 -43.08
C PRO G 242 -125.23 21.70 -43.71
N TRP G 243 -126.24 21.05 -44.27
CA TRP G 243 -126.05 19.93 -45.19
C TRP G 243 -126.08 20.47 -46.61
N LYS G 244 -125.10 20.07 -47.43
CA LYS G 244 -125.02 20.55 -48.80
C LYS G 244 -125.65 19.59 -49.82
N LYS G 245 -126.44 20.15 -50.74
CA LYS G 245 -127.07 19.40 -51.81
C LYS G 245 -126.16 19.46 -53.04
N THR G 246 -125.80 18.29 -53.55
CA THR G 246 -124.96 18.16 -54.75
C THR G 246 -125.45 17.02 -55.63
N LEU G 247 -126.26 17.37 -56.64
CA LEU G 247 -126.82 16.40 -57.58
C LEU G 247 -125.69 15.64 -58.26
N LEU G 248 -125.79 14.32 -58.24
CA LEU G 248 -124.75 13.43 -58.78
C LEU G 248 -124.38 13.79 -60.21
N LYS G 249 -125.38 13.81 -61.08
CA LYS G 249 -125.24 14.31 -62.44
C LYS G 249 -126.41 15.25 -62.75
N GLU G 250 -126.23 16.11 -63.75
CA GLU G 250 -127.24 17.10 -64.10
C GLU G 250 -128.49 16.49 -64.76
N GLU G 251 -128.29 15.47 -65.59
CA GLU G 251 -129.39 14.79 -66.28
C GLU G 251 -130.01 13.71 -65.40
N LYS G 252 -131.32 13.49 -65.55
CA LYS G 252 -132.02 12.41 -64.87
C LYS G 252 -131.56 11.04 -65.40
N PHE G 253 -131.62 10.02 -64.54
CA PHE G 253 -131.23 8.67 -64.94
C PHE G 253 -132.31 8.04 -65.83
N PRO G 254 -131.93 7.09 -66.70
CA PRO G 254 -132.89 6.43 -67.60
C PRO G 254 -134.01 5.65 -66.90
N ASP G 255 -133.82 5.31 -65.63
CA ASP G 255 -134.87 4.68 -64.83
C ASP G 255 -134.77 5.03 -63.35
N VAL G 256 -135.80 4.66 -62.59
CA VAL G 256 -135.83 4.81 -61.14
C VAL G 256 -134.63 4.12 -60.49
N LEU G 257 -133.89 4.87 -59.67
CA LEU G 257 -132.81 4.29 -58.86
C LEU G 257 -133.38 3.66 -57.60
N TRP G 258 -132.74 2.60 -57.12
CA TRP G 258 -133.24 1.83 -55.99
C TRP G 258 -132.26 1.73 -54.83
N ARG G 259 -130.97 1.77 -55.11
CA ARG G 259 -129.95 1.57 -54.07
C ARG G 259 -128.71 2.43 -54.21
N ALA G 260 -128.11 2.73 -53.07
CA ALA G 260 -126.83 3.43 -53.02
C ALA G 260 -125.95 2.74 -51.99
N SER G 261 -124.71 2.45 -52.37
CA SER G 261 -123.77 1.73 -51.52
C SER G 261 -122.41 2.42 -51.48
N TRP G 262 -121.88 2.59 -50.27
CA TRP G 262 -120.56 3.17 -50.09
C TRP G 262 -119.48 2.10 -49.90
N SER G 263 -118.32 2.33 -50.52
CA SER G 263 -117.14 1.51 -50.34
C SER G 263 -116.59 1.69 -48.94
N LEU G 264 -115.88 0.69 -48.44
CA LEU G 264 -115.39 0.71 -47.05
C LEU G 264 -114.42 1.86 -46.81
N SER G 265 -113.39 1.94 -47.64
CA SER G 265 -112.57 3.15 -47.75
C SER G 265 -112.44 3.52 -49.22
N GLY G 266 -112.30 4.81 -49.49
CA GLY G 266 -112.20 5.31 -50.86
C GLY G 266 -113.35 6.23 -51.21
N ASN G 267 -114.44 6.10 -50.47
CA ASN G 267 -115.67 6.85 -50.68
C ASN G 267 -116.19 6.76 -52.12
N VAL G 268 -116.38 5.52 -52.57
CA VAL G 268 -116.84 5.24 -53.94
C VAL G 268 -118.29 4.73 -53.93
N LEU G 269 -119.15 5.47 -54.62
CA LEU G 269 -120.59 5.21 -54.63
C LEU G 269 -120.98 4.17 -55.65
N ALA G 270 -121.78 3.20 -55.22
CA ALA G 270 -122.36 2.20 -56.11
C ALA G 270 -123.86 2.42 -56.16
N LEU G 271 -124.33 2.85 -57.33
CA LEU G 271 -125.73 3.16 -57.54
C LEU G 271 -126.41 2.04 -58.33
N SER G 272 -127.62 1.69 -57.93
CA SER G 272 -128.39 0.64 -58.59
C SER G 272 -129.70 1.18 -59.14
N GLY G 273 -129.94 0.97 -60.43
CA GLY G 273 -131.12 1.50 -61.11
C GLY G 273 -132.00 0.45 -61.77
N GLY G 274 -133.24 0.84 -62.07
CA GLY G 274 -134.23 -0.06 -62.68
C GLY G 274 -133.98 -0.43 -64.13
N ASP G 275 -132.95 0.21 -64.71
CA ASP G 275 -132.41 -0.18 -66.01
C ASP G 275 -131.44 -1.33 -65.83
N ASN G 276 -131.49 -1.94 -64.64
CA ASN G 276 -130.63 -3.05 -64.21
C ASN G 276 -129.12 -2.78 -64.28
N LYS G 277 -128.73 -1.52 -64.34
CA LYS G 277 -127.33 -1.15 -64.46
C LYS G 277 -126.75 -0.64 -63.14
N VAL G 278 -125.47 -0.92 -62.92
CA VAL G 278 -124.75 -0.43 -61.74
C VAL G 278 -123.71 0.59 -62.18
N THR G 279 -123.81 1.81 -61.65
CA THR G 279 -122.88 2.88 -61.98
C THR G 279 -122.03 3.28 -60.78
N LEU G 280 -120.71 3.24 -60.95
CA LEU G 280 -119.77 3.56 -59.88
C LEU G 280 -119.25 4.98 -60.01
N TRP G 281 -119.35 5.74 -58.92
CA TRP G 281 -119.03 7.17 -58.93
C TRP G 281 -117.94 7.55 -57.93
N LYS G 282 -117.19 8.61 -58.24
CA LYS G 282 -116.15 9.16 -57.36
C LYS G 282 -116.17 10.69 -57.37
N GLU G 283 -115.44 11.31 -56.45
CA GLU G 283 -115.43 12.76 -56.32
C GLU G 283 -114.15 13.36 -56.91
N ASN G 284 -114.27 14.48 -57.60
CA ASN G 284 -113.11 15.20 -58.13
C ASN G 284 -112.79 16.48 -57.34
N LEU G 285 -111.84 17.27 -57.85
CA LEU G 285 -111.42 18.52 -57.21
C LEU G 285 -112.55 19.54 -57.00
N GLU G 286 -113.38 19.71 -58.03
CA GLU G 286 -114.45 20.71 -58.03
C GLU G 286 -115.60 20.40 -57.05
N GLY G 287 -115.63 19.16 -56.53
CA GLY G 287 -116.66 18.75 -55.60
C GLY G 287 -117.85 18.14 -56.31
N LYS G 288 -117.64 17.78 -57.57
CA LYS G 288 -118.64 17.12 -58.40
C LYS G 288 -118.28 15.66 -58.61
N TRP G 289 -119.19 14.90 -59.22
CA TRP G 289 -119.04 13.45 -59.29
C TRP G 289 -118.89 12.94 -60.72
N GLU G 290 -117.95 12.01 -60.88
CA GLU G 290 -117.60 11.44 -62.17
C GLU G 290 -117.41 9.92 -62.05
N PRO G 291 -117.60 9.18 -63.16
CA PRO G 291 -117.50 7.73 -63.11
C PRO G 291 -116.11 7.21 -62.72
N ALA G 292 -116.06 6.00 -62.18
CA ALA G 292 -114.82 5.37 -61.77
C ALA G 292 -114.89 3.86 -62.01
N TRP H 9 -144.41 0.22 -56.96
CA TRP H 9 -143.94 0.24 -55.54
C TRP H 9 -142.86 -0.81 -55.26
N TYR H 10 -143.29 -1.97 -54.80
CA TYR H 10 -142.41 -3.01 -54.31
C TYR H 10 -141.99 -3.98 -55.43
N GLY H 11 -140.89 -4.71 -55.19
CA GLY H 11 -140.44 -5.79 -56.06
C GLY H 11 -140.10 -5.38 -57.47
N GLU H 12 -138.83 -5.06 -57.70
CA GLU H 12 -138.37 -4.65 -59.02
C GLU H 12 -136.97 -5.20 -59.30
N PRO H 13 -136.76 -5.76 -60.52
CA PRO H 13 -135.47 -6.28 -60.98
C PRO H 13 -134.31 -5.30 -60.77
N SER H 14 -133.79 -5.28 -59.55
CA SER H 14 -132.71 -4.37 -59.17
C SER H 14 -131.46 -5.16 -58.83
N PRO H 15 -130.27 -4.67 -59.25
CA PRO H 15 -129.00 -5.33 -58.94
C PRO H 15 -128.64 -5.20 -57.46
N ALA H 16 -129.28 -4.25 -56.77
CA ALA H 16 -129.12 -4.03 -55.33
C ALA H 16 -127.68 -4.29 -54.86
N ALA H 17 -126.75 -3.53 -55.42
CA ALA H 17 -125.32 -3.72 -55.18
C ALA H 17 -124.91 -3.30 -53.78
N HIS H 18 -124.11 -4.16 -53.15
CA HIS H 18 -123.50 -3.84 -51.86
C HIS H 18 -121.98 -3.91 -51.98
N TRP H 19 -121.31 -2.92 -51.38
CA TRP H 19 -119.87 -2.98 -51.17
C TRP H 19 -119.61 -3.81 -49.93
N ALA H 20 -118.63 -4.71 -50.03
CA ALA H 20 -118.17 -5.50 -48.90
C ALA H 20 -116.65 -5.45 -48.79
N PHE H 21 -116.14 -5.97 -47.67
CA PHE H 21 -114.71 -6.05 -47.38
C PHE H 21 -113.93 -6.73 -48.50
N GLY H 22 -112.77 -6.15 -48.84
CA GLY H 22 -111.87 -6.73 -49.85
C GLY H 22 -111.92 -6.09 -51.22
N GLY H 23 -112.67 -5.00 -51.35
CA GLY H 23 -112.90 -4.38 -52.65
C GLY H 23 -113.84 -5.22 -53.50
N LYS H 24 -114.75 -5.94 -52.84
CA LYS H 24 -115.74 -6.80 -53.51
C LYS H 24 -117.04 -6.03 -53.75
N LEU H 25 -117.69 -6.35 -54.87
CA LEU H 25 -119.00 -5.80 -55.19
C LEU H 25 -120.03 -6.91 -55.39
N VAL H 26 -120.98 -6.99 -54.47
CA VAL H 26 -122.08 -7.94 -54.57
C VAL H 26 -123.21 -7.31 -55.38
N GLN H 27 -123.76 -8.06 -56.32
CA GLN H 27 -124.93 -7.60 -57.08
C GLN H 27 -125.73 -8.75 -57.68
N ILE H 28 -127.01 -8.49 -57.91
CA ILE H 28 -127.93 -9.47 -58.47
C ILE H 28 -127.81 -9.50 -60.00
N THR H 29 -127.59 -10.70 -60.54
CA THR H 29 -127.45 -10.92 -61.98
C THR H 29 -128.76 -10.58 -62.71
N PRO H 30 -128.65 -10.04 -63.94
CA PRO H 30 -129.78 -9.49 -64.69
C PRO H 30 -130.98 -10.44 -64.84
N ASP H 31 -130.71 -11.75 -64.78
CA ASP H 31 -131.77 -12.78 -64.79
C ASP H 31 -132.75 -12.57 -63.64
N GLY H 32 -132.28 -11.95 -62.56
CA GLY H 32 -133.09 -11.63 -61.39
C GLY H 32 -133.04 -12.70 -60.32
N LYS H 33 -132.28 -13.77 -60.60
CA LYS H 33 -132.34 -15.00 -59.79
C LYS H 33 -130.96 -15.52 -59.38
N GLY H 34 -129.91 -14.77 -59.71
CA GLY H 34 -128.55 -15.15 -59.36
C GLY H 34 -127.74 -14.01 -58.76
N VAL H 35 -126.50 -14.32 -58.37
CA VAL H 35 -125.60 -13.33 -57.78
C VAL H 35 -124.33 -13.20 -58.59
N SER H 36 -123.77 -11.99 -58.62
CA SER H 36 -122.47 -11.74 -59.22
C SER H 36 -121.57 -10.98 -58.27
N ILE H 37 -120.44 -11.59 -57.91
CA ILE H 37 -119.45 -10.94 -57.07
C ILE H 37 -118.20 -10.66 -57.91
N THR H 38 -117.82 -9.38 -57.98
CA THR H 38 -116.65 -8.98 -58.75
C THR H 38 -115.72 -8.12 -57.90
N ASN H 39 -114.54 -7.84 -58.44
CA ASN H 39 -113.59 -6.92 -57.81
C ASN H 39 -113.31 -5.75 -58.76
N PRO H 40 -114.12 -4.68 -58.64
CA PRO H 40 -113.99 -3.51 -59.51
C PRO H 40 -112.67 -2.78 -59.29
N LYS H 41 -111.88 -2.71 -60.35
CA LYS H 41 -110.67 -1.91 -60.39
C LYS H 41 -111.09 -0.46 -60.34
N ILE H 42 -110.66 0.26 -59.30
CA ILE H 42 -111.02 1.65 -59.11
C ILE H 42 -109.93 2.54 -59.69
N SER H 43 -110.34 3.52 -60.50
CA SER H 43 -109.42 4.51 -61.04
C SER H 43 -108.64 5.20 -59.92
N GLY H 44 -107.32 5.25 -60.08
CA GLY H 44 -106.43 5.80 -59.06
C GLY H 44 -106.29 4.90 -57.84
N LEU H 45 -106.48 3.60 -58.04
CA LEU H 45 -106.33 2.62 -56.97
C LEU H 45 -105.84 1.29 -57.52
N GLU H 46 -104.67 0.87 -57.05
CA GLU H 46 -104.09 -0.41 -57.45
C GLU H 46 -103.64 -1.16 -56.20
N SER H 47 -103.12 -2.36 -56.40
CA SER H 47 -102.28 -3.01 -55.40
C SER H 47 -100.89 -2.37 -55.47
N ASN H 48 -100.13 -2.46 -54.39
CA ASN H 48 -98.76 -1.96 -54.41
C ASN H 48 -97.82 -3.03 -54.96
N THR H 49 -97.54 -2.95 -56.26
CA THR H 49 -96.67 -3.89 -56.95
C THR H 49 -95.24 -3.79 -56.44
N THR H 50 -94.71 -2.57 -56.44
CA THR H 50 -93.32 -2.31 -56.09
C THR H 50 -92.98 -2.62 -54.62
N LEU H 51 -93.86 -2.21 -53.70
CA LEU H 51 -93.65 -2.43 -52.27
C LEU H 51 -93.78 -3.90 -51.86
N SER H 52 -94.78 -4.59 -52.41
CA SER H 52 -94.97 -6.01 -52.14
C SER H 52 -93.78 -6.84 -52.62
N GLU H 53 -93.19 -6.43 -53.74
CA GLU H 53 -92.00 -7.11 -54.26
C GLU H 53 -90.76 -6.72 -53.47
N ALA H 54 -90.63 -5.43 -53.17
CA ALA H 54 -89.52 -4.91 -52.36
C ALA H 54 -89.52 -5.49 -50.95
N LEU H 55 -90.70 -5.84 -50.44
CA LEU H 55 -90.84 -6.41 -49.11
C LEU H 55 -90.45 -7.89 -49.08
N LYS H 56 -90.56 -8.55 -50.24
CA LYS H 56 -90.24 -9.98 -50.34
C LYS H 56 -88.85 -10.24 -50.93
N THR H 57 -88.41 -9.37 -51.84
CA THR H 57 -87.13 -9.55 -52.52
C THR H 57 -86.00 -8.74 -51.88
N LYS H 58 -86.35 -7.94 -50.88
CA LYS H 58 -85.42 -7.05 -50.18
C LYS H 58 -84.56 -6.25 -51.17
N ASP H 59 -85.17 -5.91 -52.30
CA ASP H 59 -84.51 -5.16 -53.36
C ASP H 59 -85.30 -3.88 -53.55
N PHE H 60 -85.02 -2.90 -52.68
CA PHE H 60 -85.80 -1.67 -52.61
C PHE H 60 -85.39 -0.62 -53.64
N LYS H 61 -84.33 -0.91 -54.40
CA LYS H 61 -83.85 -0.04 -55.49
C LYS H 61 -85.01 0.44 -56.38
N PRO H 62 -85.80 -0.50 -56.97
CA PRO H 62 -86.92 -0.10 -57.84
C PRO H 62 -87.86 0.92 -57.19
N LEU H 63 -88.17 0.70 -55.92
CA LEU H 63 -89.03 1.60 -55.15
C LEU H 63 -88.38 2.98 -55.01
N ILE H 64 -87.08 3.00 -54.68
CA ILE H 64 -86.31 4.24 -54.54
C ILE H 64 -86.38 5.06 -55.83
N ASN H 65 -86.07 4.41 -56.96
CA ASN H 65 -86.23 5.02 -58.26
C ASN H 65 -87.53 5.82 -58.33
N GLN H 66 -88.65 5.13 -58.08
CA GLN H 66 -89.98 5.73 -58.14
C GLN H 66 -90.12 6.95 -57.21
N ARG H 67 -89.83 6.76 -55.93
CA ARG H 67 -89.99 7.81 -54.92
C ARG H 67 -89.11 9.05 -55.13
N LEU H 68 -87.93 8.85 -55.71
CA LEU H 68 -87.03 9.94 -56.08
C LEU H 68 -87.71 10.91 -57.06
N VAL H 69 -88.50 10.35 -57.98
CA VAL H 69 -89.26 11.14 -58.95
C VAL H 69 -90.49 11.76 -58.29
N LYS H 70 -91.26 10.94 -57.57
CA LYS H 70 -92.53 11.37 -57.00
C LYS H 70 -92.36 12.30 -55.79
N VAL H 71 -91.15 12.82 -55.61
CA VAL H 71 -90.80 13.69 -54.47
C VAL H 71 -91.60 15.00 -54.47
N ILE H 72 -91.97 15.47 -53.28
CA ILE H 72 -92.83 16.64 -53.14
C ILE H 72 -92.12 17.94 -52.71
N ASP H 73 -91.28 17.85 -51.68
CA ASP H 73 -90.54 19.03 -51.22
C ASP H 73 -89.07 18.74 -50.90
N ASP H 74 -88.35 19.80 -50.49
CA ASP H 74 -86.92 19.73 -50.22
C ASP H 74 -86.55 18.75 -49.11
N VAL H 75 -87.23 18.88 -47.96
CA VAL H 75 -87.00 18.00 -46.81
C VAL H 75 -87.18 16.52 -47.21
N ASN H 76 -88.23 16.24 -47.99
CA ASN H 76 -88.51 14.89 -48.47
C ASN H 76 -87.44 14.34 -49.40
N GLU H 77 -86.82 15.23 -50.18
CA GLU H 77 -85.79 14.83 -51.14
C GLU H 77 -84.49 14.39 -50.46
N GLU H 78 -84.16 15.06 -49.35
CA GLU H 78 -83.02 14.66 -48.52
C GLU H 78 -83.26 13.32 -47.82
N ASP H 79 -84.51 13.04 -47.47
CA ASP H 79 -84.89 11.76 -46.88
C ASP H 79 -84.72 10.60 -47.86
N TRP H 80 -85.03 10.85 -49.13
CA TRP H 80 -84.95 9.82 -50.16
C TRP H 80 -83.56 9.69 -50.79
N ASN H 81 -82.84 10.81 -50.90
CA ASN H 81 -81.42 10.77 -51.26
C ASN H 81 -80.59 10.09 -50.17
N LEU H 82 -81.13 10.09 -48.95
CA LEU H 82 -80.51 9.41 -47.79
C LEU H 82 -80.66 7.90 -47.86
N LEU H 83 -81.87 7.44 -48.21
CA LEU H 83 -82.15 6.01 -48.30
C LEU H 83 -81.45 5.37 -49.50
N GLU H 84 -81.12 6.18 -50.51
CA GLU H 84 -80.29 5.74 -51.62
C GLU H 84 -78.87 5.45 -51.13
N LYS H 85 -78.35 6.32 -50.27
CA LYS H 85 -77.03 6.12 -49.64
C LYS H 85 -77.02 4.80 -48.87
N LEU H 86 -78.08 4.54 -48.12
CA LEU H 86 -78.21 3.31 -47.33
C LEU H 86 -78.31 2.07 -48.21
N SER H 87 -79.04 2.20 -49.33
CA SER H 87 -79.19 1.12 -50.29
C SER H 87 -77.84 0.78 -50.94
N MET H 88 -77.21 1.79 -51.53
CA MET H 88 -75.95 1.61 -52.26
C MET H 88 -74.76 1.33 -51.36
N ASP H 89 -74.46 2.26 -50.45
CA ASP H 89 -73.26 2.17 -49.61
C ASP H 89 -73.37 1.14 -48.49
N GLY H 90 -74.58 0.93 -47.99
CA GLY H 90 -74.80 0.09 -46.80
C GLY H 90 -74.87 0.94 -45.55
N THR H 91 -75.59 0.45 -44.55
CA THR H 91 -75.86 1.21 -43.32
C THR H 91 -74.62 1.54 -42.47
N GLU H 92 -73.64 0.64 -42.48
CA GLU H 92 -72.43 0.84 -41.68
C GLU H 92 -71.46 1.84 -42.31
N GLU H 93 -71.37 1.82 -43.64
CA GLU H 93 -70.42 2.68 -44.37
C GLU H 93 -70.83 4.14 -44.38
N PHE H 94 -72.14 4.39 -44.42
CA PHE H 94 -72.67 5.75 -44.38
C PHE H 94 -72.37 6.40 -43.04
N LEU H 95 -72.53 5.63 -41.96
CA LEU H 95 -72.32 6.14 -40.60
C LEU H 95 -70.88 6.55 -40.32
N LYS H 96 -69.92 5.84 -40.91
CA LYS H 96 -68.51 6.22 -40.82
C LYS H 96 -68.23 7.54 -41.54
N GLU H 97 -68.88 7.73 -42.69
CA GLU H 97 -68.71 8.92 -43.52
C GLU H 97 -69.36 10.15 -42.89
N ALA H 98 -70.54 9.96 -42.30
CA ALA H 98 -71.33 11.06 -41.74
C ALA H 98 -70.83 11.53 -40.39
N LEU H 99 -70.23 10.63 -39.61
CA LEU H 99 -69.70 10.94 -38.29
C LEU H 99 -68.20 11.22 -38.32
N ALA H 100 -67.70 11.66 -39.48
CA ALA H 100 -66.27 11.91 -39.69
C ALA H 100 -65.92 13.41 -39.61
N PHE H 101 -64.62 13.70 -39.58
CA PHE H 101 -64.12 15.08 -39.46
C PHE H 101 -63.75 15.69 -40.82
N ASP H 102 -62.94 16.75 -40.80
CA ASP H 102 -62.45 17.40 -42.01
C ASP H 102 -61.50 16.50 -42.78
N GLY H 107 -60.30 30.28 -33.60
CA GLY H 107 -59.96 29.38 -32.51
C GLY H 107 -60.04 27.90 -32.87
N ASN H 108 -59.62 27.58 -34.10
CA ASN H 108 -59.56 26.20 -34.58
C ASN H 108 -58.53 25.36 -33.83
N ILE H 109 -57.48 26.02 -33.34
CA ILE H 109 -56.40 25.35 -32.62
C ILE H 109 -56.94 24.55 -31.43
N GLU H 110 -57.71 25.21 -30.57
CA GLU H 110 -58.31 24.54 -29.40
C GLU H 110 -59.30 23.46 -29.82
N GLN H 111 -59.94 23.65 -30.97
CA GLN H 111 -60.81 22.62 -31.55
C GLN H 111 -59.99 21.40 -32.00
N THR H 112 -58.77 21.65 -32.49
CA THR H 112 -57.91 20.60 -33.01
C THR H 112 -57.42 19.66 -31.91
N ILE H 113 -57.20 20.20 -30.71
CA ILE H 113 -56.85 19.38 -29.54
C ILE H 113 -58.02 18.47 -29.18
N SER H 114 -59.25 19.00 -29.32
CA SER H 114 -60.47 18.23 -29.11
C SER H 114 -60.58 17.09 -30.12
N LYS H 115 -60.22 17.37 -31.38
CA LYS H 115 -60.19 16.34 -32.42
C LYS H 115 -59.27 15.18 -32.01
N ASN H 116 -58.10 15.52 -31.47
CA ASN H 116 -57.09 14.53 -31.07
C ASN H 116 -57.46 13.66 -29.88
N LEU H 117 -58.24 14.20 -28.96
CA LEU H 117 -58.62 13.47 -27.75
C LEU H 117 -59.68 12.41 -28.02
N VAL H 118 -60.76 12.82 -28.67
CA VAL H 118 -61.88 11.92 -29.01
C VAL H 118 -61.49 10.87 -30.05
N SER H 119 -60.41 11.12 -30.79
CA SER H 119 -59.91 10.18 -31.79
C SER H 119 -58.75 9.34 -31.25
N GLY H 120 -58.41 9.57 -29.99
CA GLY H 120 -57.39 8.76 -29.29
C GLY H 120 -55.94 9.06 -29.63
N ASN H 121 -55.69 10.19 -30.28
CA ASN H 121 -54.32 10.59 -30.61
C ASN H 121 -53.75 11.51 -29.54
N ILE H 122 -53.35 10.91 -28.43
CA ILE H 122 -52.77 11.61 -27.27
C ILE H 122 -51.38 12.20 -27.59
N LYS H 123 -50.76 11.70 -28.66
CA LYS H 123 -49.44 12.17 -29.09
C LYS H 123 -49.49 13.60 -29.63
N SER H 124 -50.38 13.83 -30.59
CA SER H 124 -50.52 15.15 -31.23
C SER H 124 -51.34 16.13 -30.40
N ALA H 125 -51.97 15.63 -29.34
CA ALA H 125 -52.75 16.46 -28.43
C ALA H 125 -51.80 17.28 -27.56
N VAL H 126 -50.86 16.59 -26.91
CA VAL H 126 -49.85 17.22 -26.06
C VAL H 126 -49.03 18.25 -26.84
N LYS H 127 -48.60 17.87 -28.05
CA LYS H 127 -47.81 18.74 -28.93
C LYS H 127 -48.54 20.02 -29.29
N ASN H 128 -49.79 19.90 -29.72
CA ASN H 128 -50.61 21.05 -30.11
C ASN H 128 -50.84 22.06 -28.99
N SER H 129 -51.09 21.54 -27.79
CA SER H 129 -51.35 22.34 -26.61
C SER H 129 -50.09 23.10 -26.17
N LEU H 130 -48.96 22.41 -26.18
CA LEU H 130 -47.68 23.00 -25.81
C LEU H 130 -47.23 24.06 -26.81
N GLU H 131 -47.44 23.79 -28.09
CA GLU H 131 -47.07 24.72 -29.15
C GLU H 131 -47.93 25.98 -29.15
N ASN H 132 -49.05 25.93 -28.43
CA ASN H 132 -49.96 27.07 -28.37
C ASN H 132 -50.30 27.52 -26.95
N ASP H 133 -49.25 27.63 -26.13
CA ASP H 133 -49.31 28.24 -24.79
C ASP H 133 -50.48 27.76 -23.93
N LEU H 134 -50.81 26.48 -24.08
CA LEU H 134 -51.83 25.82 -23.28
C LEU H 134 -51.13 24.76 -22.42
N LEU H 135 -50.63 25.17 -21.27
CA LEU H 135 -49.85 24.30 -20.39
C LEU H 135 -50.71 23.56 -19.38
N MET H 136 -51.62 24.28 -18.71
CA MET H 136 -52.55 23.69 -17.75
C MET H 136 -53.18 22.44 -18.34
N GLU H 137 -53.85 22.63 -19.48
CA GLU H 137 -54.54 21.56 -20.19
C GLU H 137 -53.60 20.49 -20.76
N ALA H 138 -52.35 20.86 -21.03
CA ALA H 138 -51.35 19.89 -21.50
C ALA H 138 -51.08 18.84 -20.44
N MET H 139 -51.04 19.27 -19.18
CA MET H 139 -50.72 18.38 -18.06
C MET H 139 -51.86 17.42 -17.72
N VAL H 140 -53.09 17.92 -17.79
CA VAL H 140 -54.28 17.08 -17.57
C VAL H 140 -54.28 15.89 -18.52
N ILE H 141 -53.95 16.13 -19.78
CA ILE H 141 -53.83 15.09 -20.79
C ILE H 141 -52.70 14.13 -20.44
N ALA H 142 -51.59 14.67 -19.97
CA ALA H 142 -50.40 13.89 -19.63
C ALA H 142 -50.58 13.10 -18.32
N LEU H 143 -51.45 13.60 -17.45
CA LEU H 143 -51.64 13.03 -16.11
C LEU H 143 -52.23 11.63 -16.15
N ASP H 144 -52.96 11.33 -17.23
CA ASP H 144 -53.56 10.02 -17.43
C ASP H 144 -52.71 9.15 -18.36
N SER H 145 -52.07 9.79 -19.33
CA SER H 145 -51.31 9.11 -20.39
C SER H 145 -50.63 7.82 -19.94
N ASN H 146 -49.78 7.93 -18.91
CA ASN H 146 -48.96 6.83 -18.40
C ASN H 146 -48.07 6.22 -19.49
N ASN H 147 -47.66 7.06 -20.43
CA ASN H 147 -46.90 6.63 -21.61
C ASN H 147 -45.42 6.94 -21.56
N GLU H 148 -45.05 8.01 -20.87
CA GLU H 148 -43.67 8.52 -20.81
C GLU H 148 -43.22 9.08 -22.16
N ARG H 149 -42.01 9.65 -22.20
CA ARG H 149 -41.53 10.42 -23.35
C ARG H 149 -42.31 11.73 -23.48
N LEU H 150 -43.64 11.60 -23.57
CA LEU H 150 -44.54 12.73 -23.64
C LEU H 150 -44.71 13.41 -22.29
N LYS H 151 -44.68 12.62 -21.22
CA LYS H 151 -44.77 13.13 -19.84
C LYS H 151 -43.60 14.05 -19.50
N GLU H 152 -42.41 13.71 -20.02
CA GLU H 152 -41.20 14.47 -19.76
C GLU H 152 -41.14 15.73 -20.61
N SER H 153 -41.81 15.71 -21.77
CA SER H 153 -41.86 16.86 -22.65
C SER H 153 -42.74 18.00 -22.10
N VAL H 154 -43.76 17.63 -21.35
CA VAL H 154 -44.62 18.60 -20.68
C VAL H 154 -43.86 19.30 -19.55
N LYS H 155 -43.08 18.52 -18.80
CA LYS H 155 -42.28 19.07 -17.71
C LYS H 155 -41.21 20.05 -18.20
N ASN H 156 -40.51 19.69 -19.26
CA ASN H 156 -39.51 20.57 -19.87
C ASN H 156 -40.10 21.93 -20.25
N ALA H 157 -41.31 21.93 -20.78
CA ALA H 157 -42.00 23.15 -21.18
C ALA H 157 -42.31 24.04 -19.98
N TYR H 158 -42.69 23.41 -18.87
CA TYR H 158 -42.96 24.11 -17.61
C TYR H 158 -41.69 24.75 -17.05
N PHE H 159 -40.58 24.01 -17.11
CA PHE H 159 -39.28 24.53 -16.69
C PHE H 159 -38.67 25.47 -17.73
N ALA H 160 -39.29 25.54 -18.91
CA ALA H 160 -38.87 26.47 -19.95
C ALA H 160 -39.57 27.84 -19.81
N LYS H 161 -40.30 28.00 -18.71
CA LYS H 161 -40.92 29.28 -18.37
C LYS H 161 -40.83 29.55 -16.86
N TYR H 162 -41.54 28.76 -16.06
CA TYR H 162 -41.53 28.91 -14.60
C TYR H 162 -40.38 28.14 -13.94
N GLY H 163 -39.30 27.92 -14.70
CA GLY H 163 -38.22 27.03 -14.29
C GLY H 163 -37.47 27.41 -13.02
N SER H 164 -36.69 28.48 -13.11
CA SER H 164 -35.77 28.83 -12.03
C SER H 164 -36.03 30.24 -11.48
N LYS H 165 -37.24 30.45 -10.97
CA LYS H 165 -37.63 31.73 -10.39
C LYS H 165 -37.61 31.65 -8.87
N SER H 166 -38.64 31.01 -8.30
CA SER H 166 -38.70 30.76 -6.87
C SER H 166 -37.80 29.59 -6.48
N SER H 167 -37.73 29.28 -5.19
CA SER H 167 -36.94 28.16 -4.69
C SER H 167 -37.61 26.82 -4.95
N LEU H 168 -38.92 26.75 -4.68
CA LEU H 168 -39.71 25.53 -4.87
C LEU H 168 -39.63 24.99 -6.30
N SER H 169 -39.71 25.89 -7.28
CA SER H 169 -39.60 25.50 -8.68
C SER H 169 -38.22 24.91 -9.00
N ARG H 170 -37.21 25.35 -8.27
CA ARG H 170 -35.84 24.83 -8.40
C ARG H 170 -35.66 23.48 -7.68
N ILE H 171 -36.42 23.25 -6.62
CA ILE H 171 -36.48 21.93 -5.98
C ILE H 171 -37.23 20.94 -6.88
N LEU H 172 -38.34 21.40 -7.47
CA LEU H 172 -39.10 20.61 -8.44
C LEU H 172 -38.23 20.14 -9.61
N TYR H 173 -37.44 21.07 -10.14
CA TYR H 173 -36.56 20.79 -11.27
C TYR H 173 -35.56 19.69 -10.98
N SER H 174 -35.08 19.64 -9.73
CA SER H 174 -34.09 18.66 -9.30
C SER H 174 -34.67 17.28 -9.03
N ILE H 175 -35.96 17.22 -8.71
CA ILE H 175 -36.65 15.93 -8.55
C ILE H 175 -37.07 15.36 -9.90
N SER H 176 -37.65 16.21 -10.74
CA SER H 176 -38.10 15.83 -12.08
C SER H 176 -36.97 15.35 -13.00
N LYS H 177 -35.89 16.10 -13.07
CA LYS H 177 -34.76 15.75 -13.92
C LYS H 177 -33.67 15.00 -13.17
N ARG H 178 -33.89 14.82 -11.87
CA ARG H 178 -33.00 14.04 -10.99
C ARG H 178 -31.56 14.57 -11.01
N GLU H 179 -31.42 15.91 -10.98
CA GLU H 179 -30.13 16.57 -11.02
C GLU H 179 -29.99 17.64 -9.94
N VAL H 180 -29.09 17.39 -8.99
CA VAL H 180 -28.81 18.34 -7.91
C VAL H 180 -27.78 19.39 -8.32
N ASP H 181 -27.08 19.14 -9.43
CA ASP H 181 -26.01 20.02 -9.92
C ASP H 181 -26.41 21.50 -9.94
N ASP H 182 -27.65 21.75 -10.38
CA ASP H 182 -28.21 23.09 -10.41
C ASP H 182 -28.56 23.57 -9.00
N LEU H 183 -29.26 22.71 -8.25
CA LEU H 183 -29.74 23.03 -6.91
C LEU H 183 -28.62 23.36 -5.93
N VAL H 184 -27.51 22.65 -6.06
CA VAL H 184 -26.32 22.89 -5.25
C VAL H 184 -25.79 24.30 -5.50
N GLU H 185 -25.72 24.70 -6.76
CA GLU H 185 -25.11 25.98 -7.12
C GLU H 185 -26.04 27.18 -6.96
N ASN H 186 -27.32 27.03 -7.32
CA ASN H 186 -28.21 28.17 -7.48
C ASN H 186 -29.25 28.43 -6.37
N LEU H 187 -29.49 27.46 -5.51
CA LEU H 187 -30.52 27.61 -4.47
C LEU H 187 -30.07 28.48 -3.30
N ASP H 188 -31.01 29.26 -2.75
CA ASP H 188 -30.79 30.01 -1.51
C ASP H 188 -29.96 29.17 -0.54
N VAL H 189 -28.74 29.64 -0.27
CA VAL H 189 -27.76 28.89 0.50
C VAL H 189 -28.16 28.64 1.96
N SER H 190 -29.23 29.32 2.40
CA SER H 190 -29.81 29.07 3.72
C SER H 190 -30.76 27.86 3.68
N GLN H 191 -31.23 27.54 2.48
CA GLN H 191 -32.09 26.37 2.27
C GLN H 191 -31.23 25.12 2.04
N TRP H 192 -29.98 25.18 2.52
CA TRP H 192 -28.98 24.13 2.28
C TRP H 192 -29.33 22.76 2.86
N LYS H 193 -30.16 22.75 3.89
CA LYS H 193 -30.63 21.50 4.50
C LYS H 193 -31.57 20.73 3.56
N PHE H 194 -32.32 21.47 2.74
CA PHE H 194 -33.11 20.88 1.66
C PHE H 194 -32.18 20.21 0.66
N ILE H 195 -31.10 20.91 0.31
CA ILE H 195 -30.09 20.41 -0.62
C ILE H 195 -29.40 19.18 -0.05
N SER H 196 -29.20 19.19 1.27
CA SER H 196 -28.59 18.08 1.99
C SER H 196 -29.43 16.81 1.88
N LYS H 197 -30.73 16.94 2.14
CA LYS H 197 -31.68 15.84 1.94
C LYS H 197 -31.72 15.36 0.49
N ALA H 198 -31.76 16.32 -0.44
CA ALA H 198 -31.82 16.05 -1.88
C ALA H 198 -30.70 15.14 -2.39
N ILE H 199 -29.52 15.24 -1.78
CA ILE H 199 -28.37 14.42 -2.14
C ILE H 199 -28.58 12.96 -1.74
N GLN H 200 -29.09 12.75 -0.53
CA GLN H 200 -29.28 11.40 0.03
C GLN H 200 -30.34 10.60 -0.71
N ASN H 201 -31.37 11.29 -1.19
CA ASN H 201 -32.49 10.65 -1.88
C ASN H 201 -32.25 10.45 -3.38
N LEU H 202 -31.26 11.16 -3.90
CA LEU H 202 -30.87 10.99 -5.30
C LEU H 202 -29.84 9.87 -5.44
N TYR H 203 -28.89 9.81 -4.51
CA TYR H 203 -27.86 8.78 -4.54
C TYR H 203 -27.87 7.96 -3.24
N PRO H 204 -28.73 6.92 -3.17
CA PRO H 204 -28.69 6.02 -2.03
C PRO H 204 -27.78 4.81 -2.29
N ASN H 205 -27.35 4.67 -3.54
CA ASN H 205 -26.43 3.60 -3.93
C ASN H 205 -25.31 4.07 -4.87
N ASP H 206 -24.75 5.23 -4.56
CA ASP H 206 -23.61 5.80 -5.29
C ASP H 206 -22.80 6.72 -4.38
N ILE H 207 -21.95 6.11 -3.55
CA ILE H 207 -21.06 6.84 -2.64
C ILE H 207 -20.09 7.80 -3.36
N ALA H 208 -19.76 7.48 -4.61
CA ALA H 208 -18.86 8.29 -5.43
C ALA H 208 -19.46 9.64 -5.81
N GLN H 209 -20.72 9.63 -6.26
CA GLN H 209 -21.42 10.84 -6.67
C GLN H 209 -21.99 11.61 -5.48
N ARG H 210 -22.39 10.88 -4.44
CA ARG H 210 -22.94 11.48 -3.22
C ARG H 210 -21.95 12.45 -2.57
N ASN H 211 -20.72 11.99 -2.37
CA ASN H 211 -19.66 12.80 -1.77
C ASN H 211 -19.25 13.98 -2.65
N GLU H 212 -19.18 13.76 -3.95
CA GLU H 212 -18.81 14.79 -4.93
C GLU H 212 -19.73 16.01 -4.90
N MET H 213 -20.97 15.81 -4.46
CA MET H 213 -21.95 16.89 -4.36
C MET H 213 -22.03 17.49 -2.96
N LEU H 214 -21.81 16.66 -1.94
CA LEU H 214 -21.72 17.15 -0.56
C LEU H 214 -20.44 17.98 -0.35
N ILE H 215 -19.45 17.75 -1.20
CA ILE H 215 -18.22 18.57 -1.22
C ILE H 215 -18.51 19.89 -1.96
N LYS H 216 -19.12 19.78 -3.14
CA LYS H 216 -19.50 20.94 -3.95
C LYS H 216 -20.47 21.87 -3.19
N LEU H 217 -21.30 21.29 -2.33
CA LEU H 217 -22.18 22.08 -1.46
C LEU H 217 -21.39 22.65 -0.28
N GLY H 218 -20.56 21.82 0.34
CA GLY H 218 -19.73 22.22 1.48
C GLY H 218 -18.82 23.39 1.16
N ASP H 219 -18.21 23.34 -0.03
CA ASP H 219 -17.35 24.42 -0.53
C ASP H 219 -18.12 25.74 -0.64
N ARG H 220 -19.36 25.65 -1.13
CA ARG H 220 -20.20 26.83 -1.32
C ARG H 220 -20.52 27.50 0.01
N LEU H 221 -21.02 26.72 0.97
CA LEU H 221 -21.30 27.24 2.32
C LEU H 221 -20.08 27.96 2.92
N LYS H 222 -18.91 27.33 2.78
CA LYS H 222 -17.62 27.91 3.19
C LYS H 222 -17.34 29.23 2.47
N GLU H 223 -17.61 29.27 1.17
CA GLU H 223 -17.42 30.48 0.35
C GLU H 223 -18.40 31.60 0.75
N ASN H 224 -19.47 31.23 1.47
CA ASN H 224 -20.53 32.17 1.82
C ASN H 224 -20.72 32.40 3.33
N GLY H 225 -19.67 32.14 4.11
CA GLY H 225 -19.66 32.49 5.53
C GLY H 225 -20.32 31.53 6.50
N HIS H 226 -20.84 30.41 5.98
CA HIS H 226 -21.39 29.36 6.83
C HIS H 226 -20.29 28.38 7.18
N ARG H 227 -19.48 28.73 8.18
CA ARG H 227 -18.37 27.87 8.61
C ARG H 227 -18.88 26.64 9.35
N GLN H 228 -19.66 26.86 10.40
CA GLN H 228 -20.21 25.79 11.24
C GLN H 228 -21.05 24.79 10.43
N ASP H 229 -21.73 25.28 9.39
CA ASP H 229 -22.54 24.44 8.51
C ASP H 229 -21.70 23.72 7.45
N SER H 230 -20.58 24.31 7.05
CA SER H 230 -19.72 23.72 6.02
C SER H 230 -18.99 22.49 6.54
N LEU H 231 -18.75 22.47 7.85
CA LEU H 231 -18.12 21.31 8.50
C LEU H 231 -19.05 20.12 8.53
N THR H 232 -20.32 20.39 8.79
CA THR H 232 -21.38 19.36 8.81
C THR H 232 -21.38 18.56 7.51
N LEU H 233 -21.24 19.26 6.39
CA LEU H 233 -21.27 18.61 5.08
C LEU H 233 -19.95 17.94 4.72
N TYR H 234 -18.85 18.47 5.23
CA TYR H 234 -17.54 17.86 5.03
C TYR H 234 -17.41 16.55 5.80
N LEU H 235 -18.01 16.53 6.99
CA LEU H 235 -18.07 15.33 7.83
C LEU H 235 -18.89 14.24 7.14
N ALA H 236 -20.12 14.60 6.73
CA ALA H 236 -21.04 13.69 6.05
C ALA H 236 -20.47 13.14 4.73
N ALA H 237 -19.57 13.89 4.11
CA ALA H 237 -18.93 13.48 2.85
C ALA H 237 -17.62 12.73 3.07
N GLY H 238 -17.21 12.60 4.34
CA GLY H 238 -15.97 11.91 4.70
C GLY H 238 -14.75 12.42 3.94
N SER H 239 -14.31 13.63 4.28
CA SER H 239 -13.15 14.23 3.64
C SER H 239 -12.33 15.02 4.66
N LEU H 240 -11.18 14.48 5.03
CA LEU H 240 -10.29 15.13 5.99
C LEU H 240 -9.67 16.39 5.39
N ASP H 241 -9.29 16.30 4.12
CA ASP H 241 -8.60 17.39 3.42
C ASP H 241 -9.36 18.71 3.49
N LYS H 242 -10.68 18.63 3.34
CA LYS H 242 -11.52 19.81 3.28
C LYS H 242 -11.79 20.43 4.64
N VAL H 243 -11.87 19.60 5.68
CA VAL H 243 -11.96 20.08 7.05
C VAL H 243 -10.64 20.72 7.43
N ALA H 244 -9.54 20.07 7.05
CA ALA H 244 -8.20 20.64 7.18
C ALA H 244 -8.12 22.00 6.50
N SER H 245 -8.67 22.09 5.29
CA SER H 245 -8.71 23.34 4.53
C SER H 245 -9.30 24.48 5.34
N ILE H 246 -10.32 24.17 6.14
CA ILE H 246 -10.97 25.18 7.00
C ILE H 246 -10.09 25.50 8.21
N TRP H 247 -9.39 24.48 8.71
CA TRP H 247 -8.58 24.63 9.92
C TRP H 247 -7.17 25.16 9.66
N LEU H 248 -6.57 24.76 8.54
CA LEU H 248 -5.25 25.23 8.14
C LEU H 248 -5.26 26.71 7.76
N SER H 249 -6.38 27.18 7.22
CA SER H 249 -6.55 28.59 6.85
C SER H 249 -6.69 29.49 8.07
N GLU H 250 -7.24 28.93 9.15
CA GLU H 250 -7.40 29.65 10.41
C GLU H 250 -6.15 29.53 11.29
N PHE H 251 -5.20 28.70 10.87
CA PHE H 251 -4.00 28.42 11.66
C PHE H 251 -3.23 29.68 12.13
N PRO H 252 -2.80 30.55 11.20
CA PRO H 252 -2.01 31.72 11.62
C PRO H 252 -2.76 32.68 12.53
N ASP H 253 -4.09 32.71 12.42
CA ASP H 253 -4.96 33.47 13.33
C ASP H 253 -4.96 32.90 14.74
N LEU H 254 -4.79 31.58 14.84
CA LEU H 254 -4.83 30.87 16.12
C LEU H 254 -3.49 30.92 16.84
N GLU H 255 -2.40 30.89 16.07
CA GLU H 255 -1.05 30.96 16.61
C GLU H 255 -0.76 32.35 17.19
N ASP H 256 -1.24 33.38 16.49
CA ASP H 256 -1.04 34.76 16.93
C ASP H 256 -1.79 35.11 18.21
N LYS H 257 -2.91 34.43 18.45
CA LYS H 257 -3.68 34.65 19.68
C LYS H 257 -3.04 33.98 20.89
N LEU H 258 -2.28 32.91 20.65
CA LEU H 258 -1.49 32.27 21.69
C LEU H 258 -0.26 33.09 22.05
N LYS H 259 0.31 33.79 21.05
CA LYS H 259 1.44 34.69 21.26
C LYS H 259 1.04 35.91 22.10
N LYS H 260 -0.15 36.45 21.82
CA LYS H 260 -0.69 37.58 22.58
C LYS H 260 -1.09 37.17 24.01
N ASP H 261 -1.15 35.86 24.23
CA ASP H 261 -1.56 35.30 25.52
C ASP H 261 -0.34 34.97 26.40
N ASN H 262 0.60 35.91 26.47
CA ASN H 262 1.80 35.83 27.33
C ASN H 262 2.64 34.56 27.13
N LYS H 263 2.97 34.26 25.88
CA LYS H 263 3.76 33.08 25.53
C LYS H 263 4.89 33.44 24.58
N THR H 264 5.99 32.68 24.63
CA THR H 264 7.12 32.90 23.73
C THR H 264 6.82 32.34 22.33
N ILE H 265 7.63 32.73 21.36
CA ILE H 265 7.44 32.31 19.98
C ILE H 265 7.41 30.78 19.84
N TYR H 266 8.34 30.10 20.50
CA TYR H 266 8.35 28.63 20.46
C TYR H 266 7.13 28.03 21.13
N GLU H 267 6.75 28.60 22.28
CA GLU H 267 5.62 28.10 23.06
C GLU H 267 4.30 28.21 22.29
N ALA H 268 4.12 29.33 21.60
CA ALA H 268 2.97 29.54 20.73
C ALA H 268 2.98 28.55 19.56
N HIS H 269 4.16 28.35 18.96
CA HIS H 269 4.36 27.39 17.87
C HIS H 269 4.17 25.93 18.32
N SER H 270 4.74 25.60 19.48
CA SER H 270 4.72 24.24 20.03
C SER H 270 3.35 23.80 20.52
N GLU H 271 2.54 24.74 21.03
CA GLU H 271 1.22 24.42 21.56
C GLU H 271 0.12 24.57 20.50
N CYS H 272 0.36 25.39 19.48
CA CYS H 272 -0.60 25.58 18.39
C CYS H 272 -0.63 24.40 17.43
N LEU H 273 0.52 23.74 17.25
CA LEU H 273 0.59 22.50 16.51
C LEU H 273 -0.05 21.39 17.32
N THR H 274 0.42 21.22 18.55
CA THR H 274 -0.10 20.22 19.49
C THR H 274 -1.63 20.28 19.56
N GLU H 275 -2.17 21.46 19.80
CA GLU H 275 -3.62 21.66 19.80
C GLU H 275 -4.25 21.16 18.50
N PHE H 276 -3.81 21.76 17.39
CA PHE H 276 -4.29 21.43 16.04
C PHE H 276 -4.26 19.93 15.80
N ILE H 277 -3.07 19.34 15.86
CA ILE H 277 -2.85 17.90 15.66
C ILE H 277 -3.77 17.06 16.55
N GLU H 278 -3.87 17.44 17.82
CA GLU H 278 -4.75 16.75 18.79
C GLU H 278 -6.23 16.83 18.39
N ARG H 279 -6.66 17.99 17.92
CA ARG H 279 -8.03 18.18 17.43
C ARG H 279 -8.30 17.34 16.17
N PHE H 280 -7.34 17.34 15.25
CA PHE H 280 -7.42 16.62 13.99
C PHE H 280 -7.55 15.10 14.22
N THR H 281 -6.70 14.59 15.10
CA THR H 281 -6.61 13.14 15.38
C THR H 281 -7.93 12.60 15.95
N VAL H 282 -8.56 13.37 16.84
CA VAL H 282 -9.83 12.97 17.43
C VAL H 282 -10.94 13.00 16.38
N PHE H 283 -10.87 13.97 15.46
CA PHE H 283 -11.80 14.05 14.33
C PHE H 283 -11.55 12.96 13.29
N SER H 284 -10.29 12.53 13.17
CA SER H 284 -9.89 11.49 12.23
C SER H 284 -10.52 10.12 12.53
N ASN H 285 -10.87 9.87 13.79
CA ASN H 285 -11.43 8.58 14.19
C ASN H 285 -12.89 8.37 13.74
N PHE H 286 -13.68 9.44 13.78
CA PHE H 286 -15.10 9.35 13.47
C PHE H 286 -15.42 9.64 12.01
N ILE H 287 -14.46 9.36 11.13
CA ILE H 287 -14.63 9.62 9.70
C ILE H 287 -14.32 8.39 8.83
N ASN H 288 -14.77 8.44 7.57
CA ASN H 288 -14.64 7.31 6.64
C ASN H 288 -13.91 7.71 5.35
N GLY H 289 -12.62 7.36 5.27
CA GLY H 289 -11.80 7.66 4.10
C GLY H 289 -10.42 8.16 4.47
N ILE H 293 -5.61 11.60 2.07
CA ILE H 293 -4.93 12.56 2.94
C ILE H 293 -3.69 13.07 2.23
N ASN H 294 -3.90 13.94 1.25
CA ASN H 294 -2.83 14.43 0.37
C ASN H 294 -2.77 15.96 0.24
N ASN H 295 -3.37 16.65 1.21
CA ASN H 295 -3.29 18.11 1.31
C ASN H 295 -1.88 18.54 1.69
N GLU H 296 -1.19 19.23 0.78
CA GLU H 296 0.22 19.59 0.96
C GLU H 296 0.50 20.41 2.22
N GLN H 297 -0.44 21.27 2.61
CA GLN H 297 -0.31 22.07 3.83
C GLN H 297 -0.59 21.25 5.10
N LEU H 298 -1.35 20.17 4.95
CA LEU H 298 -1.67 19.27 6.05
C LEU H 298 -0.52 18.30 6.32
N ILE H 299 0.13 17.83 5.26
CA ILE H 299 1.35 17.04 5.37
C ILE H 299 2.46 17.91 5.95
N ALA H 300 2.46 19.19 5.55
CA ALA H 300 3.43 20.16 6.03
C ALA H 300 3.37 20.34 7.55
N LYS H 301 2.16 20.34 8.10
CA LYS H 301 1.99 20.51 9.54
C LYS H 301 2.32 19.23 10.30
N PHE H 302 1.96 18.09 9.71
CA PHE H 302 2.26 16.79 10.31
C PHE H 302 3.76 16.59 10.50
N LEU H 303 4.55 16.91 9.47
CA LEU H 303 6.01 16.83 9.53
C LEU H 303 6.63 17.66 10.66
N GLU H 304 6.10 18.86 10.86
CA GLU H 304 6.55 19.75 11.93
C GLU H 304 6.27 19.15 13.31
N PHE H 305 5.14 18.46 13.44
CA PHE H 305 4.78 17.75 14.66
C PHE H 305 5.61 16.48 14.85
N ILE H 306 6.12 15.90 13.76
CA ILE H 306 7.04 14.77 13.84
C ILE H 306 8.34 15.22 14.52
N ASN H 307 8.70 16.48 14.29
CA ASN H 307 9.90 17.07 14.87
C ASN H 307 9.75 17.41 16.35
N LEU H 308 8.61 18.01 16.70
CA LEU H 308 8.30 18.26 18.11
C LEU H 308 8.33 16.98 18.91
N THR H 309 7.78 15.92 18.33
CA THR H 309 7.62 14.64 19.02
C THR H 309 8.94 13.92 19.23
N THR H 310 9.77 13.88 18.19
CA THR H 310 11.08 13.22 18.24
C THR H 310 12.02 13.86 19.25
N SER H 311 11.94 15.18 19.39
CA SER H 311 12.73 15.94 20.35
C SER H 311 12.37 15.60 21.81
N THR H 312 11.16 15.07 22.01
CA THR H 312 10.72 14.58 23.32
C THR H 312 11.13 13.12 23.52
N GLY H 313 11.69 12.50 22.46
CA GLY H 313 12.10 11.09 22.51
C GLY H 313 10.97 10.10 22.35
N ASN H 314 9.82 10.57 21.87
CA ASN H 314 8.65 9.73 21.66
C ASN H 314 8.57 9.20 20.22
N PHE H 315 9.34 8.15 19.93
CA PHE H 315 9.42 7.57 18.59
C PHE H 315 8.19 6.77 18.21
N GLU H 316 7.50 6.23 19.21
CA GLU H 316 6.28 5.44 18.99
C GLU H 316 5.17 6.32 18.45
N LEU H 317 5.05 7.52 19.02
CA LEU H 317 4.08 8.51 18.57
C LEU H 317 4.47 9.13 17.22
N ALA H 318 5.78 9.24 16.97
CA ALA H 318 6.30 9.81 15.74
C ALA H 318 6.04 8.89 14.53
N THR H 319 6.29 7.60 14.74
CA THR H 319 6.08 6.58 13.71
C THR H 319 4.59 6.48 13.34
N GLU H 320 3.74 6.47 14.36
CA GLU H 320 2.30 6.35 14.18
C GLU H 320 1.73 7.47 13.30
N PHE H 321 2.24 8.68 13.50
CA PHE H 321 1.83 9.84 12.69
C PHE H 321 2.43 9.84 11.29
N LEU H 322 3.69 9.40 11.17
CA LEU H 322 4.36 9.27 9.88
C LEU H 322 3.65 8.25 8.98
N ASN H 323 3.08 7.22 9.58
CA ASN H 323 2.34 6.18 8.87
C ASN H 323 1.03 6.68 8.26
N SER H 324 0.47 7.75 8.83
CA SER H 324 -0.76 8.38 8.31
C SER H 324 -0.56 9.08 6.97
N LEU H 325 0.69 9.42 6.68
CA LEU H 325 1.04 10.17 5.46
C LEU H 325 1.33 9.24 4.29
N PRO H 326 1.15 9.72 3.05
CA PRO H 326 1.51 8.96 1.85
C PRO H 326 3.02 8.71 1.77
N SER H 327 3.41 7.45 1.63
CA SER H 327 4.82 7.07 1.56
C SER H 327 5.39 7.28 0.16
N ASP H 328 5.30 8.52 -0.32
CA ASP H 328 5.79 8.89 -1.66
C ASP H 328 6.83 10.01 -1.56
N ASN H 329 6.68 10.85 -0.54
CA ASN H 329 7.62 11.94 -0.27
C ASN H 329 8.94 11.45 0.31
N GLU H 330 10.05 11.94 -0.24
CA GLU H 330 11.40 11.56 0.20
C GLU H 330 11.69 11.95 1.65
N GLU H 331 11.18 13.09 2.09
CA GLU H 331 11.36 13.54 3.47
C GLU H 331 10.66 12.61 4.45
N VAL H 332 9.43 12.21 4.10
CA VAL H 332 8.66 11.23 4.88
C VAL H 332 9.38 9.88 4.87
N LYS H 333 9.87 9.49 3.69
CA LYS H 333 10.63 8.26 3.52
C LYS H 333 11.88 8.25 4.41
N THR H 334 12.56 9.39 4.50
CA THR H 334 13.76 9.53 5.31
C THR H 334 13.43 9.63 6.79
N GLU H 335 12.36 10.35 7.12
CA GLU H 335 11.90 10.49 8.50
C GLU H 335 11.49 9.14 9.11
N LYS H 336 10.86 8.31 8.29
CA LYS H 336 10.54 6.94 8.69
C LYS H 336 11.81 6.14 9.00
N ALA H 337 12.80 6.28 8.12
CA ALA H 337 14.11 5.63 8.30
C ALA H 337 14.88 6.20 9.50
N ARG H 338 14.78 7.51 9.70
CA ARG H 338 15.50 8.19 10.79
C ARG H 338 14.93 7.84 12.16
N VAL H 339 13.62 7.62 12.21
CA VAL H 339 12.94 7.17 13.44
C VAL H 339 13.07 5.66 13.62
N LEU H 340 13.23 4.93 12.51
CA LEU H 340 13.38 3.47 12.55
C LEU H 340 14.69 3.05 13.20
N ILE H 341 15.78 3.72 12.79
CA ILE H 341 17.12 3.41 13.30
C ILE H 341 17.32 3.94 14.73
N ALA H 342 16.84 5.16 14.98
CA ALA H 342 17.08 5.85 16.25
C ALA H 342 16.42 5.19 17.47
N SER H 343 15.33 4.47 17.25
CA SER H 343 14.61 3.80 18.34
C SER H 343 15.15 2.40 18.62
N GLY H 344 14.88 1.47 17.70
CA GLY H 344 15.33 0.08 17.83
C GLY H 344 16.82 -0.08 17.56
#